data_1L9N
#
_entry.id   1L9N
#
_cell.length_a   57.488
_cell.length_b   116.537
_cell.length_c   60.768
_cell.angle_alpha   93.23
_cell.angle_beta   92.99
_cell.angle_gamma   89.51
#
_symmetry.space_group_name_H-M   'P 1'
#
loop_
_entity.id
_entity.type
_entity.pdbx_description
1 polymer 'Protein-glutamine glutamyltransferase E3'
2 non-polymer 2-O-octyl-beta-D-glucopyranose
3 non-polymer 'CALCIUM ION'
4 non-polymer 'CHLORIDE ION'
5 water water
#
_entity_poly.entity_id   1
_entity_poly.type   'polypeptide(L)'
_entity_poly.pdbx_seq_one_letter_code
;AALGVQSINWQTAFNRQAHHTDKFSSQELILRRGQNFQVLMIMNKGLGSNERLEFIVSTGPYPSESAMTKAVFPLSNGSS
GGWSAVLQASNGNTLTISISSPASAPIGRYTMALQIFSQGGISSVKLGTFILLFNPWLNVDSVFMGNHAEREEYVQEDAG
IIFVGSTNRIGMIGWNFGQFEEDILSICLSILDRSLNFRRDAATDVASRNDPKYVGRVLSAMINSNDDNGVLAGNWSGTY
TGGRDPRSWDGSVEILKNWKKSGLSPVRYGQCWVFAGTLNTALRSLGIPSRVITNFNSAHDTDRNLSVDVYYDPMGNPLD
KGSDSVWNFHVWNEGWFVRSDLGPSYGGWQVLDATPQERSQGVFQCGPASVIGVREGDVQLNFDMPFIFAEVNADRITWL
YDNTTGKQWKNSVNSHTIGRYISTKAVGSNARMDVTDKYKYPEGSDQERQVFQKALGKLKPNTPFAATSSMGLETEEQEP
SIIGKLKVAGMLAVGKEVNLVLLLKNLSRDTKTVTVNMTAWTIIYNGTLVHEVWKDSATMSLDPEEEAEHPIKISYAQYE
RYLKSDNMIRITAVCKVPDESEVVVERDIILDNPTLTLEVLNEARVRKPVNVQMLFSNPLDEPVRDCVLMVEGSGLLLGN
LKIDVPTLGPKERSRVRFDILPSRSGTKQLLADFSCNKFPAIKAMLSIDVAE
;
_entity_poly.pdbx_strand_id   A,B
#
# COMPACT_ATOMS: atom_id res chain seq x y z
N ALA A 1 23.43 25.58 -18.58
CA ALA A 1 22.23 24.68 -18.46
C ALA A 1 22.52 23.49 -17.56
N ALA A 2 21.67 23.29 -16.56
CA ALA A 2 21.84 22.18 -15.61
C ALA A 2 22.01 20.84 -16.28
N LEU A 3 22.80 19.97 -15.67
CA LEU A 3 23.03 18.64 -16.22
C LEU A 3 21.70 17.89 -16.29
N GLY A 4 21.54 17.07 -17.33
CA GLY A 4 20.31 16.34 -17.48
C GLY A 4 20.44 15.18 -18.45
N VAL A 5 19.47 14.27 -18.42
CA VAL A 5 19.48 13.12 -19.30
C VAL A 5 18.63 13.40 -20.52
N GLN A 6 19.15 13.06 -21.69
CA GLN A 6 18.42 13.27 -22.93
C GLN A 6 17.79 11.93 -23.34
N SER A 7 18.55 10.85 -23.16
CA SER A 7 18.06 9.52 -23.50
C SER A 7 18.98 8.44 -22.94
N ILE A 8 18.48 7.21 -22.95
CA ILE A 8 19.25 6.08 -22.44
C ILE A 8 19.12 4.88 -23.37
N ASN A 9 20.26 4.26 -23.65
CA ASN A 9 20.31 3.09 -24.52
C ASN A 9 20.54 1.91 -23.59
N TRP A 10 19.51 1.09 -23.39
CA TRP A 10 19.63 -0.06 -22.51
C TRP A 10 20.40 -1.23 -23.10
N GLN A 11 20.74 -1.14 -24.38
CA GLN A 11 21.48 -2.22 -25.06
C GLN A 11 20.91 -3.57 -24.63
N THR A 12 19.60 -3.68 -24.74
CA THR A 12 18.85 -4.87 -24.34
C THR A 12 19.32 -6.18 -24.99
N ALA A 13 19.47 -6.19 -26.30
CA ALA A 13 19.92 -7.40 -26.99
C ALA A 13 21.24 -7.86 -26.39
N PHE A 14 22.20 -6.95 -26.32
CA PHE A 14 23.52 -7.25 -25.78
C PHE A 14 23.48 -7.80 -24.35
N ASN A 15 22.80 -7.11 -23.45
CA ASN A 15 22.73 -7.55 -22.07
C ASN A 15 21.94 -8.84 -21.87
N ARG A 16 20.77 -8.94 -22.48
CA ARG A 16 19.96 -10.15 -22.32
C ARG A 16 20.71 -11.36 -22.84
N GLN A 17 21.51 -11.13 -23.89
CA GLN A 17 22.30 -12.20 -24.47
C GLN A 17 23.36 -12.64 -23.44
N ALA A 18 24.04 -11.67 -22.85
CA ALA A 18 25.07 -11.97 -21.86
C ALA A 18 24.47 -12.55 -20.58
N HIS A 19 23.24 -12.12 -20.27
CA HIS A 19 22.56 -12.61 -19.06
C HIS A 19 21.74 -13.89 -19.26
N HIS A 20 21.81 -14.46 -20.46
CA HIS A 20 21.10 -15.70 -20.75
C HIS A 20 19.59 -15.57 -20.53
N THR A 21 19.04 -14.44 -20.94
CA THR A 21 17.61 -14.18 -20.79
C THR A 21 17.02 -13.80 -22.14
N ASP A 22 17.80 -14.03 -23.20
CA ASP A 22 17.36 -13.66 -24.55
C ASP A 22 16.23 -14.51 -25.15
N LYS A 23 15.94 -15.66 -24.55
CA LYS A 23 14.88 -16.51 -25.10
C LYS A 23 13.46 -16.05 -24.81
N PHE A 24 13.27 -15.32 -23.72
CA PHE A 24 11.93 -14.82 -23.39
C PHE A 24 11.43 -13.92 -24.53
N SER A 25 10.21 -14.16 -24.99
CA SER A 25 9.66 -13.40 -26.09
C SER A 25 9.47 -11.93 -25.76
N SER A 26 9.52 -11.58 -24.49
CA SER A 26 9.36 -10.20 -24.06
C SER A 26 10.33 -9.21 -24.72
N GLN A 27 9.96 -7.94 -24.72
CA GLN A 27 10.81 -6.90 -25.28
C GLN A 27 11.47 -6.16 -24.12
N GLU A 28 11.09 -6.54 -22.90
CA GLU A 28 11.62 -5.93 -21.69
C GLU A 28 13.09 -6.27 -21.44
N LEU A 29 13.72 -5.46 -20.61
CA LEU A 29 15.10 -5.70 -20.23
C LEU A 29 15.02 -6.73 -19.12
N ILE A 30 15.47 -7.94 -19.40
CA ILE A 30 15.43 -9.01 -18.42
C ILE A 30 16.85 -9.37 -18.03
N LEU A 31 17.16 -9.20 -16.75
CA LEU A 31 18.49 -9.47 -16.23
C LEU A 31 18.50 -10.47 -15.07
N ARG A 32 19.69 -10.90 -14.68
CA ARG A 32 19.88 -11.83 -13.57
C ARG A 32 20.80 -11.16 -12.55
N ARG A 33 20.42 -11.23 -11.29
CA ARG A 33 21.17 -10.58 -10.22
C ARG A 33 22.65 -11.00 -10.13
N GLY A 34 23.46 -10.10 -9.56
CA GLY A 34 24.87 -10.36 -9.36
C GLY A 34 25.74 -10.33 -10.58
N GLN A 35 25.21 -9.83 -11.70
CA GLN A 35 25.97 -9.76 -12.94
C GLN A 35 25.81 -8.36 -13.56
N ASN A 36 26.92 -7.81 -14.03
CA ASN A 36 26.92 -6.49 -14.63
C ASN A 36 26.19 -6.42 -15.96
N PHE A 37 25.63 -5.23 -16.24
CA PHE A 37 24.98 -4.97 -17.51
C PHE A 37 25.42 -3.56 -17.87
N GLN A 38 25.52 -3.28 -19.16
CA GLN A 38 26.02 -1.99 -19.61
C GLN A 38 24.97 -1.12 -20.27
N VAL A 39 24.96 0.16 -19.94
CA VAL A 39 24.01 1.08 -20.52
C VAL A 39 24.72 2.34 -21.01
N LEU A 40 24.11 2.99 -22.00
CA LEU A 40 24.64 4.22 -22.57
C LEU A 40 23.68 5.33 -22.22
N MET A 41 24.18 6.33 -21.51
CA MET A 41 23.36 7.45 -21.10
C MET A 41 23.81 8.73 -21.78
N ILE A 42 22.96 9.24 -22.66
CA ILE A 42 23.25 10.46 -23.39
C ILE A 42 22.80 11.67 -22.58
N MET A 43 23.76 12.45 -22.07
CA MET A 43 23.44 13.63 -21.30
C MET A 43 23.38 14.85 -22.22
N ASN A 44 22.91 15.98 -21.69
CA ASN A 44 22.81 17.21 -22.47
C ASN A 44 24.12 18.01 -22.44
N LYS A 45 25.10 17.51 -21.68
CA LYS A 45 26.39 18.16 -21.55
C LYS A 45 27.39 17.23 -20.87
N GLY A 46 28.64 17.69 -20.76
CA GLY A 46 29.67 16.89 -20.13
C GLY A 46 29.60 16.86 -18.62
N LEU A 47 29.81 15.68 -18.06
CA LEU A 47 29.78 15.49 -16.61
C LEU A 47 30.69 16.54 -15.97
N GLY A 48 30.11 17.44 -15.20
CA GLY A 48 30.90 18.48 -14.56
C GLY A 48 31.64 18.00 -13.33
N SER A 49 32.76 18.64 -13.03
CA SER A 49 33.56 18.26 -11.87
C SER A 49 32.77 18.39 -10.57
N ASN A 50 31.87 19.37 -10.53
CA ASN A 50 31.05 19.59 -9.33
C ASN A 50 29.61 19.09 -9.48
N GLU A 51 29.41 18.10 -10.33
CA GLU A 51 28.08 17.53 -10.52
C GLU A 51 28.14 16.08 -10.07
N ARG A 52 26.98 15.49 -9.78
CA ARG A 52 26.96 14.11 -9.30
C ARG A 52 25.69 13.35 -9.68
N LEU A 53 25.86 12.11 -10.11
CA LEU A 53 24.74 11.28 -10.50
C LEU A 53 24.57 10.14 -9.51
N GLU A 54 23.35 9.97 -9.02
CA GLU A 54 23.03 8.91 -8.07
C GLU A 54 21.93 8.04 -8.67
N PHE A 55 22.24 6.76 -8.87
CA PHE A 55 21.25 5.83 -9.42
C PHE A 55 20.37 5.29 -8.31
N ILE A 56 19.07 5.19 -8.60
CA ILE A 56 18.11 4.68 -7.63
C ILE A 56 17.28 3.55 -8.22
N VAL A 57 17.38 2.36 -7.60
CA VAL A 57 16.62 1.21 -8.05
C VAL A 57 15.74 0.75 -6.90
N SER A 58 14.52 0.31 -7.22
CA SER A 58 13.61 -0.13 -6.18
C SER A 58 12.56 -1.10 -6.72
N THR A 59 12.12 -2.02 -5.86
CA THR A 59 11.10 -3.00 -6.24
C THR A 59 10.07 -3.15 -5.14
N GLY A 60 8.81 -3.37 -5.53
CA GLY A 60 7.76 -3.54 -4.56
C GLY A 60 7.06 -2.23 -4.23
N PRO A 61 5.95 -2.28 -3.47
CA PRO A 61 5.21 -1.06 -3.11
C PRO A 61 5.77 -0.27 -1.93
N TYR A 62 6.76 -0.83 -1.24
CA TYR A 62 7.36 -0.16 -0.08
C TYR A 62 8.88 -0.33 -0.06
N PRO A 63 9.57 0.16 -1.11
CA PRO A 63 11.03 0.06 -1.23
C PRO A 63 11.77 0.77 -0.10
N SER A 64 12.75 0.08 0.49
CA SER A 64 13.55 0.66 1.55
C SER A 64 14.94 0.07 1.49
N GLU A 65 15.94 0.90 1.77
CA GLU A 65 17.31 0.45 1.73
C GLU A 65 17.61 -0.63 2.77
N SER A 66 16.98 -0.52 3.94
CA SER A 66 17.20 -1.50 4.99
C SER A 66 16.71 -2.89 4.62
N ALA A 67 15.65 -2.95 3.81
CA ALA A 67 15.10 -4.24 3.38
C ALA A 67 15.75 -4.73 2.09
N MET A 68 16.66 -3.93 1.53
CA MET A 68 17.35 -4.29 0.29
C MET A 68 16.41 -4.19 -0.91
N THR A 69 15.22 -3.63 -0.72
CA THR A 69 14.28 -3.49 -1.82
C THR A 69 14.46 -2.13 -2.49
N LYS A 70 15.54 -1.46 -2.11
CA LYS A 70 15.89 -0.14 -2.66
C LYS A 70 17.37 0.10 -2.42
N ALA A 71 18.05 0.66 -3.41
CA ALA A 71 19.47 0.97 -3.31
C ALA A 71 19.77 2.26 -4.06
N VAL A 72 20.66 3.07 -3.47
CA VAL A 72 21.08 4.33 -4.05
C VAL A 72 22.59 4.26 -4.15
N PHE A 73 23.12 4.39 -5.35
CA PHE A 73 24.55 4.30 -5.55
C PHE A 73 25.03 5.34 -6.56
N PRO A 74 26.20 5.95 -6.29
CA PRO A 74 26.77 6.97 -7.18
C PRO A 74 27.56 6.41 -8.34
N LEU A 75 27.60 7.18 -9.42
CA LEU A 75 28.37 6.79 -10.58
C LEU A 75 29.80 6.97 -10.11
N SER A 76 30.44 5.88 -9.70
CA SER A 76 31.81 5.93 -9.19
C SER A 76 32.56 4.61 -9.38
N ASN A 77 33.67 4.66 -10.10
CA ASN A 77 34.52 3.49 -10.39
C ASN A 77 34.58 2.50 -9.22
N GLY A 78 34.85 1.24 -9.54
CA GLY A 78 34.94 0.23 -8.51
C GLY A 78 33.59 -0.36 -8.19
N SER A 79 33.57 -1.59 -7.67
CA SER A 79 32.33 -2.25 -7.32
C SER A 79 32.20 -2.45 -5.81
N SER A 80 31.10 -1.97 -5.24
CA SER A 80 30.87 -2.11 -3.81
C SER A 80 30.50 -3.55 -3.49
N GLY A 81 30.28 -4.34 -4.55
CA GLY A 81 29.90 -5.73 -4.37
C GLY A 81 28.40 -5.87 -4.54
N GLY A 82 27.67 -4.91 -3.96
CA GLY A 82 26.23 -4.90 -4.08
C GLY A 82 25.92 -4.06 -5.30
N TRP A 83 25.01 -3.10 -5.16
CA TRP A 83 24.66 -2.25 -6.28
C TRP A 83 25.76 -1.22 -6.52
N SER A 84 26.12 -1.00 -7.79
CA SER A 84 27.15 -0.04 -8.12
C SER A 84 27.09 0.38 -9.58
N ALA A 85 27.77 1.48 -9.90
CA ALA A 85 27.81 2.00 -11.27
C ALA A 85 29.20 2.55 -11.56
N VAL A 86 29.81 2.08 -12.65
CA VAL A 86 31.14 2.52 -13.02
C VAL A 86 31.15 3.25 -14.35
N LEU A 87 31.81 4.40 -14.40
CA LEU A 87 31.91 5.15 -15.63
C LEU A 87 33.07 4.52 -16.42
N GLN A 88 32.72 3.73 -17.43
CA GLN A 88 33.73 3.05 -18.23
C GLN A 88 34.33 3.95 -19.29
N ALA A 89 33.54 4.88 -19.80
CA ALA A 89 34.03 5.79 -20.84
C ALA A 89 33.08 6.96 -21.10
N SER A 90 33.66 8.05 -21.62
CA SER A 90 32.89 9.25 -21.94
C SER A 90 33.24 9.69 -23.36
N ASN A 91 32.23 9.78 -24.22
CA ASN A 91 32.43 10.22 -25.59
C ASN A 91 31.39 11.29 -25.86
N GLY A 92 31.83 12.54 -25.93
CA GLY A 92 30.89 13.62 -26.14
C GLY A 92 30.09 13.73 -24.87
N ASN A 93 28.76 13.72 -24.98
CA ASN A 93 27.90 13.79 -23.80
C ASN A 93 27.33 12.42 -23.45
N THR A 94 27.88 11.39 -24.09
CA THR A 94 27.43 10.02 -23.86
C THR A 94 28.30 9.29 -22.84
N LEU A 95 27.67 8.71 -21.84
CA LEU A 95 28.39 8.01 -20.80
C LEU A 95 28.17 6.50 -20.88
N THR A 96 29.26 5.75 -21.01
CA THR A 96 29.18 4.29 -21.04
C THR A 96 29.29 3.89 -19.58
N ILE A 97 28.22 3.33 -19.05
CA ILE A 97 28.16 2.94 -17.64
C ILE A 97 27.88 1.45 -17.42
N SER A 98 28.63 0.86 -16.50
CA SER A 98 28.44 -0.54 -16.16
C SER A 98 27.75 -0.57 -14.80
N ILE A 99 26.56 -1.17 -14.75
CA ILE A 99 25.82 -1.26 -13.51
C ILE A 99 25.92 -2.66 -12.95
N SER A 100 26.09 -2.74 -11.64
CA SER A 100 26.22 -4.03 -10.95
C SER A 100 25.15 -4.18 -9.86
N SER A 101 24.71 -5.41 -9.63
CA SER A 101 23.69 -5.69 -8.62
C SER A 101 24.22 -6.79 -7.71
N PRO A 102 23.76 -6.82 -6.45
CA PRO A 102 24.25 -7.87 -5.54
C PRO A 102 23.66 -9.25 -5.84
N ALA A 103 24.45 -10.28 -5.58
CA ALA A 103 24.03 -11.65 -5.81
C ALA A 103 22.85 -12.04 -4.92
N SER A 104 22.63 -11.28 -3.86
CA SER A 104 21.54 -11.55 -2.94
C SER A 104 20.38 -10.57 -3.08
N ALA A 105 20.27 -9.91 -4.21
CA ALA A 105 19.17 -8.96 -4.42
C ALA A 105 17.84 -9.68 -4.60
N PRO A 106 16.73 -9.06 -4.15
CA PRO A 106 15.42 -9.70 -4.30
C PRO A 106 15.10 -9.74 -5.79
N ILE A 107 14.45 -10.80 -6.26
CA ILE A 107 14.11 -10.87 -7.68
C ILE A 107 12.79 -10.14 -7.93
N GLY A 108 12.49 -9.88 -9.20
CA GLY A 108 11.25 -9.21 -9.53
C GLY A 108 11.39 -7.99 -10.43
N ARG A 109 10.33 -7.19 -10.50
CA ARG A 109 10.32 -6.00 -11.32
C ARG A 109 10.88 -4.81 -10.54
N TYR A 110 11.83 -4.11 -11.16
CA TYR A 110 12.47 -2.95 -10.56
C TYR A 110 12.25 -1.71 -11.40
N THR A 111 12.36 -0.54 -10.76
CA THR A 111 12.26 0.74 -11.46
C THR A 111 13.62 1.39 -11.23
N MET A 112 14.12 2.11 -12.21
CA MET A 112 15.41 2.78 -12.05
C MET A 112 15.21 4.27 -12.31
N ALA A 113 15.74 5.07 -11.39
CA ALA A 113 15.64 6.52 -11.51
C ALA A 113 17.03 7.13 -11.35
N LEU A 114 17.18 8.37 -11.82
CA LEU A 114 18.46 9.04 -11.73
C LEU A 114 18.34 10.36 -10.98
N GLN A 115 19.14 10.52 -9.93
CA GLN A 115 19.12 11.75 -9.16
C GLN A 115 20.33 12.53 -9.65
N ILE A 116 20.11 13.80 -9.98
CA ILE A 116 21.19 14.65 -10.49
C ILE A 116 21.45 15.89 -9.65
N PHE A 117 22.69 16.04 -9.25
CA PHE A 117 23.13 17.19 -8.47
C PHE A 117 23.89 18.11 -9.42
N SER A 118 23.29 19.25 -9.74
CA SER A 118 23.93 20.20 -10.65
C SER A 118 23.51 21.64 -10.40
N GLN A 119 24.50 22.53 -10.41
CA GLN A 119 24.28 23.96 -10.21
C GLN A 119 23.51 24.33 -8.96
N GLY A 120 23.91 23.77 -7.83
CA GLY A 120 23.27 24.09 -6.57
C GLY A 120 21.87 23.54 -6.42
N GLY A 121 21.43 22.75 -7.39
CA GLY A 121 20.10 22.17 -7.34
C GLY A 121 20.13 20.66 -7.48
N ILE A 122 18.94 20.06 -7.40
CA ILE A 122 18.81 18.61 -7.54
C ILE A 122 17.62 18.30 -8.42
N SER A 123 17.77 17.30 -9.28
CA SER A 123 16.69 16.89 -10.15
C SER A 123 16.59 15.37 -10.11
N SER A 124 15.40 14.85 -10.41
CA SER A 124 15.20 13.42 -10.41
C SER A 124 14.31 13.01 -11.59
N VAL A 125 14.71 11.95 -12.29
CA VAL A 125 13.95 11.46 -13.42
C VAL A 125 13.96 9.93 -13.48
N LYS A 126 12.87 9.36 -13.98
CA LYS A 126 12.78 7.92 -14.10
C LYS A 126 13.47 7.49 -15.39
N LEU A 127 14.36 6.51 -15.29
CA LEU A 127 15.07 6.03 -16.47
C LEU A 127 14.26 4.92 -17.15
N GLY A 128 13.66 4.05 -16.35
CA GLY A 128 12.87 2.98 -16.90
C GLY A 128 12.75 1.82 -15.93
N THR A 129 12.32 0.67 -16.44
CA THR A 129 12.16 -0.50 -15.59
C THR A 129 12.88 -1.71 -16.17
N PHE A 130 13.12 -2.70 -15.31
CA PHE A 130 13.76 -3.92 -15.73
C PHE A 130 13.35 -5.06 -14.80
N ILE A 131 13.57 -6.29 -15.25
CA ILE A 131 13.26 -7.47 -14.47
C ILE A 131 14.56 -8.13 -14.04
N LEU A 132 14.62 -8.53 -12.78
CA LEU A 132 15.83 -9.17 -12.26
C LEU A 132 15.48 -10.57 -11.77
N LEU A 133 16.21 -11.58 -12.22
CA LEU A 133 15.96 -12.96 -11.85
C LEU A 133 17.12 -13.63 -11.11
N PHE A 134 16.91 -14.87 -10.69
CA PHE A 134 17.96 -15.64 -10.01
C PHE A 134 19.02 -15.91 -11.07
N ASN A 135 20.26 -16.17 -10.65
CA ASN A 135 21.34 -16.39 -11.60
C ASN A 135 22.07 -17.73 -11.44
N PRO A 136 21.56 -18.79 -12.08
CA PRO A 136 22.13 -20.15 -12.03
C PRO A 136 23.57 -20.23 -12.57
N TRP A 137 24.00 -19.18 -13.26
CA TRP A 137 25.34 -19.12 -13.84
C TRP A 137 26.38 -18.52 -12.90
N LEU A 138 25.91 -17.86 -11.84
CA LEU A 138 26.77 -17.17 -10.87
C LEU A 138 27.19 -18.03 -9.67
N ASN A 139 28.47 -18.33 -9.56
CA ASN A 139 28.96 -19.17 -8.46
C ASN A 139 28.48 -18.78 -7.04
N VAL A 140 28.39 -17.48 -6.73
CA VAL A 140 27.96 -17.07 -5.39
C VAL A 140 26.45 -17.03 -5.19
N ASP A 141 25.68 -17.17 -6.26
CA ASP A 141 24.23 -17.17 -6.12
C ASP A 141 23.81 -18.52 -5.54
N SER A 142 22.82 -18.50 -4.67
CA SER A 142 22.35 -19.72 -4.02
C SER A 142 21.81 -20.77 -4.99
N VAL A 143 21.30 -20.34 -6.14
CA VAL A 143 20.75 -21.28 -7.12
C VAL A 143 21.80 -21.74 -8.12
N PHE A 144 23.06 -21.38 -7.88
CA PHE A 144 24.15 -21.74 -8.78
C PHE A 144 24.20 -23.22 -9.17
N MET A 145 24.29 -23.45 -10.48
CA MET A 145 24.38 -24.79 -11.04
C MET A 145 25.55 -24.72 -12.03
N GLY A 146 26.67 -25.28 -11.61
CA GLY A 146 27.88 -25.24 -12.42
C GLY A 146 27.94 -25.97 -13.74
N ASN A 147 27.38 -27.17 -13.81
CA ASN A 147 27.44 -27.95 -15.04
C ASN A 147 26.58 -27.32 -16.13
N HIS A 148 27.18 -27.18 -17.31
CA HIS A 148 26.51 -26.58 -18.46
C HIS A 148 25.29 -27.37 -18.96
N ALA A 149 25.48 -28.64 -19.25
CA ALA A 149 24.39 -29.47 -19.76
C ALA A 149 23.16 -29.48 -18.84
N GLU A 150 23.38 -29.65 -17.55
CA GLU A 150 22.30 -29.69 -16.58
C GLU A 150 21.56 -28.37 -16.48
N ARG A 151 22.32 -27.28 -16.45
CA ARG A 151 21.72 -25.95 -16.36
C ARG A 151 20.82 -25.68 -17.57
N GLU A 152 21.24 -26.16 -18.74
CA GLU A 152 20.44 -25.95 -19.95
C GLU A 152 19.13 -26.68 -19.84
N GLU A 153 19.18 -27.92 -19.34
CA GLU A 153 18.00 -28.74 -19.19
C GLU A 153 17.06 -28.20 -18.12
N TYR A 154 17.62 -27.94 -16.95
CA TYR A 154 16.85 -27.48 -15.80
C TYR A 154 16.46 -26.02 -15.76
N VAL A 155 16.99 -25.20 -16.67
CA VAL A 155 16.65 -23.80 -16.71
C VAL A 155 16.14 -23.36 -18.08
N GLN A 156 16.91 -23.67 -19.12
CA GLN A 156 16.60 -23.25 -20.49
C GLN A 156 15.67 -24.10 -21.35
N GLU A 157 15.41 -25.35 -20.95
CA GLU A 157 14.54 -26.23 -21.72
C GLU A 157 13.05 -25.99 -21.45
N ASP A 158 12.27 -25.73 -22.50
CA ASP A 158 10.85 -25.49 -22.34
C ASP A 158 9.96 -26.67 -22.78
N ALA A 159 10.58 -27.77 -23.17
CA ALA A 159 9.84 -28.96 -23.57
C ALA A 159 10.24 -30.04 -22.57
N GLY A 160 9.26 -30.73 -22.01
CA GLY A 160 9.58 -31.75 -21.04
C GLY A 160 8.83 -33.06 -21.17
N ILE A 161 9.18 -33.98 -20.27
CA ILE A 161 8.60 -35.30 -20.20
C ILE A 161 8.26 -35.58 -18.73
N ILE A 162 7.05 -36.07 -18.47
CA ILE A 162 6.66 -36.41 -17.11
C ILE A 162 6.28 -37.88 -17.15
N PHE A 163 6.85 -38.67 -16.25
CA PHE A 163 6.52 -40.09 -16.22
C PHE A 163 5.25 -40.37 -15.44
N VAL A 164 4.45 -41.29 -15.96
CA VAL A 164 3.18 -41.65 -15.34
C VAL A 164 2.94 -43.15 -15.54
N GLY A 165 1.69 -43.57 -15.34
CA GLY A 165 1.35 -44.98 -15.51
C GLY A 165 1.29 -45.70 -14.18
N SER A 166 2.01 -46.81 -14.07
CA SER A 166 2.05 -47.62 -12.84
C SER A 166 3.40 -48.30 -12.78
N THR A 167 3.73 -48.86 -11.62
CA THR A 167 5.02 -49.54 -11.46
C THR A 167 5.19 -50.74 -12.37
N ASN A 168 4.08 -51.23 -12.92
CA ASN A 168 4.14 -52.39 -13.81
C ASN A 168 4.23 -51.99 -15.28
N ARG A 169 3.91 -50.73 -15.57
CA ARG A 169 3.97 -50.23 -16.93
C ARG A 169 4.12 -48.73 -16.86
N ILE A 170 5.36 -48.27 -16.80
CA ILE A 170 5.66 -46.85 -16.73
C ILE A 170 5.51 -46.20 -18.09
N GLY A 171 4.74 -45.11 -18.13
CA GLY A 171 4.54 -44.41 -19.37
C GLY A 171 5.08 -42.99 -19.26
N MET A 172 4.71 -42.15 -20.21
CA MET A 172 5.18 -40.77 -20.19
C MET A 172 4.33 -39.91 -21.08
N ILE A 173 4.17 -38.64 -20.70
CA ILE A 173 3.43 -37.70 -21.52
C ILE A 173 4.35 -36.53 -21.74
N GLY A 174 4.20 -35.86 -22.87
CA GLY A 174 5.03 -34.71 -23.15
C GLY A 174 4.39 -33.53 -22.45
N TRP A 175 5.18 -32.52 -22.10
CA TRP A 175 4.64 -31.34 -21.42
C TRP A 175 5.34 -30.08 -21.88
N ASN A 176 4.54 -29.11 -22.32
CA ASN A 176 5.08 -27.84 -22.77
C ASN A 176 5.16 -26.85 -21.61
N PHE A 177 6.37 -26.67 -21.08
CA PHE A 177 6.58 -25.74 -19.98
C PHE A 177 6.35 -24.32 -20.51
N GLY A 178 6.90 -24.02 -21.68
CA GLY A 178 6.72 -22.72 -22.28
C GLY A 178 7.06 -21.49 -21.45
N GLN A 179 8.14 -21.54 -20.69
CA GLN A 179 8.53 -20.39 -19.86
C GLN A 179 8.89 -19.14 -20.67
N PHE A 180 9.20 -19.33 -21.95
CA PHE A 180 9.59 -18.22 -22.82
C PHE A 180 8.43 -17.66 -23.65
N GLU A 181 7.27 -18.31 -23.59
CA GLU A 181 6.13 -17.85 -24.36
C GLU A 181 5.62 -16.51 -23.86
N GLU A 182 5.11 -15.72 -24.79
CA GLU A 182 4.62 -14.40 -24.48
C GLU A 182 3.77 -14.35 -23.21
N ASP A 183 4.12 -13.40 -22.35
CA ASP A 183 3.43 -13.15 -21.08
C ASP A 183 3.62 -14.17 -19.97
N ILE A 184 4.24 -15.30 -20.25
CA ILE A 184 4.43 -16.31 -19.22
C ILE A 184 5.32 -15.79 -18.08
N LEU A 185 6.43 -15.16 -18.44
CA LEU A 185 7.33 -14.62 -17.42
C LEU A 185 6.59 -13.59 -16.57
N SER A 186 5.83 -12.71 -17.22
CA SER A 186 5.08 -11.69 -16.52
C SER A 186 4.08 -12.31 -15.54
N ILE A 187 3.32 -13.28 -16.00
CA ILE A 187 2.33 -13.95 -15.15
C ILE A 187 2.97 -14.64 -13.96
N CYS A 188 4.07 -15.35 -14.19
CA CYS A 188 4.74 -16.04 -13.09
C CYS A 188 5.21 -15.03 -12.06
N LEU A 189 5.71 -13.90 -12.53
CA LEU A 189 6.17 -12.86 -11.62
C LEU A 189 4.99 -12.30 -10.83
N SER A 190 3.86 -12.06 -11.50
CA SER A 190 2.67 -11.52 -10.83
C SER A 190 2.10 -12.45 -9.75
N ILE A 191 2.46 -13.73 -9.81
CA ILE A 191 1.99 -14.68 -8.81
C ILE A 191 2.45 -14.27 -7.41
N LEU A 192 3.69 -13.77 -7.32
CA LEU A 192 4.26 -13.35 -6.05
C LEU A 192 3.52 -12.16 -5.45
N ASP A 193 2.91 -11.35 -6.29
CA ASP A 193 2.17 -10.16 -5.84
C ASP A 193 0.71 -10.53 -5.54
N ARG A 194 0.41 -11.82 -5.52
CA ARG A 194 -0.95 -12.32 -5.28
C ARG A 194 -1.01 -13.34 -4.16
N SER A 195 0.13 -13.64 -3.55
CA SER A 195 0.18 -14.65 -2.50
C SER A 195 -0.40 -14.18 -1.17
N LEU A 196 -0.56 -15.13 -0.25
CA LEU A 196 -1.08 -14.81 1.08
C LEU A 196 0.00 -14.01 1.78
N ASN A 197 1.26 -14.36 1.55
CA ASN A 197 2.39 -13.67 2.15
C ASN A 197 2.42 -12.20 1.78
N PHE A 198 2.25 -11.92 0.48
CA PHE A 198 2.27 -10.55 -0.02
C PHE A 198 1.13 -9.70 0.51
N ARG A 199 -0.06 -10.29 0.61
CA ARG A 199 -1.24 -9.60 1.10
C ARG A 199 -1.13 -9.34 2.59
N ARG A 200 -0.41 -10.22 3.28
CA ARG A 200 -0.21 -10.10 4.72
C ARG A 200 0.77 -8.98 5.01
N ASP A 201 1.89 -8.98 4.30
CA ASP A 201 2.92 -7.97 4.49
C ASP A 201 3.75 -7.87 3.21
N ALA A 202 3.36 -6.94 2.33
CA ALA A 202 4.04 -6.74 1.06
C ALA A 202 5.50 -6.31 1.20
N ALA A 203 5.79 -5.44 2.17
CA ALA A 203 7.16 -4.96 2.37
C ALA A 203 8.10 -6.12 2.70
N THR A 204 7.68 -6.97 3.63
CA THR A 204 8.47 -8.13 4.05
C THR A 204 8.57 -9.18 2.94
N ASP A 205 7.45 -9.45 2.29
CA ASP A 205 7.43 -10.43 1.22
C ASP A 205 8.45 -10.09 0.13
N VAL A 206 8.34 -8.89 -0.43
CA VAL A 206 9.27 -8.49 -1.49
C VAL A 206 10.72 -8.64 -1.07
N ALA A 207 11.02 -8.31 0.18
CA ALA A 207 12.40 -8.41 0.67
C ALA A 207 12.87 -9.87 0.75
N SER A 208 11.92 -10.78 0.96
CA SER A 208 12.23 -12.20 1.05
C SER A 208 12.43 -12.86 -0.31
N ARG A 209 12.11 -12.12 -1.37
CA ARG A 209 12.24 -12.60 -2.74
C ARG A 209 13.67 -12.78 -3.22
N ASN A 210 14.62 -12.64 -2.32
CA ASN A 210 16.02 -12.82 -2.66
C ASN A 210 16.38 -14.25 -2.27
N ASP A 211 15.38 -14.95 -1.74
CA ASP A 211 15.59 -16.31 -1.25
C ASP A 211 14.81 -17.38 -2.03
N PRO A 212 15.53 -18.30 -2.70
CA PRO A 212 14.85 -19.36 -3.45
C PRO A 212 13.99 -20.26 -2.56
N LYS A 213 14.37 -20.38 -1.30
CA LYS A 213 13.62 -21.21 -0.35
C LYS A 213 12.24 -20.56 -0.15
N TYR A 214 12.23 -19.24 -0.03
CA TYR A 214 10.99 -18.51 0.18
C TYR A 214 10.14 -18.49 -1.07
N VAL A 215 10.75 -18.17 -2.20
CA VAL A 215 10.03 -18.13 -3.47
C VAL A 215 9.47 -19.51 -3.79
N GLY A 216 10.28 -20.54 -3.58
CA GLY A 216 9.84 -21.89 -3.84
C GLY A 216 8.63 -22.28 -3.02
N ARG A 217 8.68 -22.03 -1.71
CA ARG A 217 7.56 -22.37 -0.85
C ARG A 217 6.29 -21.59 -1.23
N VAL A 218 6.44 -20.32 -1.58
CA VAL A 218 5.28 -19.52 -1.98
C VAL A 218 4.60 -20.14 -3.21
N LEU A 219 5.40 -20.46 -4.23
CA LEU A 219 4.85 -21.05 -5.45
C LEU A 219 4.16 -22.40 -5.21
N SER A 220 4.70 -23.22 -4.31
CA SER A 220 4.09 -24.52 -4.02
C SER A 220 2.70 -24.31 -3.42
N ALA A 221 2.44 -23.08 -2.99
CA ALA A 221 1.14 -22.74 -2.43
C ALA A 221 0.27 -22.06 -3.48
N MET A 222 0.85 -21.11 -4.21
CA MET A 222 0.09 -20.39 -5.22
C MET A 222 -0.29 -21.14 -6.50
N ILE A 223 0.35 -22.27 -6.77
CA ILE A 223 0.02 -23.02 -7.97
C ILE A 223 -1.34 -23.74 -7.81
N ASN A 224 -1.79 -23.91 -6.56
CA ASN A 224 -3.09 -24.54 -6.33
C ASN A 224 -4.03 -23.44 -5.81
N SER A 225 -5.27 -23.46 -6.28
CA SER A 225 -6.25 -22.42 -5.91
C SER A 225 -6.67 -22.47 -4.45
N ASN A 226 -6.31 -23.54 -3.75
CA ASN A 226 -6.66 -23.67 -2.34
C ASN A 226 -6.10 -22.51 -1.50
N ASP A 227 -6.93 -22.00 -0.59
CA ASP A 227 -6.56 -20.94 0.34
C ASP A 227 -6.17 -19.55 -0.17
N ASP A 228 -5.85 -19.42 -1.45
CA ASP A 228 -5.37 -18.12 -1.91
C ASP A 228 -5.74 -17.66 -3.31
N ASN A 229 -6.78 -18.23 -3.91
CA ASN A 229 -7.13 -17.85 -5.26
C ASN A 229 -5.95 -18.17 -6.18
N GLY A 230 -5.33 -19.31 -5.92
CA GLY A 230 -4.21 -19.74 -6.73
C GLY A 230 -4.62 -20.17 -8.13
N VAL A 231 -3.67 -20.73 -8.87
CA VAL A 231 -3.92 -21.16 -10.24
C VAL A 231 -4.84 -22.35 -10.51
N LEU A 232 -4.40 -23.54 -10.11
CA LEU A 232 -5.16 -24.78 -10.37
C LEU A 232 -6.06 -25.37 -9.30
N ALA A 233 -7.26 -25.75 -9.73
CA ALA A 233 -8.25 -26.38 -8.87
C ALA A 233 -8.12 -27.89 -9.10
N GLY A 234 -7.83 -28.63 -8.03
CA GLY A 234 -7.67 -30.06 -8.16
C GLY A 234 -8.98 -30.82 -8.21
N ASN A 235 -8.98 -31.97 -8.87
CA ASN A 235 -10.17 -32.80 -8.98
C ASN A 235 -9.77 -34.24 -9.30
N TRP A 236 -10.03 -35.15 -8.37
CA TRP A 236 -9.70 -36.56 -8.56
C TRP A 236 -10.97 -37.42 -8.48
N SER A 237 -12.10 -36.84 -8.84
CA SER A 237 -13.39 -37.52 -8.78
C SER A 237 -13.77 -38.37 -9.99
N GLY A 238 -13.10 -38.18 -11.11
CA GLY A 238 -13.44 -38.96 -12.29
C GLY A 238 -14.46 -38.22 -13.14
N THR A 239 -15.09 -37.19 -12.56
CA THR A 239 -16.07 -36.36 -13.25
C THR A 239 -15.58 -34.91 -13.26
N TYR A 240 -15.31 -34.38 -14.44
CA TYR A 240 -14.78 -33.03 -14.57
C TYR A 240 -15.67 -32.01 -15.24
N THR A 241 -16.95 -32.02 -14.87
CA THR A 241 -17.92 -31.09 -15.41
C THR A 241 -17.52 -29.69 -14.97
N GLY A 242 -17.69 -28.71 -15.86
CA GLY A 242 -17.35 -27.35 -15.51
C GLY A 242 -15.88 -27.01 -15.71
N GLY A 243 -15.15 -27.89 -16.37
CA GLY A 243 -13.74 -27.64 -16.61
C GLY A 243 -13.21 -28.66 -17.60
N ARG A 244 -11.90 -28.88 -17.59
CA ARG A 244 -11.30 -29.83 -18.51
C ARG A 244 -10.73 -31.03 -17.78
N ASP A 245 -10.85 -32.22 -18.40
CA ASP A 245 -10.31 -33.44 -17.83
C ASP A 245 -8.82 -33.17 -17.58
N PRO A 246 -8.36 -33.31 -16.33
CA PRO A 246 -6.95 -33.07 -16.00
C PRO A 246 -5.96 -33.67 -17.01
N ARG A 247 -6.35 -34.75 -17.67
CA ARG A 247 -5.45 -35.38 -18.63
C ARG A 247 -5.39 -34.76 -20.02
N SER A 248 -6.33 -33.87 -20.34
CA SER A 248 -6.32 -33.26 -21.66
C SER A 248 -5.26 -32.18 -21.85
N TRP A 249 -4.87 -31.51 -20.77
CA TRP A 249 -3.85 -30.46 -20.84
C TRP A 249 -2.56 -30.99 -21.45
N ASP A 250 -1.84 -30.12 -22.17
CA ASP A 250 -0.56 -30.47 -22.78
C ASP A 250 0.60 -29.58 -22.30
N GLY A 251 0.30 -28.58 -21.48
CA GLY A 251 1.35 -27.69 -21.01
C GLY A 251 0.90 -26.65 -20.01
N SER A 252 1.84 -25.83 -19.54
CA SER A 252 1.60 -24.78 -18.56
C SER A 252 1.08 -23.48 -19.15
N VAL A 253 1.36 -23.26 -20.43
CA VAL A 253 0.97 -22.03 -21.10
C VAL A 253 -0.49 -21.67 -21.00
N GLU A 254 -1.35 -22.50 -21.59
CA GLU A 254 -2.79 -22.26 -21.57
C GLU A 254 -3.31 -22.10 -20.14
N ILE A 255 -2.75 -22.87 -19.22
CA ILE A 255 -3.16 -22.82 -17.83
C ILE A 255 -2.94 -21.43 -17.23
N LEU A 256 -1.70 -20.94 -17.27
CA LEU A 256 -1.37 -19.62 -16.73
C LEU A 256 -2.09 -18.47 -17.45
N LYS A 257 -2.18 -18.54 -18.77
CA LYS A 257 -2.85 -17.48 -19.51
C LYS A 257 -4.35 -17.47 -19.21
N ASN A 258 -4.93 -18.64 -18.98
CA ASN A 258 -6.36 -18.74 -18.66
C ASN A 258 -6.59 -18.18 -17.27
N TRP A 259 -5.65 -18.47 -16.37
CA TRP A 259 -5.74 -17.98 -15.00
C TRP A 259 -5.82 -16.46 -15.02
N LYS A 260 -4.87 -15.83 -15.71
CA LYS A 260 -4.85 -14.38 -15.80
C LYS A 260 -6.10 -13.86 -16.51
N LYS A 261 -6.39 -14.41 -17.68
CA LYS A 261 -7.54 -14.00 -18.48
C LYS A 261 -8.89 -14.08 -17.76
N SER A 262 -9.01 -15.02 -16.82
CA SER A 262 -10.28 -15.20 -16.11
C SER A 262 -10.36 -14.31 -14.86
N GLY A 263 -9.48 -13.33 -14.77
CA GLY A 263 -9.50 -12.46 -13.61
C GLY A 263 -9.00 -13.19 -12.39
N LEU A 264 -8.10 -14.13 -12.61
CA LEU A 264 -7.49 -14.94 -11.55
C LEU A 264 -8.40 -15.95 -10.84
N SER A 265 -9.34 -16.55 -11.59
CA SER A 265 -10.22 -17.55 -11.01
C SER A 265 -9.54 -18.90 -11.21
N PRO A 266 -9.87 -19.89 -10.37
CA PRO A 266 -9.23 -21.22 -10.51
C PRO A 266 -9.38 -21.81 -11.91
N VAL A 267 -8.33 -22.48 -12.38
CA VAL A 267 -8.35 -23.14 -13.68
C VAL A 267 -8.74 -24.58 -13.37
N ARG A 268 -9.81 -25.06 -13.98
CA ARG A 268 -10.32 -26.41 -13.73
C ARG A 268 -10.12 -27.39 -14.90
N TYR A 269 -9.54 -28.56 -14.64
CA TYR A 269 -9.06 -28.98 -13.32
C TYR A 269 -7.67 -29.53 -13.51
N GLY A 270 -7.00 -29.85 -12.41
CA GLY A 270 -5.67 -30.41 -12.51
C GLY A 270 -5.46 -31.56 -11.55
N GLN A 271 -4.41 -32.33 -11.78
CA GLN A 271 -4.04 -33.42 -10.91
C GLN A 271 -2.54 -33.21 -10.70
N CYS A 272 -1.88 -34.06 -9.92
CA CYS A 272 -0.48 -33.82 -9.60
C CYS A 272 0.51 -33.43 -10.71
N TRP A 273 0.53 -34.12 -11.84
CA TRP A 273 1.49 -33.75 -12.89
C TRP A 273 1.17 -32.37 -13.50
N VAL A 274 -0.09 -31.96 -13.44
CA VAL A 274 -0.47 -30.66 -13.97
C VAL A 274 0.07 -29.58 -13.03
N PHE A 275 -0.05 -29.83 -11.74
CA PHE A 275 0.45 -28.91 -10.74
C PHE A 275 1.96 -28.79 -10.88
N ALA A 276 2.62 -29.93 -11.07
CA ALA A 276 4.07 -29.99 -11.21
C ALA A 276 4.60 -29.33 -12.48
N GLY A 277 3.93 -29.59 -13.61
CA GLY A 277 4.37 -28.98 -14.84
C GLY A 277 4.26 -27.46 -14.75
N THR A 278 3.14 -26.99 -14.18
CA THR A 278 2.90 -25.56 -14.03
C THR A 278 3.91 -24.95 -13.06
N LEU A 279 4.20 -25.64 -11.97
CA LEU A 279 5.15 -25.14 -10.99
C LEU A 279 6.55 -25.11 -11.63
N ASN A 280 6.86 -26.15 -12.40
CA ASN A 280 8.17 -26.21 -13.07
C ASN A 280 8.34 -24.98 -13.98
N THR A 281 7.29 -24.64 -14.72
CA THR A 281 7.34 -23.48 -15.61
C THR A 281 7.69 -22.22 -14.82
N ALA A 282 7.02 -22.04 -13.69
CA ALA A 282 7.26 -20.87 -12.85
C ALA A 282 8.68 -20.84 -12.33
N LEU A 283 9.13 -21.96 -11.75
CA LEU A 283 10.49 -22.05 -11.21
C LEU A 283 11.56 -21.76 -12.27
N ARG A 284 11.48 -22.42 -13.41
CA ARG A 284 12.47 -22.18 -14.47
C ARG A 284 12.41 -20.76 -14.99
N SER A 285 11.20 -20.21 -15.10
CA SER A 285 11.04 -18.85 -15.60
C SER A 285 11.74 -17.83 -14.69
N LEU A 286 11.70 -18.07 -13.37
CA LEU A 286 12.32 -17.14 -12.42
C LEU A 286 13.82 -17.38 -12.21
N GLY A 287 14.35 -18.46 -12.78
CA GLY A 287 15.77 -18.73 -12.63
C GLY A 287 16.17 -19.81 -11.64
N ILE A 288 15.20 -20.55 -11.12
CA ILE A 288 15.51 -21.62 -10.17
C ILE A 288 15.58 -22.94 -10.95
N PRO A 289 16.77 -23.55 -11.04
CA PRO A 289 16.91 -24.82 -11.77
C PRO A 289 15.92 -25.80 -11.16
N SER A 290 15.10 -26.43 -11.99
CA SER A 290 14.10 -27.35 -11.48
C SER A 290 13.75 -28.44 -12.47
N ARG A 291 13.20 -29.53 -11.94
CA ARG A 291 12.79 -30.66 -12.76
C ARG A 291 11.57 -31.30 -12.13
N VAL A 292 10.90 -32.17 -12.88
CA VAL A 292 9.71 -32.85 -12.39
C VAL A 292 10.03 -34.27 -11.93
N ILE A 293 9.46 -34.67 -10.81
CA ILE A 293 9.72 -36.00 -10.26
C ILE A 293 8.46 -36.87 -10.13
N THR A 294 8.57 -38.13 -10.54
CA THR A 294 7.43 -39.04 -10.43
C THR A 294 7.76 -40.19 -9.48
N ASN A 295 6.89 -40.36 -8.48
CA ASN A 295 7.07 -41.40 -7.48
C ASN A 295 5.89 -42.37 -7.58
N PHE A 296 6.19 -43.63 -7.89
CA PHE A 296 5.15 -44.65 -8.01
C PHE A 296 4.91 -45.30 -6.64
N ASN A 297 3.65 -45.64 -6.35
CA ASN A 297 3.29 -46.21 -5.05
C ASN A 297 3.62 -45.13 -4.04
N SER A 298 3.01 -43.96 -4.23
CA SER A 298 3.24 -42.81 -3.37
C SER A 298 2.20 -42.78 -2.26
N ALA A 299 2.67 -42.80 -1.03
CA ALA A 299 1.80 -42.81 0.15
C ALA A 299 1.50 -41.48 0.79
N HIS A 300 0.28 -41.33 1.26
CA HIS A 300 -0.15 -40.12 1.95
C HIS A 300 -0.39 -40.50 3.41
N ASP A 301 0.60 -40.21 4.25
CA ASP A 301 0.54 -40.52 5.67
C ASP A 301 -0.01 -39.33 6.45
N THR A 302 -1.31 -39.35 6.73
CA THR A 302 -1.93 -38.25 7.48
C THR A 302 -1.78 -38.46 8.98
N ASP A 303 -1.19 -39.59 9.36
CA ASP A 303 -1.00 -39.95 10.77
C ASP A 303 0.33 -39.56 11.41
N ARG A 304 1.34 -39.33 10.59
CA ARG A 304 2.66 -38.96 11.09
C ARG A 304 3.36 -40.16 11.75
N ASN A 305 2.97 -41.37 11.34
CA ASN A 305 3.58 -42.58 11.88
C ASN A 305 4.31 -43.40 10.83
N LEU A 306 4.52 -42.80 9.66
CA LEU A 306 5.23 -43.45 8.56
C LEU A 306 4.60 -44.78 8.14
N SER A 307 3.29 -44.89 8.33
CA SER A 307 2.56 -46.10 7.99
C SER A 307 1.20 -45.77 7.38
N VAL A 308 0.81 -46.50 6.33
CA VAL A 308 -0.47 -46.26 5.69
C VAL A 308 -1.30 -47.54 5.61
N ASP A 309 -2.60 -47.40 5.78
CA ASP A 309 -3.49 -48.55 5.78
C ASP A 309 -4.41 -48.68 4.56
N VAL A 310 -4.52 -49.89 4.04
CA VAL A 310 -5.40 -50.17 2.92
C VAL A 310 -6.37 -51.24 3.42
N TYR A 311 -7.63 -51.15 3.00
CA TYR A 311 -8.64 -52.10 3.45
C TYR A 311 -9.39 -52.85 2.35
N TYR A 312 -9.81 -54.06 2.68
CA TYR A 312 -10.59 -54.93 1.79
C TYR A 312 -11.62 -55.64 2.65
N ASP A 313 -12.74 -56.07 2.06
CA ASP A 313 -13.74 -56.82 2.82
C ASP A 313 -13.58 -58.28 2.43
N PRO A 314 -14.19 -59.20 3.19
CA PRO A 314 -14.07 -60.63 2.88
C PRO A 314 -14.43 -61.04 1.45
N MET A 315 -15.21 -60.21 0.76
CA MET A 315 -15.59 -60.54 -0.61
C MET A 315 -14.60 -60.09 -1.67
N GLY A 316 -13.47 -59.52 -1.25
CA GLY A 316 -12.47 -59.09 -2.19
C GLY A 316 -12.69 -57.69 -2.75
N ASN A 317 -13.53 -56.90 -2.10
CA ASN A 317 -13.79 -55.54 -2.54
C ASN A 317 -12.81 -54.56 -1.90
N PRO A 318 -12.18 -53.70 -2.71
CA PRO A 318 -11.26 -52.74 -2.10
C PRO A 318 -12.16 -51.74 -1.36
N LEU A 319 -11.70 -51.21 -0.24
CA LEU A 319 -12.51 -50.26 0.54
C LEU A 319 -11.80 -48.93 0.70
N ASP A 320 -12.57 -47.85 0.71
CA ASP A 320 -11.99 -46.54 0.93
C ASP A 320 -12.35 -46.26 2.38
N LYS A 321 -11.52 -46.76 3.29
CA LYS A 321 -11.79 -46.60 4.71
C LYS A 321 -10.85 -45.68 5.48
N GLY A 322 -9.55 -45.78 5.20
CA GLY A 322 -8.60 -44.94 5.90
C GLY A 322 -8.42 -43.56 5.30
N SER A 323 -8.02 -42.61 6.15
CA SER A 323 -7.78 -41.24 5.70
C SER A 323 -6.49 -41.21 4.87
N ASP A 324 -5.63 -42.21 5.08
CA ASP A 324 -4.38 -42.30 4.32
C ASP A 324 -4.69 -42.97 2.99
N SER A 325 -3.75 -42.94 2.07
CA SER A 325 -3.93 -43.57 0.76
C SER A 325 -2.61 -43.82 0.07
N VAL A 326 -2.62 -44.68 -0.94
CA VAL A 326 -1.41 -44.96 -1.71
C VAL A 326 -1.82 -44.68 -3.15
N TRP A 327 -1.07 -43.80 -3.83
CA TRP A 327 -1.37 -43.43 -5.20
C TRP A 327 -0.56 -44.28 -6.17
N ASN A 328 -1.12 -44.62 -7.34
CA ASN A 328 -0.39 -45.41 -8.33
C ASN A 328 0.92 -44.69 -8.57
N PHE A 329 0.86 -43.37 -8.49
CA PHE A 329 2.02 -42.51 -8.66
C PHE A 329 1.62 -41.10 -8.28
N HIS A 330 2.61 -40.29 -7.92
CA HIS A 330 2.39 -38.90 -7.57
C HIS A 330 3.58 -38.14 -8.10
N VAL A 331 3.32 -36.98 -8.70
CA VAL A 331 4.37 -36.16 -9.30
C VAL A 331 4.63 -34.88 -8.53
N TRP A 332 5.89 -34.49 -8.42
CA TRP A 332 6.22 -33.25 -7.74
C TRP A 332 7.46 -32.62 -8.37
N ASN A 333 8.04 -31.63 -7.71
CA ASN A 333 9.21 -30.96 -8.28
C ASN A 333 10.41 -30.89 -7.34
N GLU A 334 11.57 -30.61 -7.92
CA GLU A 334 12.78 -30.43 -7.15
C GLU A 334 13.41 -29.16 -7.67
N GLY A 335 13.75 -28.26 -6.75
CA GLY A 335 14.39 -27.01 -7.11
C GLY A 335 15.83 -27.16 -6.68
N TRP A 336 16.74 -26.44 -7.32
CA TRP A 336 18.15 -26.55 -6.98
C TRP A 336 18.68 -25.28 -6.31
N PHE A 337 19.12 -25.43 -5.06
CA PHE A 337 19.69 -24.30 -4.30
C PHE A 337 20.24 -24.75 -2.96
N VAL A 338 21.18 -23.96 -2.44
CA VAL A 338 21.78 -24.24 -1.15
C VAL A 338 20.74 -24.02 -0.08
N ARG A 339 21.00 -24.54 1.11
CA ARG A 339 20.09 -24.41 2.24
C ARG A 339 20.82 -23.80 3.43
N SER A 340 20.97 -22.48 3.41
CA SER A 340 21.65 -21.77 4.49
C SER A 340 20.93 -22.01 5.82
N ASP A 341 19.66 -22.38 5.76
CA ASP A 341 18.90 -22.62 6.96
C ASP A 341 19.11 -24.01 7.55
N LEU A 342 19.63 -24.94 6.73
CA LEU A 342 19.85 -26.30 7.21
C LEU A 342 21.33 -26.62 7.42
N GLY A 343 22.18 -26.10 6.55
CA GLY A 343 23.59 -26.38 6.67
C GLY A 343 24.21 -26.73 5.33
N PRO A 344 25.54 -26.83 5.26
CA PRO A 344 26.30 -27.16 4.05
C PRO A 344 26.10 -28.55 3.44
N SER A 345 25.56 -29.50 4.19
CA SER A 345 25.37 -30.83 3.64
C SER A 345 23.99 -31.04 3.05
N TYR A 346 23.11 -30.05 3.22
CA TYR A 346 21.74 -30.19 2.74
C TYR A 346 21.36 -29.44 1.47
N GLY A 347 22.33 -28.83 0.80
CA GLY A 347 22.05 -28.11 -0.43
C GLY A 347 21.75 -29.09 -1.57
N GLY A 348 21.47 -28.55 -2.75
CA GLY A 348 21.19 -29.41 -3.88
C GLY A 348 19.72 -29.45 -4.20
N TRP A 349 19.22 -30.59 -4.64
CA TRP A 349 17.80 -30.72 -4.98
C TRP A 349 16.91 -30.58 -3.75
N GLN A 350 15.86 -29.79 -3.91
CA GLN A 350 14.91 -29.54 -2.83
C GLN A 350 13.50 -29.85 -3.33
N VAL A 351 12.78 -30.71 -2.61
CA VAL A 351 11.43 -31.07 -2.99
C VAL A 351 10.43 -29.90 -2.82
N LEU A 352 9.58 -29.70 -3.83
CA LEU A 352 8.54 -28.67 -3.83
C LEU A 352 7.32 -29.34 -4.44
N ASP A 353 6.16 -29.20 -3.81
CA ASP A 353 4.95 -29.88 -4.29
C ASP A 353 3.73 -28.95 -4.22
N ALA A 354 3.17 -28.61 -5.37
CA ALA A 354 2.02 -27.71 -5.42
C ALA A 354 0.69 -28.46 -5.29
N THR A 355 0.72 -29.79 -5.28
CA THR A 355 -0.51 -30.58 -5.15
C THR A 355 -0.99 -30.47 -3.71
N PRO A 356 -2.26 -30.08 -3.52
CA PRO A 356 -2.83 -29.93 -2.18
C PRO A 356 -3.19 -31.25 -1.51
N GLN A 357 -2.25 -31.83 -0.77
CA GLN A 357 -2.52 -33.08 -0.09
C GLN A 357 -2.58 -32.91 1.43
N GLU A 358 -1.49 -32.39 1.99
CA GLU A 358 -1.37 -32.19 3.43
C GLU A 358 -1.16 -30.71 3.75
N ARG A 359 -1.96 -30.19 4.68
CA ARG A 359 -1.82 -28.79 5.07
C ARG A 359 -0.52 -28.61 5.85
N SER A 360 0.13 -27.48 5.62
CA SER A 360 1.38 -27.14 6.29
C SER A 360 1.17 -25.75 6.86
N GLN A 361 1.20 -25.65 8.19
CA GLN A 361 0.99 -24.36 8.84
C GLN A 361 -0.38 -23.83 8.42
N GLY A 362 -1.33 -24.75 8.23
CA GLY A 362 -2.68 -24.38 7.87
C GLY A 362 -3.01 -24.23 6.39
N VAL A 363 -2.01 -24.07 5.53
CA VAL A 363 -2.28 -23.91 4.11
C VAL A 363 -1.66 -25.00 3.25
N PHE A 364 -2.18 -25.17 2.04
CA PHE A 364 -1.64 -26.19 1.15
C PHE A 364 -0.39 -25.67 0.46
N GLN A 365 0.73 -25.99 1.09
CA GLN A 365 2.06 -25.62 0.63
C GLN A 365 2.95 -26.82 1.00
N CYS A 366 4.07 -26.99 0.29
CA CYS A 366 4.94 -28.12 0.58
C CYS A 366 6.36 -27.90 0.07
N GLY A 367 7.33 -27.95 0.97
CA GLY A 367 8.70 -27.74 0.58
C GLY A 367 9.18 -26.33 0.88
N PRO A 368 10.48 -26.06 0.66
CA PRO A 368 11.45 -27.02 0.14
C PRO A 368 11.97 -28.03 1.17
N ALA A 369 12.17 -29.26 0.71
CA ALA A 369 12.67 -30.34 1.56
C ALA A 369 13.94 -30.91 0.92
N SER A 370 15.03 -30.89 1.68
CA SER A 370 16.30 -31.41 1.18
C SER A 370 16.17 -32.91 0.88
N VAL A 371 16.42 -33.29 -0.36
CA VAL A 371 16.33 -34.69 -0.76
C VAL A 371 17.37 -35.49 0.01
N ILE A 372 18.53 -34.90 0.22
CA ILE A 372 19.60 -35.55 0.95
C ILE A 372 19.11 -35.82 2.37
N GLY A 373 18.44 -34.83 2.96
CA GLY A 373 17.90 -34.99 4.30
C GLY A 373 16.84 -36.08 4.37
N VAL A 374 15.99 -36.14 3.35
CA VAL A 374 14.95 -37.16 3.31
C VAL A 374 15.57 -38.56 3.31
N ARG A 375 16.60 -38.76 2.50
CA ARG A 375 17.26 -40.06 2.42
C ARG A 375 17.83 -40.52 3.77
N GLU A 376 18.39 -39.58 4.54
CA GLU A 376 18.96 -39.88 5.85
C GLU A 376 17.94 -39.94 6.98
N GLY A 377 16.71 -39.49 6.72
CA GLY A 377 15.69 -39.54 7.74
C GLY A 377 15.71 -38.39 8.72
N ASP A 378 16.39 -37.31 8.38
CA ASP A 378 16.44 -36.15 9.25
C ASP A 378 15.16 -35.36 9.06
N VAL A 379 14.05 -35.95 9.49
CA VAL A 379 12.74 -35.34 9.33
C VAL A 379 12.36 -34.17 10.24
N GLN A 380 13.28 -33.74 11.09
CA GLN A 380 12.99 -32.61 11.96
C GLN A 380 13.31 -31.28 11.26
N LEU A 381 13.98 -31.36 10.12
CA LEU A 381 14.35 -30.16 9.37
C LEU A 381 13.22 -29.63 8.49
N ASN A 382 13.15 -28.30 8.35
CA ASN A 382 12.12 -27.69 7.50
C ASN A 382 12.47 -28.02 6.05
N PHE A 383 11.47 -28.23 5.19
CA PHE A 383 10.07 -28.15 5.54
C PHE A 383 9.31 -29.42 5.14
N ASP A 384 8.23 -29.70 5.86
CA ASP A 384 7.36 -30.84 5.58
C ASP A 384 8.01 -32.19 5.32
N MET A 385 9.12 -32.49 5.98
CA MET A 385 9.80 -33.75 5.75
C MET A 385 9.03 -35.01 6.15
N PRO A 386 8.33 -34.99 7.31
CA PRO A 386 7.59 -36.18 7.71
C PRO A 386 6.70 -36.68 6.57
N PHE A 387 5.89 -35.77 6.03
CA PHE A 387 4.99 -36.10 4.94
C PHE A 387 5.72 -36.64 3.71
N ILE A 388 6.75 -35.92 3.28
CA ILE A 388 7.53 -36.32 2.11
C ILE A 388 8.26 -37.64 2.32
N PHE A 389 8.81 -37.84 3.52
CA PHE A 389 9.50 -39.09 3.82
C PHE A 389 8.48 -40.22 3.70
N ALA A 390 7.26 -39.95 4.16
CA ALA A 390 6.18 -40.93 4.11
C ALA A 390 5.80 -41.32 2.69
N GLU A 391 5.77 -40.34 1.79
CA GLU A 391 5.41 -40.59 0.40
C GLU A 391 6.34 -41.58 -0.27
N VAL A 392 7.63 -41.50 0.04
CA VAL A 392 8.59 -42.36 -0.59
C VAL A 392 9.00 -43.61 0.21
N ASN A 393 8.69 -43.65 1.49
CA ASN A 393 9.09 -44.82 2.25
C ASN A 393 8.26 -45.27 3.45
N ALA A 394 6.97 -44.94 3.45
CA ALA A 394 6.10 -45.35 4.54
C ALA A 394 5.85 -46.84 4.41
N ASP A 395 5.59 -47.53 5.52
CA ASP A 395 5.29 -48.94 5.43
C ASP A 395 3.82 -49.04 5.05
N ARG A 396 3.44 -50.16 4.45
CA ARG A 396 2.06 -50.36 4.02
C ARG A 396 1.40 -51.55 4.71
N ILE A 397 0.35 -51.27 5.48
CA ILE A 397 -0.37 -52.35 6.16
C ILE A 397 -1.69 -52.66 5.47
N THR A 398 -1.91 -53.94 5.21
CA THR A 398 -3.14 -54.38 4.55
C THR A 398 -4.06 -54.95 5.62
N TRP A 399 -5.31 -54.48 5.64
CA TRP A 399 -6.29 -54.93 6.61
C TRP A 399 -7.54 -55.52 5.94
N LEU A 400 -8.23 -56.39 6.69
CA LEU A 400 -9.48 -57.00 6.25
C LEU A 400 -10.53 -56.33 7.14
N TYR A 401 -11.61 -55.85 6.56
CA TYR A 401 -12.64 -55.19 7.35
C TYR A 401 -14.06 -55.60 6.97
N ASP A 402 -14.78 -56.18 7.91
CA ASP A 402 -16.15 -56.60 7.69
C ASP A 402 -17.07 -55.62 8.40
N ASN A 403 -17.76 -54.77 7.65
CA ASN A 403 -18.65 -53.80 8.26
C ASN A 403 -19.78 -54.47 9.05
N THR A 404 -20.29 -55.57 8.52
CA THR A 404 -21.39 -56.29 9.17
C THR A 404 -21.06 -56.64 10.62
N THR A 405 -19.82 -57.06 10.87
CA THR A 405 -19.41 -57.43 12.23
C THR A 405 -18.62 -56.31 12.88
N GLY A 406 -18.32 -55.25 12.12
CA GLY A 406 -17.56 -54.13 12.65
C GLY A 406 -16.14 -54.53 13.01
N LYS A 407 -15.81 -55.80 12.74
CA LYS A 407 -14.49 -56.33 13.04
C LYS A 407 -13.43 -55.95 12.01
N GLN A 408 -12.27 -55.58 12.50
CA GLN A 408 -11.14 -55.21 11.65
C GLN A 408 -9.96 -56.08 12.05
N TRP A 409 -9.20 -56.57 11.09
CA TRP A 409 -8.07 -57.40 11.43
C TRP A 409 -6.91 -57.34 10.44
N LYS A 410 -5.73 -57.03 10.99
CA LYS A 410 -4.49 -56.91 10.25
C LYS A 410 -4.18 -58.16 9.41
N ASN A 411 -3.75 -57.95 8.18
CA ASN A 411 -3.41 -59.06 7.29
C ASN A 411 -1.91 -59.16 7.03
N SER A 412 -1.30 -58.06 6.62
CA SER A 412 0.12 -58.06 6.33
C SER A 412 0.73 -56.66 6.33
N VAL A 413 2.05 -56.62 6.30
CA VAL A 413 2.78 -55.36 6.29
C VAL A 413 3.88 -55.45 5.24
N ASN A 414 3.90 -54.47 4.35
CA ASN A 414 4.89 -54.43 3.28
C ASN A 414 5.74 -53.20 3.54
N SER A 415 7.03 -53.41 3.71
CA SER A 415 7.94 -52.29 3.98
C SER A 415 8.78 -51.89 2.77
N HIS A 416 8.50 -52.48 1.62
CA HIS A 416 9.27 -52.14 0.42
C HIS A 416 8.43 -51.73 -0.79
N THR A 417 7.11 -51.92 -0.71
CA THR A 417 6.25 -51.58 -1.84
C THR A 417 6.11 -50.10 -2.16
N ILE A 418 6.11 -49.25 -1.15
CA ILE A 418 5.96 -47.82 -1.36
C ILE A 418 7.26 -47.11 -1.74
N GLY A 419 7.18 -46.24 -2.74
CA GLY A 419 8.34 -45.48 -3.19
C GLY A 419 9.23 -46.25 -4.16
N ARG A 420 8.74 -46.48 -5.37
CA ARG A 420 9.50 -47.22 -6.38
C ARG A 420 9.67 -46.45 -7.68
N TYR A 421 10.76 -46.76 -8.39
CA TYR A 421 11.08 -46.14 -9.67
C TYR A 421 10.88 -44.62 -9.70
N ILE A 422 11.37 -43.92 -8.68
CA ILE A 422 11.25 -42.48 -8.63
C ILE A 422 11.96 -41.98 -9.89
N SER A 423 11.22 -41.31 -10.77
CA SER A 423 11.77 -40.90 -12.06
C SER A 423 11.72 -39.43 -12.47
N THR A 424 12.64 -39.07 -13.36
CA THR A 424 12.71 -37.73 -13.91
C THR A 424 13.39 -37.84 -15.28
N LYS A 425 13.02 -36.94 -16.19
CA LYS A 425 13.59 -36.91 -17.53
C LYS A 425 15.11 -36.75 -17.52
N ALA A 426 15.79 -37.53 -18.36
CA ALA A 426 17.24 -37.44 -18.47
C ALA A 426 17.59 -36.11 -19.12
N VAL A 427 18.80 -35.64 -18.85
CA VAL A 427 19.27 -34.39 -19.43
C VAL A 427 19.58 -34.60 -20.92
N GLY A 428 18.97 -33.81 -21.78
CA GLY A 428 19.24 -33.94 -23.21
C GLY A 428 18.50 -34.99 -24.01
N SER A 429 17.63 -35.77 -23.36
CA SER A 429 16.87 -36.79 -24.07
C SER A 429 15.61 -37.10 -23.27
N ASN A 430 14.77 -37.99 -23.80
CA ASN A 430 13.54 -38.36 -23.13
C ASN A 430 13.68 -39.64 -22.30
N ALA A 431 14.89 -40.15 -22.14
CA ALA A 431 15.09 -41.37 -21.37
C ALA A 431 14.63 -41.17 -19.92
N ARG A 432 14.39 -42.26 -19.22
CA ARG A 432 13.96 -42.19 -17.84
C ARG A 432 15.17 -42.31 -16.91
N MET A 433 15.34 -41.30 -16.07
CA MET A 433 16.43 -41.24 -15.10
C MET A 433 15.86 -41.63 -13.73
N ASP A 434 16.30 -42.77 -13.21
CA ASP A 434 15.82 -43.28 -11.93
C ASP A 434 16.62 -42.70 -10.76
N VAL A 435 15.96 -41.94 -9.92
CA VAL A 435 16.60 -41.31 -8.77
C VAL A 435 16.11 -41.85 -7.42
N THR A 436 15.66 -43.10 -7.40
CA THR A 436 15.17 -43.71 -6.19
C THR A 436 16.26 -43.72 -5.11
N ASP A 437 17.49 -44.02 -5.50
CA ASP A 437 18.61 -44.10 -4.58
C ASP A 437 18.98 -42.75 -3.95
N LYS A 438 18.44 -41.67 -4.50
CA LYS A 438 18.70 -40.34 -3.97
C LYS A 438 17.70 -40.02 -2.86
N TYR A 439 16.53 -40.64 -2.94
CA TYR A 439 15.49 -40.42 -1.93
C TYR A 439 15.57 -41.40 -0.76
N LYS A 440 16.30 -42.50 -0.92
CA LYS A 440 16.41 -43.48 0.15
C LYS A 440 17.42 -44.59 -0.08
N TYR A 441 17.82 -45.25 1.00
CA TYR A 441 18.74 -46.36 0.91
C TYR A 441 17.99 -47.50 0.25
N PRO A 442 18.73 -48.46 -0.34
CA PRO A 442 18.13 -49.60 -1.03
C PRO A 442 17.13 -50.39 -0.17
N GLU A 443 15.99 -50.76 -0.78
CA GLU A 443 14.98 -51.53 -0.08
C GLU A 443 15.55 -52.91 0.20
N GLY A 444 15.53 -53.32 1.45
CA GLY A 444 16.07 -54.62 1.80
C GLY A 444 17.42 -54.49 2.47
N SER A 445 17.91 -53.26 2.58
CA SER A 445 19.19 -53.02 3.21
C SER A 445 18.92 -52.68 4.67
N ASP A 446 19.90 -52.97 5.53
CA ASP A 446 19.75 -52.67 6.94
C ASP A 446 19.61 -51.16 7.11
N GLN A 447 20.29 -50.43 6.23
CA GLN A 447 20.29 -48.97 6.28
C GLN A 447 18.92 -48.30 6.15
N GLU A 448 18.15 -48.65 5.12
CA GLU A 448 16.85 -48.02 4.96
C GLU A 448 15.99 -48.35 6.18
N ARG A 449 16.21 -49.52 6.77
CA ARG A 449 15.45 -49.91 7.94
C ARG A 449 15.93 -49.10 9.15
N GLN A 450 17.22 -48.80 9.21
CA GLN A 450 17.75 -48.02 10.32
C GLN A 450 17.27 -46.58 10.21
N VAL A 451 17.21 -46.07 8.99
CA VAL A 451 16.76 -44.72 8.74
C VAL A 451 15.28 -44.59 9.08
N PHE A 452 14.50 -45.58 8.66
CA PHE A 452 13.06 -45.59 8.94
C PHE A 452 12.84 -45.48 10.45
N GLN A 453 13.54 -46.31 11.20
CA GLN A 453 13.44 -46.32 12.66
C GLN A 453 13.85 -44.94 13.19
N LYS A 454 14.93 -44.41 12.63
CA LYS A 454 15.44 -43.10 13.02
C LYS A 454 14.37 -42.03 12.79
N ALA A 455 13.77 -42.05 11.60
CA ALA A 455 12.72 -41.08 11.26
C ALA A 455 11.51 -41.24 12.17
N LEU A 456 11.09 -42.48 12.37
CA LEU A 456 9.94 -42.75 13.23
C LEU A 456 10.25 -42.29 14.64
N GLY A 457 11.44 -42.63 15.12
CA GLY A 457 11.83 -42.22 16.47
C GLY A 457 11.65 -40.72 16.66
N LYS A 458 11.98 -39.95 15.63
CA LYS A 458 11.85 -38.51 15.68
C LYS A 458 10.39 -38.08 15.76
N LEU A 459 9.53 -38.81 15.05
CA LEU A 459 8.10 -38.50 15.01
C LEU A 459 7.34 -39.04 16.22
N LYS A 460 7.92 -40.02 16.90
CA LYS A 460 7.29 -40.59 18.08
C LYS A 460 8.26 -40.61 19.26
N PRO A 480 1.59 -69.16 5.84
CA PRO A 480 0.35 -69.35 5.07
C PRO A 480 0.53 -70.44 4.01
N SER A 481 -0.40 -71.39 3.98
CA SER A 481 -0.35 -72.49 3.03
C SER A 481 -0.48 -72.05 1.58
N ILE A 482 -1.33 -71.05 1.35
CA ILE A 482 -1.58 -70.56 0.00
C ILE A 482 -0.85 -69.29 -0.40
N ILE A 483 -0.21 -69.33 -1.57
CA ILE A 483 0.47 -68.16 -2.12
C ILE A 483 -0.22 -67.89 -3.45
N GLY A 484 -0.46 -66.61 -3.76
CA GLY A 484 -1.13 -66.29 -5.00
C GLY A 484 -0.54 -65.14 -5.78
N LYS A 485 -0.90 -65.05 -7.05
CA LYS A 485 -0.39 -64.00 -7.91
C LYS A 485 -1.33 -63.75 -9.10
N LEU A 486 -1.52 -62.48 -9.43
CA LEU A 486 -2.36 -62.11 -10.55
C LEU A 486 -1.44 -61.80 -11.74
N LYS A 487 -1.65 -62.47 -12.86
CA LYS A 487 -0.82 -62.25 -14.03
C LYS A 487 -1.65 -61.75 -15.21
N VAL A 488 -1.04 -60.90 -16.02
CA VAL A 488 -1.72 -60.36 -17.20
C VAL A 488 -1.51 -61.29 -18.39
N ALA A 489 -2.59 -61.57 -19.11
CA ALA A 489 -2.55 -62.43 -20.28
C ALA A 489 -2.94 -61.62 -21.52
N GLY A 490 -1.99 -61.39 -22.41
CA GLY A 490 -2.29 -60.65 -23.61
C GLY A 490 -2.44 -59.15 -23.43
N MET A 491 -2.57 -58.46 -24.54
CA MET A 491 -2.72 -57.01 -24.57
C MET A 491 -3.85 -56.46 -23.70
N LEU A 492 -3.60 -55.30 -23.12
CA LEU A 492 -4.58 -54.60 -22.32
C LEU A 492 -4.71 -53.23 -23.01
N ALA A 493 -5.86 -53.01 -23.63
CA ALA A 493 -6.11 -51.75 -24.34
C ALA A 493 -7.61 -51.45 -24.34
N VAL A 494 -7.94 -50.18 -24.24
CA VAL A 494 -9.33 -49.75 -24.23
C VAL A 494 -10.00 -50.20 -25.53
N GLY A 495 -11.00 -51.08 -25.39
CA GLY A 495 -11.70 -51.59 -26.56
C GLY A 495 -11.58 -53.10 -26.61
N LYS A 496 -10.47 -53.61 -26.10
CA LYS A 496 -10.24 -55.05 -26.09
C LYS A 496 -10.69 -55.61 -24.74
N GLU A 497 -10.97 -56.89 -24.68
CA GLU A 497 -11.38 -57.50 -23.43
C GLU A 497 -10.15 -57.66 -22.56
N VAL A 498 -10.35 -57.64 -21.24
CA VAL A 498 -9.25 -57.80 -20.30
C VAL A 498 -9.17 -59.26 -19.87
N ASN A 499 -7.98 -59.83 -20.00
CA ASN A 499 -7.73 -61.22 -19.63
C ASN A 499 -6.60 -61.33 -18.63
N LEU A 500 -6.91 -61.92 -17.48
CA LEU A 500 -5.97 -62.10 -16.40
C LEU A 500 -6.04 -63.55 -15.92
N VAL A 501 -5.11 -63.94 -15.06
CA VAL A 501 -5.09 -65.29 -14.51
C VAL A 501 -4.61 -65.24 -13.07
N LEU A 502 -5.44 -65.78 -12.17
CA LEU A 502 -5.07 -65.84 -10.76
C LEU A 502 -4.34 -67.16 -10.59
N LEU A 503 -3.08 -67.09 -10.19
CA LEU A 503 -2.28 -68.28 -9.98
C LEU A 503 -2.14 -68.56 -8.50
N LEU A 504 -2.62 -69.72 -8.07
CA LEU A 504 -2.54 -70.12 -6.67
C LEU A 504 -1.72 -71.40 -6.53
N LYS A 505 -1.06 -71.55 -5.38
CA LYS A 505 -0.28 -72.73 -5.10
C LYS A 505 -0.41 -73.10 -3.63
N ASN A 506 -0.49 -74.39 -3.36
CA ASN A 506 -0.63 -74.90 -2.00
C ASN A 506 0.75 -75.31 -1.50
N LEU A 507 1.28 -74.56 -0.53
CA LEU A 507 2.61 -74.85 0.02
C LEU A 507 2.63 -75.70 1.28
N SER A 508 1.50 -76.29 1.64
CA SER A 508 1.44 -77.14 2.84
C SER A 508 1.48 -78.61 2.44
N ARG A 509 1.73 -79.49 3.41
CA ARG A 509 1.80 -80.91 3.11
C ARG A 509 0.41 -81.53 3.14
N ASP A 510 -0.60 -80.70 3.40
CA ASP A 510 -1.98 -81.16 3.47
C ASP A 510 -2.85 -80.56 2.38
N THR A 511 -3.70 -81.40 1.78
CA THR A 511 -4.61 -80.93 0.75
C THR A 511 -5.44 -79.82 1.37
N LYS A 512 -5.61 -78.73 0.64
CA LYS A 512 -6.37 -77.58 1.15
C LYS A 512 -7.53 -77.17 0.27
N THR A 513 -8.57 -76.64 0.89
CA THR A 513 -9.75 -76.17 0.17
C THR A 513 -9.76 -74.66 0.30
N VAL A 514 -9.57 -73.97 -0.81
CA VAL A 514 -9.55 -72.51 -0.77
C VAL A 514 -10.75 -71.84 -1.43
N THR A 515 -11.36 -70.92 -0.70
CA THR A 515 -12.50 -70.16 -1.18
C THR A 515 -11.95 -68.83 -1.70
N VAL A 516 -12.17 -68.54 -2.98
CA VAL A 516 -11.64 -67.32 -3.57
C VAL A 516 -12.71 -66.32 -4.03
N ASN A 517 -12.70 -65.14 -3.41
CA ASN A 517 -13.64 -64.08 -3.75
C ASN A 517 -12.87 -63.00 -4.50
N MET A 518 -13.36 -62.63 -5.68
CA MET A 518 -12.68 -61.64 -6.53
C MET A 518 -13.56 -60.48 -7.00
N THR A 519 -12.92 -59.37 -7.35
CA THR A 519 -13.62 -58.20 -7.86
C THR A 519 -12.67 -57.39 -8.72
N ALA A 520 -13.24 -56.49 -9.51
CA ALA A 520 -12.49 -55.58 -10.37
C ALA A 520 -13.22 -54.24 -10.31
N TRP A 521 -12.48 -53.20 -9.95
CA TRP A 521 -13.02 -51.85 -9.82
C TRP A 521 -12.24 -50.86 -10.68
N THR A 522 -12.95 -49.99 -11.40
CA THR A 522 -12.28 -48.98 -12.17
C THR A 522 -11.89 -47.96 -11.12
N ILE A 523 -10.73 -47.34 -11.27
CA ILE A 523 -10.28 -46.38 -10.27
C ILE A 523 -9.63 -45.15 -10.89
N ILE A 524 -9.36 -44.16 -10.05
CA ILE A 524 -8.68 -42.95 -10.48
C ILE A 524 -7.25 -43.31 -10.06
N TYR A 525 -6.24 -42.74 -10.73
CA TYR A 525 -4.86 -43.09 -10.42
C TYR A 525 -4.43 -42.93 -8.97
N ASN A 526 -5.10 -42.07 -8.21
CA ASN A 526 -4.76 -41.87 -6.82
C ASN A 526 -5.32 -42.96 -5.91
N GLY A 527 -6.19 -43.79 -6.46
CA GLY A 527 -6.78 -44.86 -5.67
C GLY A 527 -8.28 -44.72 -5.48
N THR A 528 -8.84 -43.58 -5.88
CA THR A 528 -10.28 -43.36 -5.75
C THR A 528 -11.03 -44.45 -6.49
N LEU A 529 -11.93 -45.13 -5.79
CA LEU A 529 -12.73 -46.20 -6.39
C LEU A 529 -13.89 -45.58 -7.17
N VAL A 530 -14.07 -46.02 -8.41
CA VAL A 530 -15.15 -45.50 -9.23
C VAL A 530 -16.34 -46.45 -9.29
N HIS A 531 -16.13 -47.66 -9.78
CA HIS A 531 -17.24 -48.60 -9.86
C HIS A 531 -16.79 -50.05 -10.07
N GLU A 532 -17.63 -50.96 -9.59
CA GLU A 532 -17.38 -52.39 -9.74
C GLU A 532 -17.75 -52.75 -11.17
N VAL A 533 -16.86 -53.45 -11.87
CA VAL A 533 -17.15 -53.85 -13.25
C VAL A 533 -17.17 -55.36 -13.42
N TRP A 534 -16.68 -56.07 -12.41
CA TRP A 534 -16.63 -57.53 -12.47
C TRP A 534 -16.40 -58.11 -11.08
N LYS A 535 -16.93 -59.30 -10.86
CA LYS A 535 -16.75 -59.99 -9.58
C LYS A 535 -17.00 -61.47 -9.80
N ASP A 536 -16.41 -62.31 -8.97
CA ASP A 536 -16.60 -63.75 -9.10
C ASP A 536 -16.03 -64.48 -7.89
N SER A 537 -16.58 -65.65 -7.60
CA SER A 537 -16.11 -66.47 -6.49
C SER A 537 -15.82 -67.86 -7.01
N ALA A 538 -14.94 -68.58 -6.31
CA ALA A 538 -14.59 -69.94 -6.71
C ALA A 538 -13.96 -70.69 -5.55
N THR A 539 -14.18 -72.00 -5.51
CA THR A 539 -13.62 -72.85 -4.47
C THR A 539 -12.74 -73.86 -5.18
N MET A 540 -11.53 -74.08 -4.64
CA MET A 540 -10.62 -75.03 -5.26
C MET A 540 -10.04 -76.06 -4.30
N SER A 541 -9.72 -77.21 -4.88
CA SER A 541 -9.12 -78.31 -4.12
C SER A 541 -7.68 -78.40 -4.56
N LEU A 542 -6.76 -78.03 -3.67
CA LEU A 542 -5.34 -78.07 -3.99
C LEU A 542 -4.55 -79.04 -3.11
N ASP A 543 -3.94 -80.04 -3.76
CA ASP A 543 -3.12 -81.02 -3.04
C ASP A 543 -1.77 -80.34 -2.73
N PRO A 544 -0.96 -80.97 -1.87
CA PRO A 544 0.34 -80.38 -1.54
C PRO A 544 1.19 -80.05 -2.77
N GLU A 545 1.67 -78.82 -2.85
CA GLU A 545 2.51 -78.38 -3.96
C GLU A 545 1.74 -78.10 -5.25
N GLU A 546 0.47 -78.46 -5.29
CA GLU A 546 -0.33 -78.24 -6.48
C GLU A 546 -0.49 -76.77 -6.84
N GLU A 547 -0.40 -76.48 -8.13
CA GLU A 547 -0.56 -75.13 -8.63
C GLU A 547 -1.82 -75.12 -9.48
N ALA A 548 -2.66 -74.11 -9.30
CA ALA A 548 -3.89 -74.00 -10.06
C ALA A 548 -4.11 -72.56 -10.49
N GLU A 549 -4.95 -72.36 -11.49
CA GLU A 549 -5.24 -71.01 -11.94
C GLU A 549 -6.69 -70.81 -12.30
N HIS A 550 -7.17 -69.60 -12.02
CA HIS A 550 -8.54 -69.22 -12.31
C HIS A 550 -8.50 -68.01 -13.25
N PRO A 551 -9.05 -68.17 -14.45
CA PRO A 551 -9.06 -67.09 -15.44
C PRO A 551 -10.05 -65.98 -15.09
N ILE A 552 -9.63 -64.75 -15.38
CA ILE A 552 -10.46 -63.59 -15.13
C ILE A 552 -10.66 -62.89 -16.47
N LYS A 553 -11.90 -62.88 -16.95
CA LYS A 553 -12.20 -62.25 -18.22
C LYS A 553 -13.19 -61.10 -18.04
N ILE A 554 -12.79 -59.89 -18.43
CA ILE A 554 -13.67 -58.73 -18.33
C ILE A 554 -13.81 -58.09 -19.71
N SER A 555 -15.01 -58.16 -20.26
CA SER A 555 -15.29 -57.62 -21.60
C SER A 555 -15.29 -56.10 -21.64
N TYR A 556 -15.10 -55.57 -22.84
CA TYR A 556 -15.13 -54.13 -23.05
C TYR A 556 -16.48 -53.62 -22.60
N ALA A 557 -17.53 -54.33 -22.95
CA ALA A 557 -18.89 -53.94 -22.59
C ALA A 557 -19.07 -53.82 -21.07
N GLN A 558 -18.32 -54.62 -20.32
CA GLN A 558 -18.41 -54.59 -18.87
C GLN A 558 -17.64 -53.45 -18.20
N TYR A 559 -16.50 -53.06 -18.74
CA TYR A 559 -15.71 -52.00 -18.11
C TYR A 559 -15.80 -50.62 -18.74
N GLU A 560 -16.11 -50.57 -20.03
CA GLU A 560 -16.17 -49.30 -20.75
C GLU A 560 -16.98 -48.19 -20.09
N ARG A 561 -18.14 -48.55 -19.54
CA ARG A 561 -19.01 -47.57 -18.89
C ARG A 561 -18.43 -46.88 -17.66
N TYR A 562 -17.62 -47.59 -16.88
CA TYR A 562 -17.08 -47.00 -15.67
C TYR A 562 -15.58 -46.73 -15.67
N LEU A 563 -14.94 -46.96 -16.81
CA LEU A 563 -13.52 -46.70 -16.95
C LEU A 563 -13.34 -45.19 -17.12
N LYS A 564 -12.34 -44.62 -16.44
CA LYS A 564 -12.08 -43.20 -16.52
C LYS A 564 -10.83 -42.95 -17.36
N SER A 565 -10.50 -41.68 -17.60
CA SER A 565 -9.33 -41.36 -18.43
C SER A 565 -8.03 -41.98 -17.92
N ASP A 566 -8.04 -42.40 -16.66
CA ASP A 566 -6.88 -43.03 -16.06
C ASP A 566 -6.65 -44.40 -16.71
N ASN A 567 -7.73 -45.01 -17.21
CA ASN A 567 -7.66 -46.33 -17.83
C ASN A 567 -7.10 -47.37 -16.86
N MET A 568 -7.44 -47.20 -15.58
CA MET A 568 -6.98 -48.08 -14.53
C MET A 568 -8.10 -48.97 -14.00
N ILE A 569 -7.73 -50.18 -13.60
CA ILE A 569 -8.68 -51.12 -13.01
C ILE A 569 -7.96 -51.83 -11.86
N ARG A 570 -8.60 -51.90 -10.70
CA ARG A 570 -8.03 -52.55 -9.53
C ARG A 570 -8.60 -53.96 -9.41
N ILE A 571 -7.73 -54.96 -9.54
CA ILE A 571 -8.15 -56.36 -9.47
C ILE A 571 -7.76 -56.95 -8.10
N THR A 572 -8.73 -57.58 -7.42
CA THR A 572 -8.46 -58.15 -6.10
C THR A 572 -8.99 -59.56 -5.89
N ALA A 573 -8.22 -60.38 -5.18
CA ALA A 573 -8.62 -61.75 -4.89
C ALA A 573 -8.33 -62.08 -3.42
N VAL A 574 -9.40 -62.27 -2.65
CA VAL A 574 -9.25 -62.63 -1.25
C VAL A 574 -9.44 -64.13 -1.16
N CYS A 575 -8.37 -64.85 -0.81
CA CYS A 575 -8.39 -66.31 -0.71
C CYS A 575 -8.33 -66.77 0.74
N LYS A 576 -9.20 -67.72 1.10
CA LYS A 576 -9.26 -68.21 2.47
C LYS A 576 -9.27 -69.73 2.58
N VAL A 577 -8.49 -70.22 3.53
CA VAL A 577 -8.41 -71.65 3.81
C VAL A 577 -8.84 -71.79 5.27
N PRO A 578 -9.59 -72.86 5.59
CA PRO A 578 -10.06 -73.08 6.96
C PRO A 578 -8.92 -73.02 7.98
N ASP A 579 -9.10 -72.21 9.02
CA ASP A 579 -8.12 -72.05 10.09
C ASP A 579 -6.89 -71.22 9.74
N GLU A 580 -6.87 -70.65 8.54
CA GLU A 580 -5.74 -69.82 8.13
C GLU A 580 -6.21 -68.42 7.77
N SER A 581 -5.33 -67.44 7.96
CA SER A 581 -5.64 -66.05 7.65
C SER A 581 -5.83 -65.90 6.14
N GLU A 582 -6.62 -64.90 5.74
CA GLU A 582 -6.86 -64.65 4.32
C GLU A 582 -5.56 -64.29 3.62
N VAL A 583 -5.51 -64.61 2.32
CA VAL A 583 -4.37 -64.29 1.48
C VAL A 583 -4.94 -63.32 0.46
N VAL A 584 -4.48 -62.08 0.49
CA VAL A 584 -4.95 -61.06 -0.44
C VAL A 584 -3.99 -60.90 -1.62
N VAL A 585 -4.50 -61.10 -2.83
CA VAL A 585 -3.68 -60.96 -4.03
C VAL A 585 -4.18 -59.69 -4.74
N GLU A 586 -3.26 -58.75 -4.94
CA GLU A 586 -3.56 -57.44 -5.54
C GLU A 586 -2.87 -57.19 -6.87
N ARG A 587 -3.49 -56.36 -7.70
CA ARG A 587 -2.92 -56.00 -8.99
C ARG A 587 -3.71 -54.87 -9.66
N ASP A 588 -3.01 -53.78 -9.96
CA ASP A 588 -3.60 -52.64 -10.64
C ASP A 588 -3.11 -52.70 -12.09
N ILE A 589 -4.05 -52.76 -13.02
CA ILE A 589 -3.69 -52.83 -14.42
C ILE A 589 -4.09 -51.56 -15.16
N ILE A 590 -3.34 -51.22 -16.20
CA ILE A 590 -3.63 -50.03 -16.98
C ILE A 590 -3.79 -50.38 -18.47
N LEU A 591 -4.95 -50.05 -19.02
CA LEU A 591 -5.23 -50.33 -20.43
C LEU A 591 -4.68 -49.21 -21.31
N ASP A 592 -3.97 -49.58 -22.38
CA ASP A 592 -3.41 -48.59 -23.29
C ASP A 592 -4.53 -47.96 -24.13
N ASN A 593 -4.35 -46.71 -24.51
CA ASN A 593 -5.32 -46.04 -25.36
C ASN A 593 -4.97 -46.44 -26.78
N PRO A 594 -5.95 -46.37 -27.70
CA PRO A 594 -5.58 -46.75 -29.07
C PRO A 594 -4.56 -45.72 -29.54
N THR A 595 -3.76 -46.07 -30.53
CA THR A 595 -2.73 -45.17 -31.01
C THR A 595 -3.20 -43.90 -31.71
N LEU A 596 -2.49 -42.81 -31.44
CA LEU A 596 -2.75 -41.51 -32.06
C LEU A 596 -1.39 -41.12 -32.63
N THR A 597 -1.38 -40.70 -33.89
CA THR A 597 -0.12 -40.36 -34.54
C THR A 597 -0.04 -38.97 -35.17
N LEU A 598 1.15 -38.38 -35.08
CA LEU A 598 1.44 -37.07 -35.66
C LEU A 598 2.55 -37.29 -36.68
N GLU A 599 2.44 -36.65 -37.84
CA GLU A 599 3.45 -36.78 -38.89
C GLU A 599 3.75 -35.45 -39.57
N VAL A 600 5.02 -35.13 -39.76
CA VAL A 600 5.39 -33.89 -40.44
C VAL A 600 5.54 -34.27 -41.92
N LEU A 601 4.96 -33.48 -42.80
CA LEU A 601 5.02 -33.80 -44.24
C LEU A 601 6.16 -33.17 -45.03
N ASN A 602 7.15 -32.64 -44.32
CA ASN A 602 8.31 -32.04 -44.98
C ASN A 602 9.38 -31.65 -43.98
N GLU A 603 10.48 -31.14 -44.51
CA GLU A 603 11.60 -30.71 -43.69
C GLU A 603 11.13 -29.49 -42.89
N ALA A 604 11.62 -29.34 -41.66
CA ALA A 604 11.21 -28.21 -40.84
C ALA A 604 12.27 -27.13 -40.75
N ARG A 605 11.89 -25.91 -41.12
CA ARG A 605 12.79 -24.76 -41.07
C ARG A 605 12.08 -23.57 -40.42
N VAL A 606 12.82 -22.79 -39.63
CA VAL A 606 12.24 -21.64 -38.94
C VAL A 606 11.56 -20.66 -39.90
N ARG A 607 10.46 -20.09 -39.43
CA ARG A 607 9.67 -19.12 -40.21
C ARG A 607 9.18 -19.70 -41.53
N LYS A 608 9.26 -21.03 -41.65
CA LYS A 608 8.81 -21.71 -42.85
C LYS A 608 7.68 -22.68 -42.51
N PRO A 609 6.47 -22.45 -43.07
CA PRO A 609 5.34 -23.33 -42.80
C PRO A 609 5.61 -24.78 -43.17
N VAL A 610 5.15 -25.70 -42.32
CA VAL A 610 5.30 -27.12 -42.56
C VAL A 610 3.97 -27.78 -42.27
N ASN A 611 3.51 -28.59 -43.21
CA ASN A 611 2.24 -29.29 -43.06
C ASN A 611 2.42 -30.53 -42.20
N VAL A 612 1.47 -30.72 -41.29
CA VAL A 612 1.49 -31.86 -40.38
C VAL A 612 0.13 -32.54 -40.47
N GLN A 613 0.08 -33.81 -40.10
CA GLN A 613 -1.19 -34.51 -40.15
C GLN A 613 -1.34 -35.41 -38.94
N MET A 614 -2.56 -35.47 -38.42
CA MET A 614 -2.90 -36.30 -37.28
C MET A 614 -3.65 -37.51 -37.82
N LEU A 615 -3.28 -38.69 -37.36
CA LEU A 615 -3.95 -39.90 -37.81
C LEU A 615 -4.49 -40.66 -36.60
N PHE A 616 -5.74 -41.09 -36.70
CA PHE A 616 -6.36 -41.86 -35.63
C PHE A 616 -7.36 -42.84 -36.23
N SER A 617 -7.25 -44.10 -35.82
CA SER A 617 -8.16 -45.13 -36.30
C SER A 617 -9.02 -45.62 -35.14
N ASN A 618 -10.33 -45.64 -35.38
CA ASN A 618 -11.30 -46.09 -34.38
C ASN A 618 -11.33 -47.62 -34.38
N PRO A 619 -10.92 -48.24 -33.27
CA PRO A 619 -10.92 -49.71 -33.20
C PRO A 619 -12.24 -50.30 -32.75
N LEU A 620 -13.17 -49.45 -32.33
CA LEU A 620 -14.47 -49.90 -31.82
C LEU A 620 -15.51 -50.24 -32.88
N ASP A 621 -16.55 -50.95 -32.45
CA ASP A 621 -17.65 -51.33 -33.33
C ASP A 621 -18.67 -50.22 -33.41
N GLU A 622 -18.44 -49.15 -32.66
CA GLU A 622 -19.34 -48.00 -32.68
C GLU A 622 -18.53 -46.76 -33.01
N PRO A 623 -19.17 -45.73 -33.56
CA PRO A 623 -18.43 -44.52 -33.89
C PRO A 623 -18.06 -43.72 -32.64
N VAL A 624 -17.08 -42.84 -32.78
CA VAL A 624 -16.68 -41.98 -31.68
C VAL A 624 -17.08 -40.57 -32.08
N ARG A 625 -17.59 -39.80 -31.12
CA ARG A 625 -18.05 -38.44 -31.41
C ARG A 625 -17.47 -37.37 -30.50
N ASP A 626 -17.85 -36.11 -30.80
CA ASP A 626 -17.39 -34.96 -30.04
C ASP A 626 -15.88 -35.00 -29.98
N CYS A 627 -15.27 -35.26 -31.13
CA CYS A 627 -13.83 -35.35 -31.23
C CYS A 627 -13.16 -33.99 -31.33
N VAL A 628 -12.21 -33.74 -30.44
CA VAL A 628 -11.48 -32.48 -30.44
C VAL A 628 -9.99 -32.78 -30.39
N LEU A 629 -9.24 -32.15 -31.29
CA LEU A 629 -7.80 -32.31 -31.37
C LEU A 629 -7.16 -31.01 -30.86
N MET A 630 -6.32 -31.12 -29.83
CA MET A 630 -5.63 -29.96 -29.25
C MET A 630 -4.14 -30.10 -29.54
N VAL A 631 -3.54 -29.10 -30.17
CA VAL A 631 -2.12 -29.16 -30.51
C VAL A 631 -1.32 -27.94 -30.06
N GLU A 632 -0.12 -28.19 -29.52
CA GLU A 632 0.74 -27.09 -29.09
C GLU A 632 2.18 -27.54 -29.04
N GLY A 633 3.08 -26.57 -28.87
CA GLY A 633 4.50 -26.86 -28.80
C GLY A 633 5.26 -25.55 -28.90
N SER A 634 6.00 -25.20 -27.87
CA SER A 634 6.75 -23.95 -27.89
C SER A 634 7.77 -23.93 -29.01
N GLY A 635 7.80 -22.83 -29.75
CA GLY A 635 8.73 -22.72 -30.85
C GLY A 635 8.19 -23.32 -32.13
N LEU A 636 7.04 -23.99 -32.06
CA LEU A 636 6.44 -24.60 -33.25
C LEU A 636 5.12 -23.93 -33.58
N LEU A 637 4.33 -23.63 -32.55
CA LEU A 637 3.04 -22.97 -32.71
C LEU A 637 2.87 -21.93 -31.60
N LEU A 638 2.21 -20.84 -31.94
CA LEU A 638 1.92 -19.80 -30.96
C LEU A 638 0.65 -20.26 -30.28
N GLY A 639 0.74 -20.55 -28.99
CA GLY A 639 -0.42 -21.00 -28.25
C GLY A 639 -0.91 -22.39 -28.62
N ASN A 640 -2.18 -22.65 -28.32
CA ASN A 640 -2.82 -23.92 -28.58
C ASN A 640 -3.76 -23.88 -29.79
N LEU A 641 -3.66 -24.90 -30.62
CA LEU A 641 -4.51 -25.03 -31.80
C LEU A 641 -5.63 -26.02 -31.47
N LYS A 642 -6.87 -25.60 -31.65
CA LYS A 642 -8.00 -26.49 -31.37
C LYS A 642 -8.71 -26.81 -32.68
N ILE A 643 -8.89 -28.09 -32.95
CA ILE A 643 -9.55 -28.53 -34.18
C ILE A 643 -10.69 -29.51 -33.89
N ASP A 644 -11.86 -29.18 -34.41
CA ASP A 644 -13.04 -30.03 -34.24
C ASP A 644 -13.02 -31.09 -35.33
N VAL A 645 -13.11 -32.36 -34.91
CA VAL A 645 -13.09 -33.47 -35.85
C VAL A 645 -14.47 -34.12 -35.83
N PRO A 646 -15.05 -34.34 -37.02
CA PRO A 646 -16.38 -34.95 -37.13
C PRO A 646 -16.44 -36.38 -36.61
N THR A 647 -17.66 -36.83 -36.35
CA THR A 647 -17.89 -38.19 -35.86
C THR A 647 -17.13 -39.17 -36.76
N LEU A 648 -16.45 -40.13 -36.13
CA LEU A 648 -15.67 -41.11 -36.88
C LEU A 648 -16.28 -42.49 -36.73
N GLY A 649 -16.74 -43.04 -37.85
CA GLY A 649 -17.36 -44.35 -37.82
C GLY A 649 -16.46 -45.45 -37.30
N PRO A 650 -17.03 -46.62 -36.99
CA PRO A 650 -16.25 -47.75 -36.49
C PRO A 650 -15.26 -48.28 -37.53
N LYS A 651 -14.05 -48.59 -37.08
CA LYS A 651 -13.01 -49.12 -37.95
C LYS A 651 -12.56 -48.13 -39.02
N GLU A 652 -13.01 -46.89 -38.91
CA GLU A 652 -12.62 -45.87 -39.88
C GLU A 652 -11.45 -45.05 -39.36
N ARG A 653 -10.83 -44.25 -40.23
CA ARG A 653 -9.69 -43.46 -39.84
C ARG A 653 -9.86 -41.97 -40.06
N SER A 654 -9.41 -41.18 -39.08
CA SER A 654 -9.49 -39.74 -39.16
C SER A 654 -8.14 -39.19 -39.55
N ARG A 655 -8.13 -38.35 -40.59
CA ARG A 655 -6.91 -37.74 -41.06
C ARG A 655 -7.11 -36.24 -41.01
N VAL A 656 -6.43 -35.58 -40.08
CA VAL A 656 -6.55 -34.14 -39.90
C VAL A 656 -5.24 -33.44 -40.23
N ARG A 657 -5.30 -32.49 -41.15
CA ARG A 657 -4.10 -31.74 -41.53
C ARG A 657 -4.13 -30.30 -41.06
N PHE A 658 -2.96 -29.81 -40.65
CA PHE A 658 -2.79 -28.43 -40.18
C PHE A 658 -1.34 -28.00 -40.38
N ASP A 659 -1.12 -26.70 -40.38
CA ASP A 659 0.23 -26.18 -40.57
C ASP A 659 0.79 -25.56 -39.29
N ILE A 660 2.08 -25.77 -39.05
CA ILE A 660 2.75 -25.18 -37.89
C ILE A 660 3.78 -24.24 -38.48
N LEU A 661 4.28 -23.31 -37.66
CA LEU A 661 5.27 -22.34 -38.11
C LEU A 661 6.40 -22.21 -37.11
N PRO A 662 7.46 -23.03 -37.26
CA PRO A 662 8.60 -22.99 -36.34
C PRO A 662 9.13 -21.56 -36.18
N SER A 663 9.52 -21.20 -34.96
CA SER A 663 10.04 -19.87 -34.68
C SER A 663 11.43 -19.89 -34.02
N ARG A 664 11.86 -21.06 -33.57
CA ARG A 664 13.18 -21.21 -32.96
C ARG A 664 13.75 -22.57 -33.39
N SER A 665 14.94 -22.54 -33.96
CA SER A 665 15.60 -23.75 -34.45
C SER A 665 16.03 -24.67 -33.31
N GLY A 666 16.19 -25.95 -33.64
CA GLY A 666 16.61 -26.92 -32.65
C GLY A 666 15.63 -28.07 -32.52
N THR A 667 15.87 -28.94 -31.54
CA THR A 667 15.02 -30.09 -31.29
C THR A 667 13.77 -29.61 -30.53
N LYS A 668 12.64 -29.56 -31.22
CA LYS A 668 11.40 -29.11 -30.60
C LYS A 668 10.43 -30.27 -30.36
N GLN A 669 9.39 -29.99 -29.59
CA GLN A 669 8.41 -31.01 -29.24
C GLN A 669 6.98 -30.58 -29.53
N LEU A 670 6.32 -31.33 -30.41
CA LEU A 670 4.94 -31.04 -30.76
C LEU A 670 4.07 -32.03 -29.99
N LEU A 671 3.10 -31.50 -29.25
CA LEU A 671 2.20 -32.33 -28.48
C LEU A 671 0.78 -32.16 -28.99
N ALA A 672 -0.01 -33.22 -28.83
CA ALA A 672 -1.40 -33.20 -29.24
C ALA A 672 -2.23 -34.06 -28.31
N ASP A 673 -3.48 -33.65 -28.13
CA ASP A 673 -4.43 -34.39 -27.31
C ASP A 673 -5.64 -34.61 -28.20
N PHE A 674 -6.18 -35.82 -28.20
CA PHE A 674 -7.37 -36.13 -28.98
C PHE A 674 -8.38 -36.73 -28.03
N SER A 675 -9.44 -35.96 -27.74
CA SER A 675 -10.49 -36.40 -26.84
C SER A 675 -11.81 -36.60 -27.59
N CYS A 676 -12.52 -37.67 -27.24
CA CYS A 676 -13.82 -37.97 -27.86
C CYS A 676 -14.64 -38.70 -26.80
N ASN A 677 -15.92 -38.94 -27.07
CA ASN A 677 -16.78 -39.58 -26.08
C ASN A 677 -16.31 -40.93 -25.55
N LYS A 678 -15.78 -41.79 -26.42
CA LYS A 678 -15.33 -43.09 -25.95
C LYS A 678 -13.85 -43.13 -25.55
N PHE A 679 -13.10 -42.11 -25.96
CA PHE A 679 -11.68 -42.04 -25.65
C PHE A 679 -11.21 -40.67 -25.16
N PRO A 680 -11.35 -40.39 -23.85
CA PRO A 680 -10.90 -39.09 -23.38
C PRO A 680 -9.37 -39.03 -23.31
N ALA A 681 -8.82 -37.86 -23.65
CA ALA A 681 -7.39 -37.58 -23.61
C ALA A 681 -6.41 -38.60 -24.18
N ILE A 682 -6.50 -38.87 -25.47
CA ILE A 682 -5.52 -39.78 -26.10
C ILE A 682 -4.37 -38.83 -26.37
N LYS A 683 -3.15 -39.20 -26.00
CA LYS A 683 -1.99 -38.34 -26.19
C LYS A 683 -1.08 -38.80 -27.32
N ALA A 684 -0.33 -37.84 -27.87
CA ALA A 684 0.62 -38.09 -28.95
C ALA A 684 1.69 -37.01 -28.93
N MET A 685 2.93 -37.39 -29.17
CA MET A 685 4.01 -36.41 -29.20
C MET A 685 4.93 -36.70 -30.38
N LEU A 686 5.53 -35.65 -30.91
CA LEU A 686 6.43 -35.78 -32.05
C LEU A 686 7.62 -34.82 -31.90
N SER A 687 8.83 -35.38 -31.92
CA SER A 687 10.03 -34.57 -31.81
C SER A 687 10.29 -34.03 -33.22
N ILE A 688 10.66 -32.75 -33.32
CA ILE A 688 10.91 -32.17 -34.62
C ILE A 688 12.16 -31.32 -34.61
N ASP A 689 13.08 -31.58 -35.54
CA ASP A 689 14.29 -30.79 -35.63
C ASP A 689 14.07 -29.63 -36.57
N VAL A 690 14.09 -28.41 -36.03
CA VAL A 690 13.91 -27.20 -36.81
C VAL A 690 15.29 -26.60 -37.07
N ALA A 691 15.64 -26.44 -38.34
CA ALA A 691 16.95 -25.90 -38.72
C ALA A 691 16.90 -24.42 -39.03
N GLU A 692 18.08 -23.78 -38.94
CA GLU A 692 18.30 -22.36 -39.21
C GLU A 692 19.04 -21.67 -38.04
N ALA B 1 -34.53 5.72 57.39
CA ALA B 1 -33.36 6.53 56.97
C ALA B 1 -33.75 7.55 55.90
N ALA B 2 -33.07 8.69 55.89
CA ALA B 2 -33.34 9.76 54.93
C ALA B 2 -32.88 9.42 53.51
N LEU B 3 -33.57 10.00 52.53
CA LEU B 3 -33.21 9.77 51.14
C LEU B 3 -31.83 10.35 50.83
N GLY B 4 -31.00 9.58 50.12
CA GLY B 4 -29.67 10.04 49.78
C GLY B 4 -29.15 9.30 48.56
N VAL B 5 -28.17 9.88 47.88
CA VAL B 5 -27.60 9.25 46.69
C VAL B 5 -26.53 8.25 47.07
N GLN B 6 -26.59 7.07 46.46
CA GLN B 6 -25.63 6.02 46.71
C GLN B 6 -24.51 6.17 45.67
N SER B 7 -24.92 6.41 44.42
CA SER B 7 -23.97 6.58 43.32
C SER B 7 -24.69 7.08 42.08
N ILE B 8 -23.92 7.60 41.14
CA ILE B 8 -24.49 8.10 39.90
C ILE B 8 -23.68 7.60 38.70
N ASN B 9 -24.39 7.14 37.68
CA ASN B 9 -23.79 6.64 36.44
C ASN B 9 -24.02 7.73 35.40
N TRP B 10 -22.97 8.42 34.99
CA TRP B 10 -23.10 9.49 34.03
C TRP B 10 -23.27 9.03 32.58
N GLN B 11 -23.17 7.72 32.36
CA GLN B 11 -23.32 7.14 31.04
C GLN B 11 -22.54 7.97 30.02
N THR B 12 -21.33 8.34 30.41
CA THR B 12 -20.44 9.16 29.60
C THR B 12 -20.32 8.73 28.15
N ALA B 13 -19.96 7.47 27.91
CA ALA B 13 -19.80 6.99 26.53
C ALA B 13 -21.07 7.28 25.71
N PHE B 14 -22.22 6.90 26.26
CA PHE B 14 -23.49 7.10 25.58
C PHE B 14 -23.84 8.58 25.33
N ASN B 15 -23.66 9.42 26.33
CA ASN B 15 -23.97 10.83 26.18
C ASN B 15 -23.02 11.59 25.27
N ARG B 16 -21.74 11.27 25.33
CA ARG B 16 -20.77 11.97 24.49
C ARG B 16 -20.96 11.61 23.02
N GLN B 17 -21.32 10.36 22.76
CA GLN B 17 -21.56 9.90 21.40
C GLN B 17 -22.75 10.70 20.85
N ALA B 18 -23.78 10.86 21.67
CA ALA B 18 -24.97 11.59 21.26
C ALA B 18 -24.71 13.09 21.10
N HIS B 19 -23.80 13.62 21.92
CA HIS B 19 -23.46 15.04 21.87
C HIS B 19 -22.31 15.37 20.92
N HIS B 20 -21.82 14.37 20.20
CA HIS B 20 -20.75 14.58 19.24
C HIS B 20 -19.49 15.15 19.91
N THR B 21 -19.14 14.59 21.07
CA THR B 21 -17.96 15.04 21.81
C THR B 21 -17.07 13.86 22.17
N ASP B 22 -17.33 12.71 21.53
CA ASP B 22 -16.58 11.49 21.80
C ASP B 22 -15.13 11.46 21.29
N LYS B 23 -14.77 12.38 20.41
CA LYS B 23 -13.41 12.37 19.87
C LYS B 23 -12.34 12.94 20.80
N PHE B 24 -12.74 13.79 21.76
CA PHE B 24 -11.79 14.36 22.69
C PHE B 24 -11.16 13.21 23.50
N SER B 25 -9.87 13.28 23.77
CA SER B 25 -9.21 12.21 24.51
C SER B 25 -9.58 12.18 26.00
N SER B 26 -10.06 13.29 26.52
CA SER B 26 -10.46 13.40 27.92
C SER B 26 -11.38 12.28 28.39
N GLN B 27 -11.37 12.03 29.70
CA GLN B 27 -12.20 11.00 30.33
C GLN B 27 -13.47 11.65 30.88
N GLU B 28 -13.46 12.97 30.92
CA GLU B 28 -14.57 13.77 31.44
C GLU B 28 -15.88 13.70 30.65
N LEU B 29 -16.92 14.22 31.28
CA LEU B 29 -18.24 14.28 30.66
C LEU B 29 -18.29 15.60 29.90
N ILE B 30 -18.17 15.52 28.59
CA ILE B 30 -18.18 16.70 27.73
C ILE B 30 -19.52 16.70 27.00
N LEU B 31 -20.30 17.77 27.22
CA LEU B 31 -21.63 17.88 26.61
C LEU B 31 -21.78 19.21 25.86
N ARG B 32 -22.87 19.33 25.11
CA ARG B 32 -23.16 20.56 24.36
C ARG B 32 -24.50 21.11 24.83
N ARG B 33 -24.58 22.43 24.98
CA ARG B 33 -25.80 23.08 25.46
C ARG B 33 -27.02 22.82 24.60
N GLY B 34 -28.20 22.95 25.21
CA GLY B 34 -29.46 22.78 24.51
C GLY B 34 -29.87 21.37 24.14
N GLN B 35 -29.09 20.38 24.57
CA GLN B 35 -29.37 18.99 24.26
C GLN B 35 -29.40 18.21 25.56
N ASN B 36 -30.38 17.32 25.71
CA ASN B 36 -30.45 16.58 26.96
C ASN B 36 -29.53 15.36 27.03
N PHE B 37 -29.18 14.98 28.25
CA PHE B 37 -28.33 13.82 28.48
C PHE B 37 -29.00 12.99 29.57
N GLN B 38 -28.64 11.70 29.63
CA GLN B 38 -29.25 10.79 30.58
C GLN B 38 -28.29 10.21 31.59
N VAL B 39 -28.71 10.21 32.86
CA VAL B 39 -27.89 9.66 33.93
C VAL B 39 -28.74 8.72 34.77
N LEU B 40 -28.08 7.77 35.42
CA LEU B 40 -28.76 6.80 36.27
C LEU B 40 -28.33 7.13 37.68
N MET B 41 -29.30 7.43 38.54
CA MET B 41 -29.00 7.79 39.92
C MET B 41 -29.51 6.71 40.87
N ILE B 42 -28.58 5.98 41.48
CA ILE B 42 -28.96 4.93 42.42
C ILE B 42 -29.09 5.53 43.82
N MET B 43 -30.32 5.57 44.33
CA MET B 43 -30.57 6.11 45.66
C MET B 43 -30.52 4.98 46.69
N ASN B 44 -30.64 5.34 47.97
CA ASN B 44 -30.59 4.36 49.06
C ASN B 44 -31.96 3.74 49.31
N LYS B 45 -33.00 4.35 48.74
CA LYS B 45 -34.36 3.87 48.89
C LYS B 45 -35.24 4.43 47.77
N GLY B 46 -36.52 4.07 47.80
CA GLY B 46 -37.44 4.55 46.79
C GLY B 46 -37.72 6.03 47.03
N LEU B 47 -38.13 6.73 45.97
CA LEU B 47 -38.42 8.15 46.07
C LEU B 47 -39.82 8.31 46.65
N GLY B 48 -39.90 8.81 47.88
CA GLY B 48 -41.18 9.00 48.53
C GLY B 48 -42.03 10.09 47.89
N SER B 49 -43.33 9.91 47.90
CA SER B 49 -44.23 10.89 47.29
C SER B 49 -44.16 12.25 47.99
N ASN B 50 -43.56 12.28 49.19
CA ASN B 50 -43.44 13.52 49.93
C ASN B 50 -42.02 14.07 49.89
N GLU B 51 -41.09 13.31 49.32
CA GLU B 51 -39.71 13.75 49.23
C GLU B 51 -39.55 14.54 47.92
N ARG B 52 -38.44 15.27 47.79
CA ARG B 52 -38.21 16.08 46.61
C ARG B 52 -36.73 16.22 46.29
N LEU B 53 -36.40 16.35 45.01
CA LEU B 53 -35.03 16.49 44.59
C LEU B 53 -34.83 17.74 43.74
N GLU B 54 -33.82 18.53 44.09
CA GLU B 54 -33.53 19.75 43.35
C GLU B 54 -32.11 19.64 42.81
N PHE B 55 -31.97 19.79 41.50
CA PHE B 55 -30.65 19.74 40.90
C PHE B 55 -30.08 21.15 40.89
N ILE B 56 -28.77 21.26 40.99
CA ILE B 56 -28.14 22.56 41.00
C ILE B 56 -26.89 22.55 40.16
N VAL B 57 -26.88 23.35 39.09
CA VAL B 57 -25.71 23.46 38.23
C VAL B 57 -25.10 24.84 38.42
N SER B 58 -23.78 24.93 38.33
CA SER B 58 -23.09 26.20 38.51
C SER B 58 -21.75 26.26 37.79
N THR B 59 -21.45 27.44 37.25
CA THR B 59 -20.20 27.64 36.55
C THR B 59 -19.62 28.99 36.94
N GLY B 60 -18.31 29.04 37.09
CA GLY B 60 -17.65 30.28 37.45
C GLY B 60 -17.41 30.48 38.94
N PRO B 61 -16.74 31.57 39.32
CA PRO B 61 -16.47 31.84 40.73
C PRO B 61 -17.64 32.51 41.47
N TYR B 62 -18.59 33.08 40.72
CA TYR B 62 -19.75 33.73 41.32
C TYR B 62 -21.06 33.28 40.68
N PRO B 63 -21.38 31.97 40.81
CA PRO B 63 -22.61 31.42 40.23
C PRO B 63 -23.83 32.24 40.59
N SER B 64 -24.54 32.73 39.58
CA SER B 64 -25.72 33.55 39.80
C SER B 64 -26.91 33.11 38.94
N GLU B 65 -28.07 32.93 39.57
CA GLU B 65 -29.26 32.51 38.86
C GLU B 65 -29.73 33.57 37.86
N SER B 66 -29.62 34.84 38.23
CA SER B 66 -30.06 35.91 37.33
C SER B 66 -29.11 36.08 36.16
N ALA B 67 -27.88 35.59 36.30
CA ALA B 67 -26.88 35.70 35.23
C ALA B 67 -26.82 34.43 34.40
N MET B 68 -27.62 33.44 34.77
CA MET B 68 -27.66 32.15 34.06
C MET B 68 -26.39 31.35 34.34
N THR B 69 -25.59 31.75 35.32
CA THR B 69 -24.37 31.02 35.64
C THR B 69 -24.60 30.04 36.79
N LYS B 70 -25.87 29.91 37.16
CA LYS B 70 -26.30 28.99 38.21
C LYS B 70 -27.77 28.70 37.97
N ALA B 71 -28.17 27.44 38.10
CA ALA B 71 -29.55 27.07 37.90
C ALA B 71 -29.96 25.98 38.86
N VAL B 72 -31.15 26.15 39.43
CA VAL B 72 -31.70 25.19 40.36
C VAL B 72 -33.01 24.73 39.73
N PHE B 73 -33.17 23.44 39.54
CA PHE B 73 -34.40 22.92 38.95
C PHE B 73 -34.83 21.61 39.58
N PRO B 74 -36.15 21.42 39.77
CA PRO B 74 -36.70 20.21 40.37
C PRO B 74 -36.75 18.99 39.44
N LEU B 75 -36.71 17.81 40.05
CA LEU B 75 -36.77 16.56 39.32
C LEU B 75 -38.25 16.39 39.02
N SER B 76 -38.72 17.14 38.04
CA SER B 76 -40.11 17.13 37.61
C SER B 76 -40.21 17.49 36.14
N ASN B 77 -41.12 16.83 35.44
CA ASN B 77 -41.34 17.05 34.01
C ASN B 77 -41.53 18.51 33.64
N GLY B 78 -42.01 18.75 32.42
CA GLY B 78 -42.24 20.11 31.95
C GLY B 78 -40.96 20.87 31.67
N SER B 79 -40.32 20.56 30.55
CA SER B 79 -39.09 21.24 30.17
C SER B 79 -39.33 22.76 30.12
N SER B 80 -38.80 23.47 31.11
CA SER B 80 -38.97 24.92 31.19
C SER B 80 -38.05 25.64 30.20
N GLY B 81 -37.84 25.02 29.05
CA GLY B 81 -37.00 25.60 28.02
C GLY B 81 -35.53 25.54 28.38
N GLY B 82 -35.19 26.01 29.58
CA GLY B 82 -33.81 26.00 30.01
C GLY B 82 -33.46 24.70 30.70
N TRP B 83 -32.94 24.81 31.92
CA TRP B 83 -32.55 23.64 32.69
C TRP B 83 -33.77 22.92 33.24
N SER B 84 -33.72 21.59 33.18
CA SER B 84 -34.81 20.77 33.69
C SER B 84 -34.34 19.33 33.88
N ALA B 85 -35.10 18.59 34.68
CA ALA B 85 -34.79 17.20 34.96
C ALA B 85 -36.07 16.40 34.87
N VAL B 86 -36.06 15.32 34.10
CA VAL B 86 -37.23 14.49 33.95
C VAL B 86 -36.97 13.05 34.40
N LEU B 87 -37.82 12.56 35.29
CA LEU B 87 -37.71 11.17 35.76
C LEU B 87 -38.35 10.30 34.68
N GLN B 88 -37.52 9.61 33.91
CA GLN B 88 -38.01 8.76 32.83
C GLN B 88 -38.46 7.38 33.30
N ALA B 89 -37.79 6.84 34.31
CA ALA B 89 -38.12 5.52 34.83
C ALA B 89 -37.55 5.28 36.22
N SER B 90 -38.21 4.40 36.98
CA SER B 90 -37.78 4.04 38.31
C SER B 90 -37.72 2.53 38.43
N ASN B 91 -36.53 1.99 38.65
CA ASN B 91 -36.37 0.55 38.79
C ASN B 91 -35.61 0.32 40.09
N GLY B 92 -36.31 -0.20 41.09
CA GLY B 92 -35.67 -0.42 42.37
C GLY B 92 -35.40 0.96 42.95
N ASN B 93 -34.16 1.21 43.37
CA ASN B 93 -33.79 2.51 43.92
C ASN B 93 -33.06 3.32 42.87
N THR B 94 -33.05 2.84 41.64
CA THR B 94 -32.37 3.52 40.55
C THR B 94 -33.32 4.40 39.73
N LEU B 95 -33.00 5.69 39.65
CA LEU B 95 -33.82 6.62 38.90
C LEU B 95 -33.15 6.98 37.58
N THR B 96 -33.87 6.78 36.48
CA THR B 96 -33.34 7.13 35.16
C THR B 96 -33.77 8.57 34.88
N ILE B 97 -32.82 9.49 35.02
CA ILE B 97 -33.12 10.90 34.81
C ILE B 97 -32.56 11.50 33.52
N SER B 98 -33.31 12.43 32.94
CA SER B 98 -32.94 13.11 31.72
C SER B 98 -32.81 14.60 32.04
N ILE B 99 -31.60 15.13 31.87
CA ILE B 99 -31.35 16.53 32.15
C ILE B 99 -31.22 17.35 30.87
N SER B 100 -31.87 18.51 30.87
CA SER B 100 -31.86 19.41 29.74
C SER B 100 -31.23 20.73 30.16
N SER B 101 -30.53 21.37 29.22
CA SER B 101 -29.89 22.66 29.48
C SER B 101 -30.44 23.62 28.44
N PRO B 102 -30.30 24.93 28.67
CA PRO B 102 -30.81 25.89 27.68
C PRO B 102 -29.83 26.13 26.54
N ALA B 103 -30.37 26.38 25.35
CA ALA B 103 -29.57 26.63 24.16
C ALA B 103 -28.70 27.86 24.35
N SER B 104 -29.09 28.72 25.30
CA SER B 104 -28.33 29.94 25.56
C SER B 104 -27.49 29.87 26.83
N ALA B 105 -27.20 28.68 27.31
CA ALA B 105 -26.40 28.55 28.53
C ALA B 105 -24.94 28.93 28.28
N PRO B 106 -24.26 29.48 29.31
CA PRO B 106 -22.86 29.87 29.14
C PRO B 106 -22.03 28.60 29.02
N ILE B 107 -21.00 28.60 28.17
CA ILE B 107 -20.18 27.41 28.03
C ILE B 107 -19.11 27.38 29.10
N GLY B 108 -18.53 26.19 29.30
CA GLY B 108 -17.48 26.07 30.30
C GLY B 108 -17.62 24.90 31.23
N ARG B 109 -16.84 24.91 32.31
CA ARG B 109 -16.90 23.85 33.29
C ARG B 109 -18.00 24.12 34.30
N TYR B 110 -18.81 23.10 34.55
CA TYR B 110 -19.93 23.20 35.48
C TYR B 110 -19.82 22.16 36.59
N THR B 111 -20.40 22.49 37.74
CA THR B 111 -20.44 21.58 38.87
C THR B 111 -21.93 21.26 39.03
N MET B 112 -22.25 20.03 39.40
CA MET B 112 -23.66 19.67 39.60
C MET B 112 -23.86 19.08 40.99
N ALA B 113 -24.74 19.72 41.76
CA ALA B 113 -25.05 19.26 43.10
C ALA B 113 -26.51 18.87 43.19
N LEU B 114 -26.86 18.15 44.24
CA LEU B 114 -28.24 17.70 44.42
C LEU B 114 -28.75 18.06 45.81
N GLN B 115 -29.94 18.65 45.86
CA GLN B 115 -30.54 19.03 47.13
C GLN B 115 -31.65 18.01 47.40
N ILE B 116 -31.67 17.46 48.61
CA ILE B 116 -32.67 16.46 48.97
C ILE B 116 -33.54 16.85 50.17
N PHE B 117 -34.85 16.84 49.94
CA PHE B 117 -35.83 17.15 50.97
C PHE B 117 -36.40 15.82 51.44
N SER B 118 -36.00 15.37 52.62
CA SER B 118 -36.46 14.10 53.15
C SER B 118 -36.64 14.12 54.66
N GLN B 119 -37.69 13.47 55.12
CA GLN B 119 -37.99 13.36 56.54
C GLN B 119 -37.89 14.67 57.31
N GLY B 120 -38.56 15.70 56.81
CA GLY B 120 -38.55 16.99 57.47
C GLY B 120 -37.23 17.76 57.47
N GLY B 121 -36.24 17.27 56.73
CA GLY B 121 -34.97 17.96 56.70
C GLY B 121 -34.43 18.16 55.29
N ILE B 122 -33.27 18.78 55.19
CA ILE B 122 -32.65 19.03 53.90
C ILE B 122 -31.18 18.64 53.90
N SER B 123 -30.76 17.91 52.88
CA SER B 123 -29.36 17.53 52.75
C SER B 123 -28.93 17.95 51.35
N SER B 124 -27.62 18.14 51.16
CA SER B 124 -27.14 18.53 49.85
C SER B 124 -25.82 17.83 49.57
N VAL B 125 -25.66 17.33 48.35
CA VAL B 125 -24.43 16.63 47.99
C VAL B 125 -23.99 16.94 46.56
N LYS B 126 -22.68 17.04 46.36
CA LYS B 126 -22.15 17.31 45.02
C LYS B 126 -22.18 16.00 44.23
N LEU B 127 -22.69 16.07 43.00
CA LEU B 127 -22.77 14.89 42.14
C LEU B 127 -21.55 14.72 41.25
N GLY B 128 -21.00 15.85 40.79
CA GLY B 128 -19.85 15.79 39.92
C GLY B 128 -19.77 17.01 39.03
N THR B 129 -18.88 16.95 38.03
CA THR B 129 -18.71 18.05 37.11
C THR B 129 -18.78 17.58 35.66
N PHE B 130 -19.02 18.52 34.76
CA PHE B 130 -19.09 18.25 33.33
C PHE B 130 -18.62 19.49 32.60
N ILE B 131 -18.43 19.37 31.29
CA ILE B 131 -18.02 20.50 30.46
C ILE B 131 -19.15 20.74 29.48
N LEU B 132 -19.51 21.99 29.26
CA LEU B 132 -20.60 22.34 28.35
C LEU B 132 -20.04 23.26 27.25
N LEU B 133 -20.24 22.85 25.99
CA LEU B 133 -19.75 23.59 24.82
C LEU B 133 -20.88 24.08 23.91
N PHE B 134 -20.52 24.88 22.90
CA PHE B 134 -21.52 25.36 21.95
C PHE B 134 -22.00 24.13 21.19
N ASN B 135 -23.20 24.20 20.62
CA ASN B 135 -23.77 23.07 19.91
C ASN B 135 -24.13 23.37 18.45
N PRO B 136 -23.17 23.23 17.53
CA PRO B 136 -23.40 23.49 16.10
C PRO B 136 -24.45 22.56 15.48
N TRP B 137 -24.90 21.58 16.25
CA TRP B 137 -25.91 20.60 15.79
C TRP B 137 -27.34 21.05 16.13
N LEU B 138 -27.47 21.95 17.10
CA LEU B 138 -28.75 22.45 17.56
C LEU B 138 -29.29 23.63 16.74
N ASN B 139 -30.38 23.40 16.00
CA ASN B 139 -30.96 24.44 15.16
C ASN B 139 -31.13 25.80 15.84
N VAL B 140 -31.46 25.82 17.13
CA VAL B 140 -31.66 27.10 17.81
C VAL B 140 -30.40 27.70 18.43
N ASP B 141 -29.29 26.96 18.41
CA ASP B 141 -28.06 27.50 18.97
C ASP B 141 -27.53 28.51 17.96
N SER B 142 -26.95 29.61 18.42
CA SER B 142 -26.44 30.63 17.52
C SER B 142 -25.30 30.14 16.61
N VAL B 143 -24.62 29.07 17.00
CA VAL B 143 -23.53 28.53 16.19
C VAL B 143 -24.00 27.44 15.24
N PHE B 144 -25.29 27.21 15.20
CA PHE B 144 -25.86 26.18 14.35
C PHE B 144 -25.37 26.15 12.91
N MET B 145 -24.95 24.97 12.46
CA MET B 145 -24.49 24.77 11.08
C MET B 145 -25.22 23.50 10.63
N GLY B 146 -26.23 23.69 9.79
CA GLY B 146 -27.05 22.59 9.32
C GLY B 146 -26.50 21.56 8.35
N ASN B 147 -25.51 21.93 7.53
CA ASN B 147 -24.96 20.97 6.58
C ASN B 147 -23.95 20.06 7.25
N HIS B 148 -24.14 18.76 7.05
CA HIS B 148 -23.30 17.73 7.64
C HIS B 148 -21.83 17.81 7.25
N ALA B 149 -21.55 17.77 5.95
CA ALA B 149 -20.17 17.80 5.48
C ALA B 149 -19.43 19.03 5.99
N GLU B 150 -20.08 20.18 5.92
CA GLU B 150 -19.48 21.43 6.36
C GLU B 150 -19.22 21.41 7.86
N ARG B 151 -20.19 20.94 8.64
CA ARG B 151 -20.02 20.88 10.08
C ARG B 151 -18.86 19.93 10.42
N GLU B 152 -18.75 18.81 9.72
CA GLU B 152 -17.66 17.87 9.96
C GLU B 152 -16.29 18.48 9.69
N GLU B 153 -16.21 19.32 8.65
CA GLU B 153 -14.95 19.99 8.33
C GLU B 153 -14.63 21.11 9.29
N TYR B 154 -15.61 21.97 9.56
CA TYR B 154 -15.39 23.12 10.41
C TYR B 154 -15.42 22.91 11.93
N VAL B 155 -15.82 21.72 12.38
CA VAL B 155 -15.86 21.46 13.82
C VAL B 155 -15.07 20.20 14.21
N GLN B 156 -15.34 19.10 13.50
CA GLN B 156 -14.73 17.82 13.81
C GLN B 156 -13.37 17.48 13.17
N GLU B 157 -12.92 18.27 12.21
CA GLU B 157 -11.63 17.98 11.57
C GLU B 157 -10.45 18.61 12.31
N ASP B 158 -9.45 17.79 12.62
CA ASP B 158 -8.26 18.26 13.33
C ASP B 158 -7.03 18.37 12.45
N ALA B 159 -7.18 18.06 11.17
CA ALA B 159 -6.06 18.15 10.22
C ALA B 159 -6.44 19.27 9.26
N GLY B 160 -5.54 20.24 9.09
CA GLY B 160 -5.85 21.35 8.20
C GLY B 160 -4.84 21.72 7.13
N ILE B 161 -5.22 22.74 6.36
CA ILE B 161 -4.42 23.26 5.26
C ILE B 161 -4.44 24.79 5.29
N ILE B 162 -3.27 25.41 5.30
CA ILE B 162 -3.18 26.86 5.30
C ILE B 162 -2.44 27.32 4.06
N PHE B 163 -3.05 28.20 3.29
CA PHE B 163 -2.40 28.68 2.08
C PHE B 163 -1.45 29.86 2.35
N VAL B 164 -0.31 29.83 1.69
CA VAL B 164 0.71 30.86 1.84
C VAL B 164 1.38 31.10 0.50
N GLY B 165 2.52 31.80 0.54
CA GLY B 165 3.25 32.09 -0.69
C GLY B 165 3.03 33.51 -1.17
N SER B 166 2.71 33.65 -2.45
CA SER B 166 2.48 34.97 -3.04
C SER B 166 1.42 34.86 -4.12
N THR B 167 1.01 36.00 -4.67
CA THR B 167 0.00 36.01 -5.72
C THR B 167 0.54 35.36 -6.99
N ASN B 168 1.86 35.22 -7.08
CA ASN B 168 2.48 34.61 -8.26
C ASN B 168 2.62 33.09 -8.14
N ARG B 169 2.46 32.59 -6.92
CA ARG B 169 2.54 31.15 -6.69
C ARG B 169 2.12 30.82 -5.27
N ILE B 170 0.87 30.37 -5.16
CA ILE B 170 0.27 30.03 -3.90
C ILE B 170 0.70 28.64 -3.45
N GLY B 171 1.27 28.55 -2.26
CA GLY B 171 1.69 27.28 -1.74
C GLY B 171 0.75 26.92 -0.60
N MET B 172 1.08 25.89 0.15
CA MET B 172 0.25 25.48 1.27
C MET B 172 1.05 24.69 2.28
N ILE B 173 0.70 24.85 3.55
CA ILE B 173 1.38 24.10 4.59
C ILE B 173 0.31 23.36 5.37
N GLY B 174 0.65 22.16 5.83
CA GLY B 174 -0.31 21.40 6.61
C GLY B 174 -0.23 21.91 8.03
N TRP B 175 -1.33 21.77 8.77
CA TRP B 175 -1.35 22.22 10.16
C TRP B 175 -2.17 21.26 11.00
N ASN B 176 -1.63 20.88 12.15
CA ASN B 176 -2.29 19.97 13.07
C ASN B 176 -3.06 20.77 14.13
N PHE B 177 -4.36 20.97 13.92
CA PHE B 177 -5.16 21.71 14.90
C PHE B 177 -5.15 20.95 16.22
N GLY B 178 -5.33 19.63 16.14
CA GLY B 178 -5.31 18.76 17.31
C GLY B 178 -6.25 19.07 18.48
N GLN B 179 -7.43 19.61 18.19
CA GLN B 179 -8.38 19.95 19.26
C GLN B 179 -8.76 18.76 20.14
N PHE B 180 -8.56 17.55 19.66
CA PHE B 180 -8.91 16.35 20.42
C PHE B 180 -7.77 15.75 21.23
N GLU B 181 -6.58 16.33 21.11
CA GLU B 181 -5.43 15.79 21.83
C GLU B 181 -5.50 16.06 23.33
N GLU B 182 -4.90 15.16 24.09
CA GLU B 182 -4.89 15.26 25.55
C GLU B 182 -4.60 16.67 26.04
N ASP B 183 -5.49 17.15 26.93
CA ASP B 183 -5.38 18.47 27.57
C ASP B 183 -5.69 19.69 26.71
N ILE B 184 -5.77 19.54 25.39
CA ILE B 184 -6.02 20.70 24.55
C ILE B 184 -7.34 21.41 24.85
N LEU B 185 -8.43 20.65 24.95
CA LEU B 185 -9.72 21.24 25.26
C LEU B 185 -9.63 21.99 26.58
N SER B 186 -9.08 21.33 27.58
CA SER B 186 -8.93 21.91 28.92
C SER B 186 -8.18 23.23 28.88
N ILE B 187 -7.07 23.26 28.14
CA ILE B 187 -6.27 24.46 28.02
C ILE B 187 -7.05 25.57 27.32
N CYS B 188 -7.79 25.21 26.29
CA CYS B 188 -8.57 26.21 25.56
C CYS B 188 -9.66 26.81 26.45
N LEU B 189 -10.23 25.98 27.31
CA LEU B 189 -11.25 26.47 28.22
C LEU B 189 -10.59 27.38 29.27
N SER B 190 -9.39 27.03 29.70
CA SER B 190 -8.70 27.83 30.71
C SER B 190 -8.33 29.22 30.21
N ILE B 191 -8.18 29.37 28.90
CA ILE B 191 -7.86 30.67 28.34
C ILE B 191 -8.92 31.71 28.73
N LEU B 192 -10.18 31.29 28.80
CA LEU B 192 -11.26 32.19 29.15
C LEU B 192 -11.20 32.69 30.59
N ASP B 193 -10.53 31.93 31.47
CA ASP B 193 -10.38 32.31 32.88
C ASP B 193 -9.10 33.11 33.05
N ARG B 194 -8.45 33.43 31.94
CA ARG B 194 -7.20 34.19 31.98
C ARG B 194 -7.23 35.47 31.18
N SER B 195 -8.37 35.81 30.59
CA SER B 195 -8.48 37.03 29.78
C SER B 195 -8.53 38.31 30.61
N LEU B 196 -8.34 39.43 29.93
CA LEU B 196 -8.42 40.74 30.58
C LEU B 196 -9.84 40.95 31.08
N ASN B 197 -10.82 40.42 30.33
CA ASN B 197 -12.23 40.56 30.70
C ASN B 197 -12.53 39.82 31.99
N PHE B 198 -11.96 38.62 32.13
CA PHE B 198 -12.19 37.81 33.32
C PHE B 198 -11.60 38.48 34.55
N ARG B 199 -10.36 38.95 34.43
CA ARG B 199 -9.69 39.61 35.54
C ARG B 199 -10.40 40.91 35.93
N ARG B 200 -11.00 41.55 34.94
CA ARG B 200 -11.72 42.80 35.14
C ARG B 200 -13.02 42.54 35.90
N ASP B 201 -13.78 41.54 35.48
CA ASP B 201 -15.05 41.20 36.12
C ASP B 201 -15.39 39.75 35.79
N ALA B 202 -14.93 38.82 36.62
CA ALA B 202 -15.17 37.39 36.41
C ALA B 202 -16.64 37.04 36.34
N ALA B 203 -17.46 37.69 37.16
CA ALA B 203 -18.90 37.41 37.19
C ALA B 203 -19.55 37.68 35.84
N THR B 204 -19.29 38.84 35.27
CA THR B 204 -19.89 39.19 33.98
C THR B 204 -19.25 38.44 32.82
N ASP B 205 -17.97 38.09 32.96
CA ASP B 205 -17.27 37.37 31.91
C ASP B 205 -17.92 36.01 31.68
N VAL B 206 -17.96 35.20 32.73
CA VAL B 206 -18.55 33.87 32.64
C VAL B 206 -19.98 33.92 32.15
N ALA B 207 -20.74 34.93 32.58
CA ALA B 207 -22.12 35.07 32.15
C ALA B 207 -22.18 35.33 30.64
N SER B 208 -21.15 36.01 30.14
CA SER B 208 -21.08 36.35 28.72
C SER B 208 -20.58 35.22 27.83
N ARG B 209 -20.17 34.11 28.44
CA ARG B 209 -19.66 32.96 27.69
C ARG B 209 -20.75 32.17 26.99
N ASN B 210 -21.96 32.73 26.93
CA ASN B 210 -23.06 32.06 26.24
C ASN B 210 -23.12 32.68 24.85
N ASP B 211 -22.28 33.69 24.65
CA ASP B 211 -22.24 34.42 23.38
C ASP B 211 -20.98 34.15 22.55
N PRO B 212 -21.14 33.50 21.39
CA PRO B 212 -19.99 33.19 20.53
C PRO B 212 -19.24 34.45 20.04
N LYS B 213 -19.97 35.56 19.92
CA LYS B 213 -19.36 36.82 19.48
C LYS B 213 -18.36 37.25 20.54
N TYR B 214 -18.76 37.09 21.80
CA TYR B 214 -17.91 37.45 22.95
C TYR B 214 -16.72 36.50 23.06
N VAL B 215 -17.00 35.20 23.10
CA VAL B 215 -15.95 34.18 23.19
C VAL B 215 -14.99 34.37 22.02
N GLY B 216 -15.54 34.62 20.84
CA GLY B 216 -14.71 34.82 19.68
C GLY B 216 -13.77 36.02 19.83
N ARG B 217 -14.31 37.16 20.22
CA ARG B 217 -13.52 38.36 20.39
C ARG B 217 -12.45 38.18 21.47
N VAL B 218 -12.79 37.52 22.57
CA VAL B 218 -11.83 37.28 23.63
C VAL B 218 -10.64 36.48 23.09
N LEU B 219 -10.93 35.37 22.43
CA LEU B 219 -9.87 34.52 21.89
C LEU B 219 -8.98 35.26 20.89
N SER B 220 -9.54 36.21 20.15
CA SER B 220 -8.73 36.94 19.17
C SER B 220 -7.69 37.79 19.90
N ALA B 221 -7.90 38.01 21.18
CA ALA B 221 -6.97 38.78 21.98
C ALA B 221 -5.99 37.86 22.72
N MET B 222 -6.53 36.83 23.37
CA MET B 222 -5.71 35.91 24.16
C MET B 222 -4.79 34.97 23.38
N ILE B 223 -5.00 34.82 22.08
CA ILE B 223 -4.13 33.93 21.31
C ILE B 223 -2.76 34.61 21.13
N ASN B 224 -2.72 35.94 21.21
CA ASN B 224 -1.44 36.65 21.11
C ASN B 224 -1.06 37.10 22.52
N SER B 225 0.24 37.08 22.84
CA SER B 225 0.69 37.44 24.19
C SER B 225 0.56 38.92 24.54
N ASN B 226 0.36 39.76 23.54
CA ASN B 226 0.19 41.21 23.75
C ASN B 226 -0.91 41.57 24.75
N ASP B 227 -0.62 42.53 25.63
CA ASP B 227 -1.57 43.04 26.62
C ASP B 227 -2.10 42.15 27.73
N ASP B 228 -2.06 40.83 27.54
CA ASP B 228 -2.67 39.96 28.53
C ASP B 228 -1.99 38.65 28.93
N ASN B 229 -0.73 38.48 28.60
CA ASN B 229 -0.06 37.21 28.93
C ASN B 229 -0.73 36.10 28.11
N GLY B 230 -1.04 36.43 26.86
CA GLY B 230 -1.66 35.50 25.95
C GLY B 230 -0.67 34.44 25.49
N VAL B 231 -1.12 33.61 24.57
CA VAL B 231 -0.34 32.49 24.06
C VAL B 231 0.91 32.77 23.21
N LEU B 232 0.72 33.40 22.05
CA LEU B 232 1.85 33.63 21.14
C LEU B 232 2.49 35.01 21.04
N ALA B 233 3.82 35.01 21.02
CA ALA B 233 4.61 36.23 20.89
C ALA B 233 5.00 36.32 19.42
N GLY B 234 4.49 37.33 18.72
CA GLY B 234 4.79 37.49 17.31
C GLY B 234 6.20 38.02 17.07
N ASN B 235 6.74 37.71 15.89
CA ASN B 235 8.07 38.14 15.50
C ASN B 235 8.19 38.06 13.98
N TRP B 236 8.44 39.20 13.35
CA TRP B 236 8.57 39.30 11.90
C TRP B 236 9.92 39.96 11.58
N SER B 237 10.94 39.67 12.38
CA SER B 237 12.26 40.28 12.17
C SER B 237 13.24 39.46 11.34
N GLY B 238 12.96 38.17 11.17
CA GLY B 238 13.87 37.34 10.41
C GLY B 238 14.87 36.64 11.31
N THR B 239 14.98 37.11 12.55
CA THR B 239 15.88 36.53 13.54
C THR B 239 15.02 36.07 14.72
N TYR B 240 15.12 34.79 15.07
CA TYR B 240 14.28 34.24 16.12
C TYR B 240 15.01 33.62 17.32
N THR B 241 16.11 34.23 17.70
CA THR B 241 16.91 33.79 18.83
C THR B 241 16.02 33.74 20.06
N GLY B 242 16.21 32.73 20.91
CA GLY B 242 15.41 32.61 22.11
C GLY B 242 14.04 32.00 21.88
N GLY B 243 13.82 31.45 20.70
CA GLY B 243 12.55 30.82 20.39
C GLY B 243 12.64 30.00 19.13
N ARG B 244 11.50 29.65 18.56
CA ARG B 244 11.49 28.86 17.34
C ARG B 244 11.11 29.70 16.13
N ASP B 245 11.69 29.37 14.98
CA ASP B 245 11.36 30.09 13.76
C ASP B 245 9.86 29.87 13.55
N PRO B 246 9.08 30.96 13.39
CA PRO B 246 7.64 30.79 13.19
C PRO B 246 7.27 29.74 12.14
N ARG B 247 8.13 29.53 11.15
CA ARG B 247 7.81 28.56 10.11
C ARG B 247 8.12 27.09 10.47
N SER B 248 8.76 26.86 11.61
CA SER B 248 9.07 25.48 12.01
C SER B 248 7.89 24.74 12.65
N TRP B 249 6.97 25.47 13.29
CA TRP B 249 5.80 24.84 13.92
C TRP B 249 4.99 24.05 12.90
N ASP B 250 4.33 22.98 13.35
CA ASP B 250 3.49 22.16 12.49
C ASP B 250 2.05 22.11 12.99
N GLY B 251 1.79 22.68 14.16
CA GLY B 251 0.43 22.66 14.70
C GLY B 251 0.22 23.48 15.96
N SER B 252 -0.99 23.39 16.52
CA SER B 252 -1.37 24.13 17.72
C SER B 252 -1.13 23.36 19.02
N VAL B 253 -0.96 22.06 18.91
CA VAL B 253 -0.75 21.21 20.08
C VAL B 253 0.48 21.61 20.89
N GLU B 254 1.66 21.48 20.28
CA GLU B 254 2.91 21.81 20.95
C GLU B 254 2.85 23.22 21.56
N ILE B 255 2.29 24.16 20.81
CA ILE B 255 2.16 25.55 21.23
C ILE B 255 1.32 25.77 22.50
N LEU B 256 0.10 25.24 22.51
CA LEU B 256 -0.78 25.40 23.66
C LEU B 256 -0.21 24.71 24.91
N LYS B 257 0.32 23.51 24.73
CA LYS B 257 0.89 22.77 25.85
C LYS B 257 2.13 23.47 26.41
N ASN B 258 2.90 24.08 25.54
CA ASN B 258 4.10 24.79 25.99
C ASN B 258 3.65 26.01 26.78
N TRP B 259 2.64 26.71 26.27
CA TRP B 259 2.12 27.87 26.95
C TRP B 259 1.78 27.49 28.38
N LYS B 260 1.03 26.40 28.54
CA LYS B 260 0.64 25.94 29.87
C LYS B 260 1.84 25.46 30.69
N LYS B 261 2.74 24.70 30.06
CA LYS B 261 3.92 24.16 30.71
C LYS B 261 4.87 25.22 31.24
N SER B 262 4.84 26.41 30.66
CA SER B 262 5.74 27.48 31.08
C SER B 262 5.06 28.48 32.02
N GLY B 263 3.96 28.06 32.65
CA GLY B 263 3.27 28.97 33.56
C GLY B 263 2.69 30.18 32.83
N LEU B 264 2.18 29.93 31.63
CA LEU B 264 1.57 30.98 30.81
C LEU B 264 2.51 32.05 30.26
N SER B 265 3.77 31.71 30.03
CA SER B 265 4.72 32.67 29.46
C SER B 265 4.50 32.61 27.96
N PRO B 266 4.82 33.70 27.24
CA PRO B 266 4.62 33.72 25.79
C PRO B 266 5.43 32.64 25.05
N VAL B 267 4.80 32.01 24.07
CA VAL B 267 5.46 30.98 23.26
C VAL B 267 6.12 31.74 22.10
N ARG B 268 7.43 31.53 21.95
CA ARG B 268 8.19 32.22 20.91
C ARG B 268 8.61 31.30 19.74
N TYR B 269 8.28 31.66 18.51
CA TYR B 269 7.54 32.89 18.16
C TYR B 269 6.51 32.53 17.09
N GLY B 270 5.57 33.44 16.85
CA GLY B 270 4.57 33.17 15.83
C GLY B 270 4.44 34.27 14.80
N GLN B 271 3.74 33.96 13.71
CA GLN B 271 3.45 34.91 12.65
C GLN B 271 1.97 34.65 12.32
N CYS B 272 1.36 35.40 11.41
CA CYS B 272 -0.08 35.24 11.19
C CYS B 272 -0.69 33.84 11.05
N TRP B 273 -0.13 32.96 10.24
CA TRP B 273 -0.73 31.61 10.11
C TRP B 273 -0.65 30.80 11.41
N VAL B 274 0.34 31.12 12.25
CA VAL B 274 0.50 30.39 13.51
C VAL B 274 -0.58 30.84 14.49
N PHE B 275 -0.86 32.13 14.50
CA PHE B 275 -1.90 32.69 15.38
C PHE B 275 -3.23 32.09 14.94
N ALA B 276 -3.45 32.08 13.62
CA ALA B 276 -4.67 31.57 13.03
C ALA B 276 -4.89 30.08 13.26
N GLY B 277 -3.82 29.30 13.11
CA GLY B 277 -3.96 27.87 13.32
C GLY B 277 -4.34 27.58 14.75
N THR B 278 -3.71 28.31 15.67
CA THR B 278 -3.96 28.15 17.09
C THR B 278 -5.37 28.63 17.48
N LEU B 279 -5.81 29.73 16.89
CA LEU B 279 -7.14 30.27 17.18
C LEU B 279 -8.18 29.30 16.64
N ASN B 280 -7.90 28.76 15.46
CA ASN B 280 -8.80 27.81 14.84
C ASN B 280 -8.96 26.62 15.78
N THR B 281 -7.86 26.21 16.41
CA THR B 281 -7.93 25.07 17.33
C THR B 281 -8.87 25.37 18.49
N ALA B 282 -8.71 26.55 19.09
CA ALA B 282 -9.56 26.94 20.20
C ALA B 282 -11.02 27.02 19.77
N LEU B 283 -11.29 27.70 18.66
CA LEU B 283 -12.66 27.83 18.19
C LEU B 283 -13.33 26.47 17.97
N ARG B 284 -12.65 25.55 17.30
CA ARG B 284 -13.23 24.23 17.05
C ARG B 284 -13.41 23.40 18.31
N SER B 285 -12.44 23.47 19.22
CA SER B 285 -12.55 22.70 20.46
C SER B 285 -13.77 23.16 21.26
N LEU B 286 -14.00 24.46 21.33
CA LEU B 286 -15.14 24.99 22.09
C LEU B 286 -16.47 24.79 21.37
N GLY B 287 -16.41 24.41 20.10
CA GLY B 287 -17.64 24.17 19.35
C GLY B 287 -18.09 25.25 18.37
N ILE B 288 -17.23 26.21 18.06
CA ILE B 288 -17.59 27.26 17.11
C ILE B 288 -17.04 26.88 15.74
N PRO B 289 -17.92 26.60 14.77
CA PRO B 289 -17.45 26.23 13.43
C PRO B 289 -16.50 27.33 12.96
N SER B 290 -15.35 26.94 12.43
CA SER B 290 -14.38 27.90 11.95
C SER B 290 -13.40 27.32 10.96
N ARG B 291 -12.81 28.22 10.17
CA ARG B 291 -11.85 27.81 9.15
C ARG B 291 -10.79 28.91 9.04
N VAL B 292 -9.72 28.62 8.33
CA VAL B 292 -8.61 29.56 8.17
C VAL B 292 -8.64 30.24 6.80
N ILE B 293 -8.51 31.57 6.80
CA ILE B 293 -8.53 32.33 5.55
C ILE B 293 -7.19 32.99 5.24
N THR B 294 -6.75 32.87 3.99
CA THR B 294 -5.49 33.50 3.58
C THR B 294 -5.80 34.56 2.53
N ASN B 295 -5.35 35.78 2.79
CA ASN B 295 -5.57 36.90 1.90
C ASN B 295 -4.22 37.34 1.33
N PHE B 296 -4.11 37.34 0.00
CA PHE B 296 -2.86 37.74 -0.64
C PHE B 296 -2.86 39.25 -0.91
N ASN B 297 -1.69 39.87 -0.74
CA ASN B 297 -1.56 41.31 -0.90
C ASN B 297 -2.48 41.96 0.13
N SER B 298 -2.23 41.66 1.40
CA SER B 298 -3.04 42.18 2.50
C SER B 298 -2.49 43.53 2.97
N ALA B 299 -3.36 44.54 2.94
CA ALA B 299 -2.98 45.89 3.34
C ALA B 299 -3.29 46.23 4.78
N HIS B 300 -2.39 46.99 5.39
CA HIS B 300 -2.59 47.45 6.75
C HIS B 300 -2.74 48.96 6.68
N ASP B 301 -3.99 49.41 6.67
CA ASP B 301 -4.31 50.83 6.62
C ASP B 301 -4.44 51.39 8.04
N THR B 302 -3.42 52.14 8.48
CA THR B 302 -3.44 52.72 9.82
C THR B 302 -4.09 54.09 9.88
N ASP B 303 -4.33 54.70 8.72
CA ASP B 303 -4.91 56.03 8.65
C ASP B 303 -6.43 56.04 8.55
N ARG B 304 -7.01 54.87 8.30
CA ARG B 304 -8.46 54.75 8.15
C ARG B 304 -8.97 55.54 6.94
N ASN B 305 -8.19 55.52 5.87
CA ASN B 305 -8.58 56.21 4.64
C ASN B 305 -8.71 55.21 3.50
N LEU B 306 -8.62 53.92 3.82
CA LEU B 306 -8.74 52.86 2.84
C LEU B 306 -7.72 52.99 1.72
N SER B 307 -6.54 53.49 2.06
CA SER B 307 -5.46 53.66 1.11
C SER B 307 -4.14 53.39 1.82
N VAL B 308 -3.22 52.74 1.13
CA VAL B 308 -1.90 52.43 1.69
C VAL B 308 -0.81 52.91 0.74
N ASP B 309 0.26 53.45 1.30
CA ASP B 309 1.37 53.97 0.52
C ASP B 309 2.63 53.10 0.53
N VAL B 310 3.20 52.89 -0.64
CA VAL B 310 4.43 52.12 -0.78
C VAL B 310 5.46 53.08 -1.39
N TYR B 311 6.68 53.09 -0.83
CA TYR B 311 7.72 54.00 -1.29
C TYR B 311 8.99 53.38 -1.88
N TYR B 312 9.54 54.05 -2.88
CA TYR B 312 10.79 53.65 -3.54
C TYR B 312 11.64 54.90 -3.76
N ASP B 313 12.96 54.75 -3.74
CA ASP B 313 13.82 55.90 -4.01
C ASP B 313 14.25 55.83 -5.47
N PRO B 314 14.86 56.90 -6.00
CA PRO B 314 15.30 56.93 -7.39
C PRO B 314 16.21 55.77 -7.82
N MET B 315 17.00 55.24 -6.88
CA MET B 315 17.90 54.14 -7.18
C MET B 315 17.24 52.76 -7.24
N GLY B 316 15.93 52.72 -7.04
CA GLY B 316 15.22 51.46 -7.13
C GLY B 316 15.15 50.63 -5.85
N ASN B 317 15.39 51.27 -4.71
CA ASN B 317 15.33 50.55 -3.44
C ASN B 317 13.95 50.68 -2.81
N PRO B 318 13.41 49.57 -2.30
CA PRO B 318 12.09 49.68 -1.67
C PRO B 318 12.43 50.38 -0.34
N LEU B 319 11.54 51.23 0.17
CA LEU B 319 11.84 51.91 1.42
C LEU B 319 10.85 51.54 2.51
N ASP B 320 11.28 51.61 3.76
CA ASP B 320 10.38 51.32 4.87
C ASP B 320 9.93 52.70 5.34
N LYS B 321 8.92 53.23 4.68
CA LYS B 321 8.40 54.56 5.02
C LYS B 321 6.90 54.51 5.12
N GLY B 322 6.34 55.23 6.08
CA GLY B 322 4.90 55.25 6.25
C GLY B 322 4.41 54.17 7.20
N SER B 323 3.42 54.52 8.03
CA SER B 323 2.85 53.61 9.01
C SER B 323 2.34 52.31 8.38
N ASP B 324 1.61 52.46 7.29
CA ASP B 324 1.02 51.32 6.57
C ASP B 324 2.05 50.31 6.06
N SER B 325 1.55 49.27 5.39
CA SER B 325 2.38 48.22 4.81
C SER B 325 1.50 47.24 4.03
N VAL B 326 2.09 46.53 3.08
CA VAL B 326 1.35 45.55 2.30
C VAL B 326 2.03 44.19 2.44
N TRP B 327 1.30 43.24 3.01
CA TRP B 327 1.81 41.89 3.24
C TRP B 327 1.61 41.03 2.00
N ASN B 328 2.59 40.17 1.68
CA ASN B 328 2.45 39.28 0.52
C ASN B 328 1.19 38.47 0.71
N PHE B 329 0.86 38.22 1.97
CA PHE B 329 -0.34 37.50 2.35
C PHE B 329 -0.51 37.63 3.86
N HIS B 330 -1.75 37.49 4.32
CA HIS B 330 -2.04 37.54 5.74
C HIS B 330 -3.12 36.52 6.01
N VAL B 331 -2.98 35.81 7.12
CA VAL B 331 -3.93 34.77 7.48
C VAL B 331 -4.75 35.15 8.71
N TRP B 332 -5.99 34.70 8.73
CA TRP B 332 -6.88 34.96 9.86
C TRP B 332 -7.94 33.86 9.90
N ASN B 333 -8.97 34.03 10.73
CA ASN B 333 -10.02 33.04 10.81
C ASN B 333 -11.41 33.61 10.57
N GLU B 334 -12.37 32.69 10.44
CA GLU B 334 -13.77 33.02 10.28
C GLU B 334 -14.50 32.05 11.19
N GLY B 335 -15.42 32.56 11.98
CA GLY B 335 -16.23 31.73 12.86
C GLY B 335 -17.65 31.79 12.34
N TRP B 336 -18.44 30.75 12.56
CA TRP B 336 -19.81 30.71 12.08
C TRP B 336 -20.85 30.86 13.19
N PHE B 337 -21.59 31.96 13.15
CA PHE B 337 -22.64 32.24 14.13
C PHE B 337 -23.48 33.45 13.76
N VAL B 338 -24.73 33.47 14.22
CA VAL B 338 -25.62 34.59 13.93
C VAL B 338 -25.12 35.84 14.61
N ARG B 339 -25.56 36.99 14.13
CA ARG B 339 -25.16 38.26 14.71
C ARG B 339 -26.41 39.00 15.16
N SER B 340 -26.88 38.65 16.36
CA SER B 340 -28.07 39.26 16.94
C SER B 340 -27.88 40.75 17.17
N ASP B 341 -26.63 41.19 17.24
CA ASP B 341 -26.34 42.60 17.45
C ASP B 341 -26.40 43.39 16.15
N LEU B 342 -26.35 42.70 15.01
CA LEU B 342 -26.36 43.37 13.72
C LEU B 342 -27.63 43.19 12.91
N GLY B 343 -28.28 42.04 13.06
CA GLY B 343 -29.49 41.80 12.30
C GLY B 343 -29.41 40.50 11.50
N PRO B 344 -30.55 40.05 10.93
CA PRO B 344 -30.72 38.83 10.14
C PRO B 344 -29.88 38.68 8.88
N SER B 345 -29.35 39.77 8.35
CA SER B 345 -28.58 39.66 7.11
C SER B 345 -27.07 39.55 7.32
N TYR B 346 -26.63 39.66 8.57
CA TYR B 346 -25.19 39.60 8.83
C TYR B 346 -24.65 38.36 9.51
N GLY B 347 -25.48 37.32 9.61
CA GLY B 347 -25.03 36.09 10.23
C GLY B 347 -24.13 35.34 9.26
N GLY B 348 -23.65 34.18 9.67
CA GLY B 348 -22.77 33.41 8.80
C GLY B 348 -21.32 33.55 9.24
N TRP B 349 -20.39 33.58 8.29
CA TRP B 349 -18.98 33.70 8.64
C TRP B 349 -18.64 35.05 9.22
N GLN B 350 -17.84 35.03 10.29
CA GLN B 350 -17.43 36.24 10.98
C GLN B 350 -15.91 36.26 11.12
N VAL B 351 -15.29 37.36 10.66
CA VAL B 351 -13.85 37.50 10.75
C VAL B 351 -13.34 37.63 12.20
N LEU B 352 -12.32 36.84 12.53
CA LEU B 352 -11.68 36.86 13.84
C LEU B 352 -10.17 36.76 13.56
N ASP B 353 -9.41 37.73 14.07
CA ASP B 353 -7.96 37.77 13.81
C ASP B 353 -7.14 37.95 15.08
N ALA B 354 -6.30 36.98 15.37
CA ALA B 354 -5.44 37.01 16.56
C ALA B 354 -4.08 37.67 16.33
N THR B 355 -3.76 37.97 15.08
CA THR B 355 -2.47 38.62 14.79
C THR B 355 -2.55 40.06 15.26
N PRO B 356 -1.60 40.49 16.09
CA PRO B 356 -1.58 41.86 16.60
C PRO B 356 -1.06 42.92 15.64
N GLN B 357 -1.95 43.48 14.83
CA GLN B 357 -1.54 44.52 13.89
C GLN B 357 -2.10 45.87 14.30
N GLU B 358 -3.43 45.93 14.48
CA GLU B 358 -4.11 47.16 14.84
C GLU B 358 -4.89 47.02 16.14
N ARG B 359 -4.60 47.87 17.10
CA ARG B 359 -5.31 47.84 18.37
C ARG B 359 -6.78 48.24 18.19
N SER B 360 -7.65 47.60 18.96
CA SER B 360 -9.08 47.87 18.94
C SER B 360 -9.44 48.11 20.40
N GLN B 361 -9.91 49.30 20.71
CA GLN B 361 -10.24 49.65 22.09
C GLN B 361 -8.96 49.53 22.92
N GLY B 362 -7.84 49.93 22.32
CA GLY B 362 -6.57 49.87 23.00
C GLY B 362 -5.97 48.48 23.20
N VAL B 363 -6.72 47.45 22.81
CA VAL B 363 -6.26 46.07 22.95
C VAL B 363 -6.00 45.45 21.58
N PHE B 364 -5.07 44.49 21.52
CA PHE B 364 -4.80 43.80 20.26
C PHE B 364 -5.83 42.69 20.14
N GLN B 365 -6.98 43.03 19.58
CA GLN B 365 -8.09 42.10 19.37
C GLN B 365 -8.71 42.47 18.02
N CYS B 366 -9.44 41.54 17.41
CA CYS B 366 -10.01 41.84 16.11
C CYS B 366 -11.22 40.98 15.76
N GLY B 367 -12.36 41.63 15.56
CA GLY B 367 -13.57 40.90 15.22
C GLY B 367 -14.43 40.57 16.43
N PRO B 368 -15.57 39.90 16.22
CA PRO B 368 -16.07 39.43 14.93
C PRO B 368 -16.57 40.49 13.95
N ALA B 369 -16.27 40.27 12.67
CA ALA B 369 -16.69 41.15 11.60
C ALA B 369 -17.47 40.32 10.57
N SER B 370 -18.72 40.70 10.34
CA SER B 370 -19.53 39.99 9.36
C SER B 370 -18.90 40.11 7.98
N VAL B 371 -18.58 38.96 7.38
CA VAL B 371 -17.99 38.94 6.05
C VAL B 371 -18.97 39.58 5.06
N ILE B 372 -20.26 39.28 5.23
CA ILE B 372 -21.30 39.85 4.36
C ILE B 372 -21.32 41.37 4.49
N GLY B 373 -21.06 41.86 5.70
CA GLY B 373 -21.04 43.29 5.93
C GLY B 373 -19.81 43.92 5.31
N VAL B 374 -18.71 43.18 5.28
CA VAL B 374 -17.48 43.69 4.69
C VAL B 374 -17.67 43.85 3.19
N ARG B 375 -18.31 42.87 2.56
CA ARG B 375 -18.55 42.92 1.13
C ARG B 375 -19.41 44.12 0.75
N GLU B 376 -20.38 44.45 1.60
CA GLU B 376 -21.29 45.56 1.33
C GLU B 376 -20.74 46.93 1.70
N GLY B 377 -19.72 46.97 2.54
CA GLY B 377 -19.15 48.24 2.93
C GLY B 377 -19.84 48.84 4.13
N ASP B 378 -20.51 47.99 4.91
CA ASP B 378 -21.20 48.43 6.11
C ASP B 378 -20.20 48.49 7.25
N VAL B 379 -19.18 49.33 7.09
CA VAL B 379 -18.12 49.45 8.07
C VAL B 379 -18.43 50.17 9.39
N GLN B 380 -19.69 50.57 9.61
CA GLN B 380 -20.03 51.22 10.87
C GLN B 380 -20.39 50.16 11.90
N LEU B 381 -20.60 48.94 11.43
CA LEU B 381 -20.96 47.82 12.28
C LEU B 381 -19.78 47.19 13.02
N ASN B 382 -20.01 46.72 14.24
CA ASN B 382 -18.96 46.07 15.03
C ASN B 382 -18.68 44.71 14.41
N PHE B 383 -17.44 44.23 14.47
CA PHE B 383 -16.33 44.94 15.10
C PHE B 383 -15.16 45.08 14.14
N ASP B 384 -14.39 46.16 14.31
CA ASP B 384 -13.19 46.38 13.52
C ASP B 384 -13.33 46.29 12.00
N MET B 385 -14.46 46.74 11.46
CA MET B 385 -14.67 46.66 10.02
C MET B 385 -13.75 47.54 9.15
N PRO B 386 -13.47 48.78 9.59
CA PRO B 386 -12.60 49.65 8.78
C PRO B 386 -11.28 48.95 8.42
N PHE B 387 -10.61 48.41 9.43
CA PHE B 387 -9.33 47.71 9.28
C PHE B 387 -9.42 46.52 8.34
N ILE B 388 -10.40 45.65 8.60
CA ILE B 388 -10.59 44.46 7.78
C ILE B 388 -10.95 44.81 6.34
N PHE B 389 -11.87 45.76 6.16
CA PHE B 389 -12.26 46.17 4.82
C PHE B 389 -11.01 46.64 4.05
N ALA B 390 -10.12 47.34 4.74
CA ALA B 390 -8.89 47.84 4.11
C ALA B 390 -7.94 46.69 3.75
N GLU B 391 -7.85 45.68 4.60
CA GLU B 391 -6.96 44.56 4.35
C GLU B 391 -7.26 43.91 3.01
N VAL B 392 -8.55 43.75 2.71
CA VAL B 392 -8.96 43.13 1.46
C VAL B 392 -9.30 44.07 0.32
N ASN B 393 -9.46 45.37 0.59
CA ASN B 393 -9.80 46.27 -0.51
C ASN B 393 -9.29 47.71 -0.49
N ALA B 394 -8.21 47.97 0.24
CA ALA B 394 -7.66 49.33 0.27
C ALA B 394 -6.95 49.63 -1.05
N ASP B 395 -6.93 50.89 -1.45
CA ASP B 395 -6.24 51.26 -2.69
C ASP B 395 -4.76 51.38 -2.38
N ARG B 396 -3.93 51.15 -3.39
CA ARG B 396 -2.49 51.23 -3.20
C ARG B 396 -1.86 52.36 -4.00
N ILE B 397 -1.14 53.24 -3.30
CA ILE B 397 -0.46 54.36 -3.93
C ILE B 397 1.04 54.09 -3.94
N THR B 398 1.67 54.20 -5.11
CA THR B 398 3.10 53.99 -5.19
C THR B 398 3.76 55.35 -5.28
N TRP B 399 4.68 55.62 -4.37
CA TRP B 399 5.39 56.89 -4.35
C TRP B 399 6.86 56.74 -4.64
N LEU B 400 7.47 57.86 -5.01
CA LEU B 400 8.90 57.95 -5.25
C LEU B 400 9.31 58.93 -4.18
N TYR B 401 10.43 58.65 -3.50
CA TYR B 401 10.91 59.54 -2.46
C TYR B 401 12.42 59.59 -2.40
N ASP B 402 12.96 60.80 -2.53
CA ASP B 402 14.40 60.98 -2.46
C ASP B 402 14.69 61.70 -1.15
N ASN B 403 15.31 60.99 -0.21
CA ASN B 403 15.61 61.57 1.07
C ASN B 403 16.61 62.73 0.97
N THR B 404 17.44 62.71 -0.06
CA THR B 404 18.45 63.76 -0.23
C THR B 404 17.83 65.12 -0.54
N THR B 405 16.73 65.12 -1.27
CA THR B 405 16.05 66.37 -1.60
C THR B 405 14.84 66.55 -0.68
N GLY B 406 14.45 65.47 -0.01
CA GLY B 406 13.31 65.53 0.88
C GLY B 406 12.01 65.60 0.10
N LYS B 407 12.10 65.41 -1.21
CA LYS B 407 10.92 65.46 -2.07
C LYS B 407 10.25 64.09 -2.25
N GLN B 408 8.93 64.14 -2.35
CA GLN B 408 8.12 62.94 -2.50
C GLN B 408 7.10 63.20 -3.60
N TRP B 409 6.87 62.20 -4.46
CA TRP B 409 5.90 62.36 -5.55
C TRP B 409 5.21 61.07 -5.98
N LYS B 410 3.91 61.17 -6.27
CA LYS B 410 3.11 60.02 -6.68
C LYS B 410 3.57 59.43 -8.00
N ASN B 411 3.53 58.11 -8.09
CA ASN B 411 3.90 57.42 -9.32
C ASN B 411 2.67 56.75 -9.92
N SER B 412 1.83 56.16 -9.08
CA SER B 412 0.63 55.49 -9.57
C SER B 412 -0.37 55.13 -8.47
N VAL B 413 -1.59 54.82 -8.88
CA VAL B 413 -2.64 54.43 -7.96
C VAL B 413 -3.24 53.15 -8.50
N ASN B 414 -3.32 52.13 -7.66
CA ASN B 414 -3.84 50.83 -8.05
C ASN B 414 -5.01 50.46 -7.15
N SER B 415 -6.14 50.10 -7.75
CA SER B 415 -7.34 49.76 -6.99
C SER B 415 -7.73 48.29 -7.10
N HIS B 416 -6.87 47.46 -7.68
CA HIS B 416 -7.20 46.05 -7.84
C HIS B 416 -6.16 45.09 -7.28
N THR B 417 -4.96 45.58 -7.03
CA THR B 417 -3.88 44.74 -6.53
C THR B 417 -4.04 44.20 -5.10
N ILE B 418 -4.68 44.98 -4.23
CA ILE B 418 -4.89 44.55 -2.84
C ILE B 418 -6.08 43.60 -2.70
N GLY B 419 -5.89 42.53 -1.92
CA GLY B 419 -6.95 41.57 -1.69
C GLY B 419 -7.23 40.64 -2.86
N ARG B 420 -6.34 39.69 -3.09
CA ARG B 420 -6.48 38.72 -4.18
C ARG B 420 -6.39 37.28 -3.69
N TYR B 421 -7.02 36.37 -4.41
CA TYR B 421 -7.02 34.94 -4.09
C TYR B 421 -7.22 34.60 -2.61
N ILE B 422 -8.20 35.24 -2.00
CA ILE B 422 -8.53 35.02 -0.60
C ILE B 422 -8.91 33.54 -0.58
N SER B 423 -8.13 32.73 0.13
CA SER B 423 -8.37 31.29 0.10
C SER B 423 -8.53 30.54 1.42
N THR B 424 -9.25 29.42 1.33
CA THR B 424 -9.49 28.54 2.47
C THR B 424 -9.55 27.09 1.99
N LYS B 425 -9.18 26.16 2.86
CA LYS B 425 -9.18 24.74 2.51
C LYS B 425 -10.58 24.27 2.15
N ALA B 426 -10.69 23.45 1.11
CA ALA B 426 -11.96 22.93 0.67
C ALA B 426 -12.49 21.91 1.66
N VAL B 427 -13.82 21.76 1.70
CA VAL B 427 -14.46 20.80 2.59
C VAL B 427 -14.17 19.38 2.12
N GLY B 428 -13.53 18.59 2.97
CA GLY B 428 -13.24 17.21 2.62
C GLY B 428 -11.99 16.90 1.81
N SER B 429 -11.27 17.91 1.34
CA SER B 429 -10.06 17.68 0.56
C SER B 429 -9.10 18.84 0.81
N ASN B 430 -7.93 18.79 0.18
CA ASN B 430 -6.94 19.86 0.35
C ASN B 430 -6.98 20.87 -0.79
N ALA B 431 -8.05 20.84 -1.58
CA ALA B 431 -8.17 21.77 -2.70
C ALA B 431 -8.34 23.18 -2.17
N ARG B 432 -7.89 24.16 -2.96
CA ARG B 432 -8.02 25.55 -2.57
C ARG B 432 -9.38 26.06 -3.00
N MET B 433 -10.07 26.67 -2.04
CA MET B 433 -11.39 27.25 -2.28
C MET B 433 -11.17 28.76 -2.23
N ASP B 434 -11.49 29.44 -3.32
CA ASP B 434 -11.31 30.88 -3.40
C ASP B 434 -12.59 31.57 -2.93
N VAL B 435 -12.48 32.40 -1.89
CA VAL B 435 -13.65 33.09 -1.36
C VAL B 435 -13.59 34.62 -1.53
N THR B 436 -12.79 35.07 -2.50
CA THR B 436 -12.64 36.51 -2.76
C THR B 436 -14.02 37.14 -2.99
N ASP B 437 -14.85 36.44 -3.75
CA ASP B 437 -16.20 36.87 -4.06
C ASP B 437 -17.08 37.08 -2.82
N LYS B 438 -16.66 36.53 -1.69
CA LYS B 438 -17.43 36.68 -0.45
C LYS B 438 -17.04 37.96 0.27
N TYR B 439 -15.80 38.40 0.07
CA TYR B 439 -15.31 39.60 0.72
C TYR B 439 -15.51 40.89 -0.06
N LYS B 440 -15.77 40.78 -1.36
CA LYS B 440 -15.96 41.99 -2.17
C LYS B 440 -16.49 41.73 -3.57
N TYR B 441 -17.04 42.78 -4.18
CA TYR B 441 -17.57 42.69 -5.53
C TYR B 441 -16.36 42.60 -6.45
N PRO B 442 -16.55 42.12 -7.70
CA PRO B 442 -15.47 41.97 -8.69
C PRO B 442 -14.62 43.22 -8.94
N GLU B 443 -13.31 43.05 -8.90
CA GLU B 443 -12.40 44.16 -9.16
C GLU B 443 -12.63 44.60 -10.61
N GLY B 444 -13.00 45.85 -10.79
CA GLY B 444 -13.25 46.35 -12.13
C GLY B 444 -14.73 46.62 -12.34
N SER B 445 -15.57 45.96 -11.54
CA SER B 445 -17.02 46.15 -11.63
C SER B 445 -17.37 47.49 -11.02
N ASP B 446 -18.45 48.09 -11.49
CA ASP B 446 -18.90 49.37 -10.98
C ASP B 446 -19.26 49.27 -9.51
N GLN B 447 -19.88 48.15 -9.14
CA GLN B 447 -20.30 47.93 -7.75
C GLN B 447 -19.12 48.04 -6.79
N GLU B 448 -18.02 47.39 -7.12
CA GLU B 448 -16.84 47.40 -6.25
C GLU B 448 -16.40 48.83 -5.93
N ARG B 449 -16.53 49.74 -6.88
CA ARG B 449 -16.15 51.13 -6.62
C ARG B 449 -17.26 51.87 -5.89
N GLN B 450 -18.49 51.39 -6.04
CA GLN B 450 -19.62 52.03 -5.35
C GLN B 450 -19.49 51.79 -3.85
N VAL B 451 -19.20 50.53 -3.51
CA VAL B 451 -19.03 50.13 -2.12
C VAL B 451 -17.80 50.77 -1.50
N PHE B 452 -16.76 50.92 -2.32
CA PHE B 452 -15.52 51.53 -1.84
C PHE B 452 -15.76 52.97 -1.41
N GLN B 453 -16.47 53.71 -2.24
CA GLN B 453 -16.81 55.11 -1.95
C GLN B 453 -17.72 55.14 -0.73
N LYS B 454 -18.68 54.21 -0.71
CA LYS B 454 -19.62 54.09 0.39
C LYS B 454 -18.90 53.91 1.72
N ALA B 455 -17.89 53.04 1.71
CA ALA B 455 -17.09 52.76 2.90
C ALA B 455 -16.25 53.96 3.29
N LEU B 456 -15.58 54.56 2.31
CA LEU B 456 -14.75 55.73 2.58
C LEU B 456 -15.66 56.85 3.10
N GLY B 457 -16.86 56.94 2.54
CA GLY B 457 -17.81 57.96 2.94
C GLY B 457 -18.17 57.86 4.41
N LYS B 458 -18.27 56.64 4.93
CA LYS B 458 -18.61 56.44 6.33
C LYS B 458 -17.43 56.75 7.24
N LEU B 459 -16.22 56.68 6.69
CA LEU B 459 -15.01 56.96 7.46
C LEU B 459 -14.65 58.46 7.45
N LYS B 460 -15.09 59.16 6.41
CA LYS B 460 -14.80 60.59 6.29
C LYS B 460 -16.10 61.41 6.31
N PRO B 480 4.82 58.43 -20.51
CA PRO B 480 5.69 57.26 -20.34
C PRO B 480 5.79 56.47 -21.64
N SER B 481 6.93 56.58 -22.30
CA SER B 481 7.12 55.87 -23.56
C SER B 481 7.54 54.43 -23.28
N ILE B 482 8.15 54.23 -22.12
CA ILE B 482 8.64 52.92 -21.72
C ILE B 482 7.68 52.09 -20.86
N ILE B 483 7.60 50.81 -21.19
CA ILE B 483 6.80 49.86 -20.42
C ILE B 483 7.79 48.75 -20.10
N GLY B 484 7.72 48.22 -18.89
CA GLY B 484 8.66 47.17 -18.51
C GLY B 484 8.05 46.07 -17.67
N LYS B 485 8.63 44.88 -17.76
CA LYS B 485 8.15 43.74 -17.01
C LYS B 485 9.31 42.86 -16.53
N LEU B 486 9.20 42.33 -15.33
CA LEU B 486 10.22 41.46 -14.76
C LEU B 486 9.75 40.03 -14.95
N LYS B 487 10.63 39.18 -15.48
CA LYS B 487 10.26 37.78 -15.69
C LYS B 487 11.29 36.82 -15.14
N VAL B 488 10.80 35.67 -14.69
CA VAL B 488 11.64 34.65 -14.10
C VAL B 488 12.25 33.75 -15.17
N ALA B 489 13.57 33.62 -15.15
CA ALA B 489 14.27 32.78 -16.11
C ALA B 489 14.82 31.56 -15.39
N GLY B 490 14.20 30.41 -15.62
CA GLY B 490 14.65 29.19 -14.97
C GLY B 490 13.99 29.00 -13.62
N MET B 491 14.33 27.91 -12.94
CA MET B 491 13.73 27.62 -11.65
C MET B 491 14.37 28.44 -10.55
N LEU B 492 13.64 28.60 -9.45
CA LEU B 492 14.11 29.36 -8.30
C LEU B 492 14.14 28.42 -7.10
N ALA B 493 15.36 28.12 -6.63
CA ALA B 493 15.52 27.23 -5.48
C ALA B 493 16.70 27.65 -4.62
N VAL B 494 16.52 27.53 -3.30
CA VAL B 494 17.57 27.88 -2.37
C VAL B 494 18.76 26.96 -2.62
N GLY B 495 19.86 27.54 -3.06
CA GLY B 495 21.06 26.78 -3.37
C GLY B 495 21.48 27.08 -4.80
N LYS B 496 20.51 27.40 -5.64
CA LYS B 496 20.77 27.73 -7.04
C LYS B 496 20.81 29.23 -7.23
N GLU B 497 21.33 29.68 -8.36
CA GLU B 497 21.37 31.11 -8.61
C GLU B 497 19.99 31.58 -9.02
N VAL B 498 19.74 32.89 -8.88
CA VAL B 498 18.45 33.46 -9.24
C VAL B 498 18.62 34.17 -10.58
N ASN B 499 17.79 33.79 -11.55
CA ASN B 499 17.85 34.39 -12.88
C ASN B 499 16.53 35.02 -13.29
N LEU B 500 16.58 36.32 -13.55
CA LEU B 500 15.42 37.09 -13.95
C LEU B 500 15.84 37.95 -15.13
N VAL B 501 14.87 38.59 -15.77
CA VAL B 501 15.17 39.46 -16.92
C VAL B 501 14.20 40.63 -16.91
N LEU B 502 14.73 41.84 -17.05
CA LEU B 502 13.88 43.02 -17.09
C LEU B 502 13.61 43.29 -18.56
N LEU B 503 12.36 43.13 -18.96
CA LEU B 503 11.96 43.35 -20.35
C LEU B 503 11.46 44.78 -20.51
N LEU B 504 12.08 45.52 -21.42
CA LEU B 504 11.70 46.91 -21.69
C LEU B 504 11.33 47.11 -23.15
N LYS B 505 10.46 48.08 -23.40
CA LYS B 505 10.06 48.37 -24.76
C LYS B 505 9.64 49.83 -24.90
N ASN B 506 10.11 50.46 -25.97
CA ASN B 506 9.80 51.85 -26.23
C ASN B 506 8.60 51.93 -27.17
N LEU B 507 7.47 52.38 -26.65
CA LEU B 507 6.26 52.49 -27.45
C LEU B 507 6.15 53.83 -28.19
N SER B 508 7.18 54.66 -28.03
CA SER B 508 7.21 55.98 -28.67
C SER B 508 7.57 55.93 -30.16
N ARG B 509 7.33 57.05 -30.84
CA ARG B 509 7.64 57.16 -32.26
C ARG B 509 9.05 57.73 -32.41
N ASP B 510 9.61 58.18 -31.29
CA ASP B 510 10.96 58.75 -31.28
C ASP B 510 11.88 57.94 -30.39
N THR B 511 13.17 57.96 -30.71
CA THR B 511 14.15 57.22 -29.93
C THR B 511 14.22 57.82 -28.53
N LYS B 512 14.26 56.95 -27.52
CA LYS B 512 14.32 57.42 -26.15
C LYS B 512 15.47 56.82 -25.36
N THR B 513 16.01 57.60 -24.43
CA THR B 513 17.10 57.15 -23.59
C THR B 513 16.57 56.88 -22.19
N VAL B 514 16.68 55.64 -21.74
CA VAL B 514 16.17 55.27 -20.43
C VAL B 514 17.24 54.83 -19.43
N THR B 515 17.19 55.42 -18.25
CA THR B 515 18.11 55.08 -17.18
C THR B 515 17.40 54.11 -16.24
N VAL B 516 17.99 52.92 -16.09
CA VAL B 516 17.42 51.87 -15.25
C VAL B 516 18.20 51.55 -13.97
N ASN B 517 17.60 51.84 -12.82
CA ASN B 517 18.23 51.54 -11.53
C ASN B 517 17.48 50.37 -10.90
N MET B 518 18.21 49.32 -10.55
CA MET B 518 17.61 48.11 -10.00
C MET B 518 18.24 47.61 -8.69
N THR B 519 17.45 46.88 -7.92
CA THR B 519 17.90 46.31 -6.65
C THR B 519 17.20 44.99 -6.35
N ALA B 520 17.78 44.22 -5.42
CA ALA B 520 17.22 42.95 -5.00
C ALA B 520 17.36 42.91 -3.48
N TRP B 521 16.24 42.82 -2.77
CA TRP B 521 16.24 42.80 -1.31
C TRP B 521 15.56 41.54 -0.75
N THR B 522 16.21 40.88 0.21
CA THR B 522 15.57 39.73 0.82
C THR B 522 14.57 40.35 1.78
N ILE B 523 13.42 39.70 1.94
CA ILE B 523 12.37 40.25 2.80
C ILE B 523 11.64 39.19 3.60
N ILE B 524 10.90 39.63 4.61
CA ILE B 524 10.06 38.76 5.43
C ILE B 524 8.74 38.84 4.64
N TYR B 525 7.89 37.82 4.71
CA TYR B 525 6.66 37.82 3.93
C TYR B 525 5.71 39.02 4.15
N ASN B 526 5.93 39.78 5.22
CA ASN B 526 5.06 40.93 5.51
C ASN B 526 5.57 42.22 4.91
N GLY B 527 6.71 42.17 4.22
CA GLY B 527 7.25 43.38 3.62
C GLY B 527 8.46 43.91 4.36
N THR B 528 8.75 43.35 5.52
CA THR B 528 9.91 43.78 6.28
C THR B 528 11.14 43.62 5.38
N LEU B 529 11.91 44.69 5.21
CA LEU B 529 13.11 44.62 4.37
C LEU B 529 14.25 44.08 5.22
N VAL B 530 14.95 43.07 4.71
CA VAL B 530 16.06 42.48 5.44
C VAL B 530 17.40 43.02 4.97
N HIS B 531 17.78 42.72 3.73
CA HIS B 531 19.07 43.21 3.24
C HIS B 531 19.19 43.21 1.73
N GLU B 532 19.99 44.14 1.21
CA GLU B 532 20.24 44.22 -0.22
C GLU B 532 21.19 43.08 -0.58
N VAL B 533 20.85 42.31 -1.60
CA VAL B 533 21.72 41.21 -2.02
C VAL B 533 22.20 41.40 -3.45
N TRP B 534 21.70 42.45 -4.10
CA TRP B 534 22.07 42.74 -5.48
C TRP B 534 21.50 44.09 -5.96
N LYS B 535 22.31 44.84 -6.69
CA LYS B 535 21.89 46.12 -7.26
C LYS B 535 22.65 46.32 -8.55
N ASP B 536 22.09 47.12 -9.46
CA ASP B 536 22.75 47.39 -10.73
C ASP B 536 22.04 48.54 -11.43
N SER B 537 22.79 49.27 -12.25
CA SER B 537 22.26 50.40 -13.00
C SER B 537 22.71 50.31 -14.44
N ALA B 538 21.87 50.81 -15.35
CA ALA B 538 22.19 50.80 -16.76
C ALA B 538 21.39 51.87 -17.50
N THR B 539 22.00 52.44 -18.54
CA THR B 539 21.33 53.45 -19.34
C THR B 539 21.19 52.85 -20.74
N MET B 540 19.97 52.91 -21.26
CA MET B 540 19.68 52.37 -22.58
C MET B 540 19.10 53.37 -23.55
N SER B 541 19.38 53.14 -24.83
CA SER B 541 18.85 53.96 -25.90
C SER B 541 18.00 53.00 -26.71
N LEU B 542 16.70 53.24 -26.73
CA LEU B 542 15.80 52.38 -27.47
C LEU B 542 15.13 53.14 -28.59
N ASP B 543 15.10 52.54 -29.78
CA ASP B 543 14.47 53.16 -30.92
C ASP B 543 12.98 52.88 -30.82
N PRO B 544 12.16 53.52 -31.67
CA PRO B 544 10.71 53.28 -31.61
C PRO B 544 10.37 51.81 -31.76
N GLU B 545 9.61 51.27 -30.81
CA GLU B 545 9.18 49.88 -30.82
C GLU B 545 10.26 48.87 -30.45
N GLU B 546 11.49 49.35 -30.23
CA GLU B 546 12.59 48.45 -29.88
C GLU B 546 12.41 47.82 -28.50
N GLU B 547 12.73 46.53 -28.41
CA GLU B 547 12.63 45.81 -27.15
C GLU B 547 14.02 45.44 -26.67
N ALA B 548 14.29 45.66 -25.39
CA ALA B 548 15.59 45.35 -24.82
C ALA B 548 15.41 44.48 -23.58
N GLU B 549 16.49 43.82 -23.18
CA GLU B 549 16.44 42.95 -22.01
C GLU B 549 17.69 43.11 -21.16
N HIS B 550 17.50 43.29 -19.86
CA HIS B 550 18.62 43.42 -18.96
C HIS B 550 18.59 42.26 -17.97
N PRO B 551 19.58 41.36 -18.05
CA PRO B 551 19.70 40.19 -17.18
C PRO B 551 19.99 40.51 -15.71
N ILE B 552 19.26 39.85 -14.83
CA ILE B 552 19.43 40.01 -13.39
C ILE B 552 19.83 38.65 -12.85
N LYS B 553 21.09 38.54 -12.44
CA LYS B 553 21.61 37.28 -11.91
C LYS B 553 22.18 37.44 -10.51
N ILE B 554 21.63 36.68 -9.57
CA ILE B 554 22.07 36.72 -8.18
C ILE B 554 22.49 35.31 -7.80
N SER B 555 23.76 35.15 -7.42
CA SER B 555 24.31 33.85 -7.06
C SER B 555 23.95 33.47 -5.63
N TYR B 556 24.06 32.18 -5.33
CA TYR B 556 23.75 31.66 -4.00
C TYR B 556 24.60 32.35 -2.94
N ALA B 557 25.88 32.52 -3.22
CA ALA B 557 26.78 33.17 -2.26
C ALA B 557 26.28 34.57 -1.93
N GLN B 558 25.85 35.30 -2.94
CA GLN B 558 25.34 36.65 -2.75
C GLN B 558 24.13 36.75 -1.82
N TYR B 559 23.12 35.90 -2.02
CA TYR B 559 21.92 35.98 -1.20
C TYR B 559 21.81 35.03 -0.01
N GLU B 560 22.51 33.90 -0.05
CA GLU B 560 22.40 32.92 1.03
C GLU B 560 22.56 33.50 2.42
N ARG B 561 23.42 34.49 2.55
CA ARG B 561 23.68 35.12 3.83
C ARG B 561 22.50 35.94 4.36
N TYR B 562 21.69 36.50 3.47
CA TYR B 562 20.58 37.33 3.92
C TYR B 562 19.18 36.82 3.65
N LEU B 563 19.06 35.66 3.03
CA LEU B 563 17.76 35.07 2.74
C LEU B 563 17.24 34.49 4.06
N LYS B 564 15.96 34.74 4.35
CA LYS B 564 15.35 34.23 5.59
C LYS B 564 14.46 33.04 5.28
N SER B 565 13.90 32.41 6.32
CA SER B 565 13.04 31.25 6.12
C SER B 565 11.92 31.51 5.11
N ASP B 566 11.57 32.78 4.94
CA ASP B 566 10.53 33.19 3.99
C ASP B 566 10.94 32.81 2.56
N ASN B 567 12.25 32.73 2.35
CA ASN B 567 12.82 32.43 1.03
C ASN B 567 12.34 33.41 -0.02
N MET B 568 12.12 34.65 0.39
CA MET B 568 11.66 35.66 -0.53
C MET B 568 12.62 36.80 -0.81
N ILE B 569 12.61 37.26 -2.06
CA ILE B 569 13.45 38.37 -2.48
C ILE B 569 12.57 39.36 -3.26
N ARG B 570 12.75 40.64 -2.98
CA ARG B 570 11.99 41.70 -3.64
C ARG B 570 12.83 42.31 -4.76
N ILE B 571 12.43 42.12 -6.00
CA ILE B 571 13.16 42.68 -7.14
C ILE B 571 12.47 43.97 -7.59
N THR B 572 13.24 45.04 -7.78
CA THR B 572 12.68 46.32 -8.21
C THR B 572 13.49 47.01 -9.32
N ALA B 573 12.78 47.72 -10.21
CA ALA B 573 13.41 48.44 -11.30
C ALA B 573 12.73 49.80 -11.53
N VAL B 574 13.47 50.88 -11.32
CA VAL B 574 12.92 52.22 -11.55
C VAL B 574 13.55 52.73 -12.84
N CYS B 575 12.72 52.87 -13.88
CA CYS B 575 13.18 53.30 -15.19
C CYS B 575 12.79 54.75 -15.46
N LYS B 576 13.79 55.58 -15.80
CA LYS B 576 13.55 56.99 -16.05
C LYS B 576 14.00 57.45 -17.44
N VAL B 577 13.13 58.21 -18.08
CA VAL B 577 13.40 58.79 -19.39
C VAL B 577 13.23 60.28 -19.20
N PRO B 578 14.15 61.09 -19.73
CA PRO B 578 14.08 62.55 -19.59
C PRO B 578 12.69 63.11 -19.91
N ASP B 579 12.20 63.98 -19.05
CA ASP B 579 10.88 64.62 -19.21
C ASP B 579 9.68 63.71 -18.97
N GLU B 580 9.92 62.42 -18.74
CA GLU B 580 8.83 61.49 -18.49
C GLU B 580 8.86 60.97 -17.06
N SER B 581 7.69 60.55 -16.56
CA SER B 581 7.60 60.03 -15.21
C SER B 581 8.32 58.68 -15.12
N GLU B 582 8.75 58.33 -13.92
CA GLU B 582 9.43 57.06 -13.71
C GLU B 582 8.47 55.89 -13.89
N VAL B 583 9.00 54.80 -14.42
CA VAL B 583 8.20 53.59 -14.60
C VAL B 583 8.78 52.62 -13.57
N VAL B 584 7.93 52.16 -12.64
CA VAL B 584 8.38 51.25 -11.61
C VAL B 584 7.94 49.82 -11.92
N VAL B 585 8.91 48.91 -11.94
CA VAL B 585 8.63 47.51 -12.20
C VAL B 585 8.91 46.74 -10.90
N GLU B 586 7.90 46.02 -10.42
CA GLU B 586 7.99 45.27 -9.17
C GLU B 586 7.75 43.78 -9.35
N ARG B 587 8.44 42.98 -8.54
CA ARG B 587 8.28 41.53 -8.60
C ARG B 587 8.90 40.83 -7.39
N ASP B 588 8.05 40.18 -6.60
CA ASP B 588 8.53 39.42 -5.45
C ASP B 588 8.64 37.98 -5.90
N ILE B 589 9.73 37.32 -5.54
CA ILE B 589 9.93 35.95 -5.95
C ILE B 589 10.12 35.04 -4.75
N ILE B 590 9.73 33.78 -4.92
CA ILE B 590 9.85 32.77 -3.87
C ILE B 590 10.75 31.64 -4.33
N LEU B 591 11.83 31.39 -3.58
CA LEU B 591 12.73 30.30 -3.91
C LEU B 591 12.26 29.06 -3.18
N ASP B 592 12.16 27.94 -3.88
CA ASP B 592 11.72 26.70 -3.23
C ASP B 592 12.83 26.11 -2.38
N ASN B 593 12.44 25.36 -1.36
CA ASN B 593 13.41 24.70 -0.52
C ASN B 593 13.70 23.37 -1.20
N PRO B 594 14.82 22.73 -0.88
CA PRO B 594 15.08 21.44 -1.54
C PRO B 594 13.98 20.49 -1.06
N THR B 595 13.75 19.40 -1.79
CA THR B 595 12.68 18.51 -1.40
C THR B 595 12.90 17.76 -0.09
N LEU B 596 11.79 17.43 0.56
CA LEU B 596 11.76 16.68 1.79
C LEU B 596 10.54 15.78 1.65
N THR B 597 10.74 14.46 1.69
CA THR B 597 9.61 13.56 1.54
C THR B 597 9.49 12.54 2.66
N LEU B 598 8.26 12.10 2.87
CA LEU B 598 7.96 11.09 3.87
C LEU B 598 7.31 9.92 3.15
N GLU B 599 7.62 8.70 3.58
CA GLU B 599 7.05 7.52 2.98
C GLU B 599 6.78 6.46 4.04
N VAL B 600 5.54 5.95 4.08
CA VAL B 600 5.19 4.91 5.04
C VAL B 600 5.57 3.61 4.37
N LEU B 601 6.18 2.69 5.11
CA LEU B 601 6.60 1.43 4.52
C LEU B 601 5.64 0.25 4.68
N ASN B 602 4.34 0.56 4.75
CA ASN B 602 3.32 -0.48 4.87
C ASN B 602 1.93 0.14 5.03
N GLU B 603 0.92 -0.73 5.15
CA GLU B 603 -0.44 -0.28 5.36
C GLU B 603 -0.52 0.31 6.75
N ALA B 604 -1.51 1.15 7.00
CA ALA B 604 -1.68 1.77 8.31
C ALA B 604 -2.97 1.29 8.96
N ARG B 605 -2.87 0.74 10.17
CA ARG B 605 -4.04 0.27 10.90
C ARG B 605 -3.96 0.68 12.37
N VAL B 606 -5.12 0.87 12.98
CA VAL B 606 -5.19 1.26 14.38
C VAL B 606 -4.37 0.37 15.31
N ARG B 607 -3.61 1.02 16.19
CA ARG B 607 -2.77 0.36 17.19
C ARG B 607 -1.64 -0.50 16.64
N LYS B 608 -1.47 -0.48 15.32
CA LYS B 608 -0.40 -1.25 14.69
C LYS B 608 0.76 -0.32 14.31
N PRO B 609 1.93 -0.49 14.94
CA PRO B 609 3.07 0.35 14.65
C PRO B 609 3.51 0.17 13.20
N VAL B 610 3.80 1.29 12.51
CA VAL B 610 4.25 1.20 11.14
C VAL B 610 5.43 2.14 10.91
N ASN B 611 6.46 1.62 10.26
CA ASN B 611 7.68 2.38 9.99
C ASN B 611 7.48 3.39 8.87
N VAL B 612 8.15 4.53 8.99
CA VAL B 612 8.08 5.61 8.01
C VAL B 612 9.51 6.08 7.74
N GLN B 613 9.80 6.53 6.53
CA GLN B 613 11.14 7.01 6.21
C GLN B 613 11.13 8.45 5.69
N MET B 614 12.10 9.21 6.17
CA MET B 614 12.26 10.60 5.76
C MET B 614 13.39 10.63 4.75
N LEU B 615 13.16 11.32 3.64
CA LEU B 615 14.17 11.42 2.59
C LEU B 615 14.54 12.88 2.32
N PHE B 616 15.81 13.21 2.50
CA PHE B 616 16.29 14.56 2.23
C PHE B 616 17.69 14.50 1.64
N SER B 617 17.93 15.29 0.60
CA SER B 617 19.24 15.34 -0.02
C SER B 617 19.80 16.75 0.01
N ASN B 618 21.06 16.88 0.42
CA ASN B 618 21.72 18.18 0.50
C ASN B 618 22.25 18.61 -0.87
N PRO B 619 21.67 19.65 -1.46
CA PRO B 619 22.13 20.11 -2.78
C PRO B 619 23.35 21.04 -2.74
N LEU B 620 23.71 21.51 -1.55
CA LEU B 620 24.84 22.44 -1.41
C LEU B 620 26.23 21.82 -1.52
N ASP B 621 27.22 22.69 -1.74
CA ASP B 621 28.62 22.27 -1.84
C ASP B 621 29.22 22.17 -0.44
N GLU B 622 28.44 22.53 0.57
CA GLU B 622 28.89 22.48 1.95
C GLU B 622 27.93 21.57 2.73
N PRO B 623 28.36 21.06 3.89
CA PRO B 623 27.46 20.19 4.64
C PRO B 623 26.45 20.99 5.47
N VAL B 624 25.35 20.36 5.85
CA VAL B 624 24.35 21.03 6.67
C VAL B 624 24.41 20.43 8.07
N ARG B 625 24.45 21.30 9.08
CA ARG B 625 24.53 20.88 10.48
C ARG B 625 23.31 21.26 11.30
N ASP B 626 23.33 20.83 12.56
CA ASP B 626 22.26 21.12 13.50
C ASP B 626 20.92 20.66 12.96
N CYS B 627 20.94 19.56 12.22
CA CYS B 627 19.75 19.00 11.61
C CYS B 627 18.78 18.40 12.63
N VAL B 628 17.54 18.87 12.58
CA VAL B 628 16.51 18.39 13.48
C VAL B 628 15.24 18.09 12.69
N LEU B 629 14.68 16.91 12.95
CA LEU B 629 13.47 16.49 12.27
C LEU B 629 12.34 16.47 13.29
N MET B 630 11.33 17.31 13.08
CA MET B 630 10.16 17.38 13.96
C MET B 630 9.00 16.73 13.21
N VAL B 631 8.29 15.82 13.88
CA VAL B 631 7.16 15.13 13.25
C VAL B 631 5.95 15.02 14.16
N GLU B 632 4.77 15.23 13.61
CA GLU B 632 3.54 15.12 14.40
C GLU B 632 2.36 14.87 13.49
N GLY B 633 1.20 14.58 14.10
CA GLY B 633 -0.01 14.33 13.34
C GLY B 633 -1.03 13.67 14.24
N SER B 634 -2.18 14.31 14.43
CA SER B 634 -3.22 13.75 15.32
C SER B 634 -3.76 12.43 14.79
N GLY B 635 -3.82 11.44 15.68
CA GLY B 635 -4.30 10.13 15.28
C GLY B 635 -3.19 9.26 14.74
N LEU B 636 -1.99 9.83 14.60
CA LEU B 636 -0.84 9.08 14.08
C LEU B 636 0.28 9.01 15.12
N LEU B 637 0.49 10.13 15.83
CA LEU B 637 1.51 10.19 16.88
C LEU B 637 0.98 10.97 18.07
N LEU B 638 1.40 10.58 19.27
CA LEU B 638 1.00 11.28 20.47
C LEU B 638 2.02 12.39 20.64
N GLY B 639 1.58 13.63 20.47
CA GLY B 639 2.49 14.73 20.61
C GLY B 639 3.41 14.86 19.41
N ASN B 640 4.58 15.45 19.66
CA ASN B 640 5.56 15.68 18.63
C ASN B 640 6.82 14.83 18.78
N LEU B 641 7.25 14.25 17.68
CA LEU B 641 8.44 13.42 17.65
C LEU B 641 9.63 14.32 17.26
N LYS B 642 10.74 14.22 17.98
CA LYS B 642 11.91 15.04 17.67
C LYS B 642 13.13 14.17 17.42
N ILE B 643 13.66 14.22 16.20
CA ILE B 643 14.83 13.44 15.85
C ILE B 643 16.04 14.27 15.44
N ASP B 644 17.16 14.02 16.11
CA ASP B 644 18.41 14.71 15.80
C ASP B 644 19.04 13.95 14.64
N VAL B 645 19.35 14.65 13.56
CA VAL B 645 19.95 14.04 12.39
C VAL B 645 21.42 14.45 12.33
N PRO B 646 22.33 13.49 12.15
CA PRO B 646 23.77 13.79 12.08
C PRO B 646 24.10 14.72 10.92
N THR B 647 25.19 15.47 11.06
CA THR B 647 25.61 16.38 9.99
C THR B 647 25.55 15.64 8.67
N LEU B 648 25.12 16.34 7.62
CA LEU B 648 24.99 15.75 6.30
C LEU B 648 25.90 16.44 5.29
N GLY B 649 26.90 15.69 4.82
CA GLY B 649 27.85 16.23 3.87
C GLY B 649 27.24 16.73 2.57
N PRO B 650 28.00 17.46 1.75
CA PRO B 650 27.48 17.98 0.48
C PRO B 650 27.04 16.88 -0.50
N LYS B 651 25.91 17.13 -1.16
CA LYS B 651 25.35 16.21 -2.14
C LYS B 651 24.90 14.89 -1.54
N GLU B 652 24.92 14.77 -0.22
CA GLU B 652 24.54 13.52 0.43
C GLU B 652 23.08 13.44 0.86
N ARG B 653 22.58 12.22 1.02
CA ARG B 653 21.19 12.01 1.41
C ARG B 653 21.07 11.54 2.84
N SER B 654 20.07 12.08 3.54
CA SER B 654 19.82 11.70 4.90
C SER B 654 18.69 10.69 4.90
N ARG B 655 18.95 9.54 5.51
CA ARG B 655 17.98 8.47 5.59
C ARG B 655 17.57 8.25 7.05
N VAL B 656 16.46 8.83 7.44
CA VAL B 656 15.96 8.71 8.80
C VAL B 656 14.69 7.86 8.80
N ARG B 657 14.60 6.95 9.75
CA ARG B 657 13.43 6.09 9.89
C ARG B 657 12.83 6.22 11.28
N PHE B 658 11.51 6.13 11.38
CA PHE B 658 10.82 6.22 12.66
C PHE B 658 9.44 5.58 12.55
N ASP B 659 8.86 5.23 13.69
CA ASP B 659 7.54 4.62 13.69
C ASP B 659 6.45 5.57 14.14
N ILE B 660 5.25 5.42 13.58
CA ILE B 660 4.11 6.22 13.97
C ILE B 660 3.15 5.15 14.50
N LEU B 661 2.16 5.54 15.29
CA LEU B 661 1.23 4.56 15.84
C LEU B 661 -0.20 5.04 15.69
N PRO B 662 -0.86 4.65 14.58
CA PRO B 662 -2.24 5.04 14.31
C PRO B 662 -3.16 4.71 15.50
N SER B 663 -4.00 5.67 15.88
CA SER B 663 -4.91 5.48 17.00
C SER B 663 -6.35 5.81 16.63
N ARG B 664 -6.56 6.36 15.44
CA ARG B 664 -7.90 6.69 14.98
C ARG B 664 -7.97 6.43 13.48
N SER B 665 -8.94 5.62 13.07
CA SER B 665 -9.12 5.27 11.66
C SER B 665 -9.57 6.46 10.84
N GLY B 666 -9.37 6.39 9.53
CA GLY B 666 -9.76 7.49 8.66
C GLY B 666 -8.54 8.06 7.94
N THR B 667 -8.75 9.17 7.24
CA THR B 667 -7.67 9.82 6.50
C THR B 667 -6.95 10.77 7.47
N LYS B 668 -5.70 10.44 7.79
CA LYS B 668 -4.93 11.27 8.72
C LYS B 668 -3.84 12.06 8.01
N GLN B 669 -3.24 13.01 8.71
CA GLN B 669 -2.21 13.87 8.11
C GLN B 669 -0.91 13.92 8.90
N LEU B 670 0.16 13.40 8.32
CA LEU B 670 1.47 13.41 8.97
C LEU B 670 2.24 14.62 8.47
N LEU B 671 2.85 15.35 9.41
CA LEU B 671 3.61 16.55 9.10
C LEU B 671 5.00 16.48 9.68
N ALA B 672 5.95 17.05 8.95
CA ALA B 672 7.33 17.08 9.42
C ALA B 672 7.95 18.42 9.10
N ASP B 673 8.95 18.77 9.88
CA ASP B 673 9.71 19.99 9.69
C ASP B 673 11.14 19.52 9.81
N PHE B 674 11.97 19.89 8.84
CA PHE B 674 13.38 19.54 8.88
C PHE B 674 14.12 20.88 8.87
N SER B 675 14.84 21.15 9.95
CA SER B 675 15.62 22.39 10.07
C SER B 675 17.09 22.08 10.29
N CYS B 676 17.93 22.83 9.61
CA CYS B 676 19.37 22.70 9.73
C CYS B 676 19.91 24.11 9.59
N ASN B 677 21.21 24.29 9.76
CA ASN B 677 21.81 25.62 9.67
C ASN B 677 21.60 26.36 8.36
N LYS B 678 21.76 25.67 7.22
CA LYS B 678 21.58 26.32 5.93
C LYS B 678 20.14 26.29 5.41
N PHE B 679 19.30 25.41 5.97
CA PHE B 679 17.92 25.31 5.54
C PHE B 679 16.90 25.29 6.67
N PRO B 680 16.42 26.47 7.09
CA PRO B 680 15.44 26.46 8.18
C PRO B 680 14.04 26.14 7.67
N ALA B 681 13.31 25.37 8.48
CA ALA B 681 11.92 25.02 8.21
C ALA B 681 11.54 24.45 6.85
N ILE B 682 12.15 23.33 6.46
CA ILE B 682 11.76 22.69 5.20
C ILE B 682 10.54 21.88 5.64
N LYS B 683 9.47 21.94 4.86
CA LYS B 683 8.23 21.25 5.22
C LYS B 683 7.93 20.01 4.38
N ALA B 684 7.19 19.09 4.98
CA ALA B 684 6.78 17.86 4.32
C ALA B 684 5.41 17.51 4.90
N MET B 685 4.59 16.86 4.09
CA MET B 685 3.26 16.47 4.50
C MET B 685 2.92 15.16 3.79
N LEU B 686 2.24 14.26 4.49
CA LEU B 686 1.86 12.98 3.90
C LEU B 686 0.49 12.54 4.39
N SER B 687 -0.43 12.32 3.45
CA SER B 687 -1.78 11.89 3.79
C SER B 687 -1.75 10.38 3.97
N ILE B 688 -2.30 9.88 5.06
CA ILE B 688 -2.28 8.44 5.32
C ILE B 688 -3.66 7.89 5.67
N ASP B 689 -4.07 6.85 4.96
CA ASP B 689 -5.35 6.21 5.22
C ASP B 689 -5.17 5.11 6.26
N VAL B 690 -5.77 5.32 7.43
CA VAL B 690 -5.68 4.37 8.53
C VAL B 690 -6.93 3.52 8.60
N ALA B 691 -6.76 2.21 8.42
CA ALA B 691 -7.88 1.28 8.47
C ALA B 691 -8.22 0.94 9.90
N GLU B 692 -9.42 0.41 10.10
CA GLU B 692 -9.88 0.03 11.43
C GLU B 692 -9.10 -1.17 11.95
#